data_5J6E
# 
_entry.id   5J6E 
# 
_audit_conform.dict_name       mmcif_pdbx.dic 
_audit_conform.dict_version    5.397 
_audit_conform.dict_location   http://mmcif.pdb.org/dictionaries/ascii/mmcif_pdbx.dic 
# 
loop_
_database_2.database_id 
_database_2.database_code 
_database_2.pdbx_database_accession 
_database_2.pdbx_DOI 
PDB   5J6E         pdb_00005j6e 10.2210/pdb5j6e/pdb 
WWPDB D_1000220027 ?            ?                   
# 
loop_
_pdbx_audit_revision_history.ordinal 
_pdbx_audit_revision_history.data_content_type 
_pdbx_audit_revision_history.major_revision 
_pdbx_audit_revision_history.minor_revision 
_pdbx_audit_revision_history.revision_date 
1 'Structure model' 1 0 2016-09-14 
2 'Structure model' 1 1 2017-05-24 
3 'Structure model' 1 2 2017-11-22 
4 'Structure model' 1 3 2024-10-23 
# 
_pdbx_audit_revision_details.ordinal             1 
_pdbx_audit_revision_details.revision_ordinal    1 
_pdbx_audit_revision_details.data_content_type   'Structure model' 
_pdbx_audit_revision_details.provider            repository 
_pdbx_audit_revision_details.type                'Initial release' 
_pdbx_audit_revision_details.description         ? 
_pdbx_audit_revision_details.details             ? 
# 
loop_
_pdbx_audit_revision_group.ordinal 
_pdbx_audit_revision_group.revision_ordinal 
_pdbx_audit_revision_group.data_content_type 
_pdbx_audit_revision_group.group 
1 2 'Structure model' 'Data collection'        
2 2 'Structure model' 'Structure summary'      
3 3 'Structure model' 'Refinement description' 
4 4 'Structure model' 'Data collection'        
5 4 'Structure model' 'Database references'    
6 4 'Structure model' 'Structure summary'      
# 
loop_
_pdbx_audit_revision_category.ordinal 
_pdbx_audit_revision_category.revision_ordinal 
_pdbx_audit_revision_category.data_content_type 
_pdbx_audit_revision_category.category 
1 3 'Structure model' software                  
2 4 'Structure model' chem_comp_atom            
3 4 'Structure model' chem_comp_bond            
4 4 'Structure model' database_2                
5 4 'Structure model' pdbx_entry_details        
6 4 'Structure model' pdbx_modification_feature 
# 
loop_
_pdbx_audit_revision_item.ordinal 
_pdbx_audit_revision_item.revision_ordinal 
_pdbx_audit_revision_item.data_content_type 
_pdbx_audit_revision_item.item 
1 3 'Structure model' '_software.classification'            
2 4 'Structure model' '_database_2.pdbx_DOI'                
3 4 'Structure model' '_database_2.pdbx_database_accession' 
# 
_pdbx_database_status.status_code                     REL 
_pdbx_database_status.status_code_sf                  REL 
_pdbx_database_status.status_code_mr                  ? 
_pdbx_database_status.entry_id                        5J6E 
_pdbx_database_status.recvd_initial_deposition_date   2016-04-04 
_pdbx_database_status.SG_entry                        N 
_pdbx_database_status.deposit_site                    RCSB 
_pdbx_database_status.process_site                    RCSB 
_pdbx_database_status.status_code_cs                  ? 
_pdbx_database_status.methods_development_category    ? 
_pdbx_database_status.pdb_format_compatible           Y 
_pdbx_database_status.status_code_nmr_data            ? 
# 
_audit_author.name           'Schumacher, M.' 
_audit_author.pdbx_ordinal   1 
# 
_citation.abstract                  ? 
_citation.abstract_id_CAS           ? 
_citation.book_id_ISBN              ? 
_citation.book_publisher            ? 
_citation.book_publisher_city       ? 
_citation.book_title                ? 
_citation.coordinate_linkage        ? 
_citation.country                   US 
_citation.database_id_Medline       ? 
_citation.details                   ? 
_citation.id                        primary 
_citation.journal_abbrev            Mbio 
_citation.journal_id_ASTM           ? 
_citation.journal_id_CSD            ? 
_citation.journal_id_ISSN           2150-7511 
_citation.journal_full              ? 
_citation.journal_issue             ? 
_citation.journal_volume            7 
_citation.language                  ? 
_citation.page_first                e00492 
_citation.page_last                 e00416 
_citation.title                     'Structures of Pathogenic Fungal FKBP12s Reveal Possible Self-Catalysis Function.' 
_citation.year                      2016 
_citation.database_id_CSD           ? 
_citation.pdbx_database_id_DOI      10.1128/mBio.00492-16 
_citation.pdbx_database_id_PubMed   27118592 
_citation.unpublished_flag          ? 
# 
loop_
_citation_author.citation_id 
_citation_author.name 
_citation_author.ordinal 
_citation_author.identifier_ORCID 
primary 'Tonthat, N.K.'    1 ? 
primary 'Juvvadi, P.R.'    2 ? 
primary 'Zhang, H.'        3 ? 
primary 'Lee, S.C.'        4 ? 
primary 'Venters, R.'      5 ? 
primary 'Spicer, L.'       6 ? 
primary 'Steinbach, W.J.'  7 ? 
primary 'Heitman, J.'      8 ? 
primary 'Schumacher, M.A.' 9 ? 
# 
_entity.id                         1 
_entity.type                       polymer 
_entity.src_method                 man 
_entity.pdbx_description           'FK506-binding protein 1A' 
_entity.formula_weight             12076.637 
_entity.pdbx_number_of_molecules   2 
_entity.pdbx_ec                    5.2.1.8 
_entity.pdbx_mutation              V91C 
_entity.pdbx_fragment              ? 
_entity.details                    ? 
# 
_entity_name_com.entity_id   1 
_entity_name_com.name        'FKBP,Peptidyl-prolyl cis-trans isomerase,PPIase,Rapamycin-binding protein' 
# 
_entity_poly.entity_id                      1 
_entity_poly.type                           'polypeptide(L)' 
_entity_poly.nstd_linkage                   no 
_entity_poly.nstd_monomer                   no 
_entity_poly.pdbx_seq_one_letter_code       
;MGVTKELKSPGNGVDFPKKGDFVTIHYTGRLTDGSKFDSSVDRNEPFQTQIGTGRVIKGWDEGVPQMSLGEKAVLTITPD
YGYGARGFPPCIPGNSTLIFEVELLGINNKR
;
_entity_poly.pdbx_seq_one_letter_code_can   
;MGVTKELKSPGNGVDFPKKGDFVTIHYTGRLTDGSKFDSSVDRNEPFQTQIGTGRVIKGWDEGVPQMSLGEKAVLTITPD
YGYGARGFPPCIPGNSTLIFEVELLGINNKR
;
_entity_poly.pdbx_strand_id                 A,B 
_entity_poly.pdbx_target_identifier         ? 
# 
loop_
_entity_poly_seq.entity_id 
_entity_poly_seq.num 
_entity_poly_seq.mon_id 
_entity_poly_seq.hetero 
1 1   MET n 
1 2   GLY n 
1 3   VAL n 
1 4   THR n 
1 5   LYS n 
1 6   GLU n 
1 7   LEU n 
1 8   LYS n 
1 9   SER n 
1 10  PRO n 
1 11  GLY n 
1 12  ASN n 
1 13  GLY n 
1 14  VAL n 
1 15  ASP n 
1 16  PHE n 
1 17  PRO n 
1 18  LYS n 
1 19  LYS n 
1 20  GLY n 
1 21  ASP n 
1 22  PHE n 
1 23  VAL n 
1 24  THR n 
1 25  ILE n 
1 26  HIS n 
1 27  TYR n 
1 28  THR n 
1 29  GLY n 
1 30  ARG n 
1 31  LEU n 
1 32  THR n 
1 33  ASP n 
1 34  GLY n 
1 35  SER n 
1 36  LYS n 
1 37  PHE n 
1 38  ASP n 
1 39  SER n 
1 40  SER n 
1 41  VAL n 
1 42  ASP n 
1 43  ARG n 
1 44  ASN n 
1 45  GLU n 
1 46  PRO n 
1 47  PHE n 
1 48  GLN n 
1 49  THR n 
1 50  GLN n 
1 51  ILE n 
1 52  GLY n 
1 53  THR n 
1 54  GLY n 
1 55  ARG n 
1 56  VAL n 
1 57  ILE n 
1 58  LYS n 
1 59  GLY n 
1 60  TRP n 
1 61  ASP n 
1 62  GLU n 
1 63  GLY n 
1 64  VAL n 
1 65  PRO n 
1 66  GLN n 
1 67  MET n 
1 68  SER n 
1 69  LEU n 
1 70  GLY n 
1 71  GLU n 
1 72  LYS n 
1 73  ALA n 
1 74  VAL n 
1 75  LEU n 
1 76  THR n 
1 77  ILE n 
1 78  THR n 
1 79  PRO n 
1 80  ASP n 
1 81  TYR n 
1 82  GLY n 
1 83  TYR n 
1 84  GLY n 
1 85  ALA n 
1 86  ARG n 
1 87  GLY n 
1 88  PHE n 
1 89  PRO n 
1 90  PRO n 
1 91  CYS n 
1 92  ILE n 
1 93  PRO n 
1 94  GLY n 
1 95  ASN n 
1 96  SER n 
1 97  THR n 
1 98  LEU n 
1 99  ILE n 
1 100 PHE n 
1 101 GLU n 
1 102 VAL n 
1 103 GLU n 
1 104 LEU n 
1 105 LEU n 
1 106 GLY n 
1 107 ILE n 
1 108 ASN n 
1 109 ASN n 
1 110 LYS n 
1 111 ARG n 
# 
_entity_src_gen.entity_id                          1 
_entity_src_gen.pdbx_src_id                        1 
_entity_src_gen.pdbx_alt_source_flag               sample 
_entity_src_gen.pdbx_seq_type                      'Biological sequence' 
_entity_src_gen.pdbx_beg_seq_num                   1 
_entity_src_gen.pdbx_end_seq_num                   111 
_entity_src_gen.gene_src_common_name               ? 
_entity_src_gen.gene_src_genus                     ? 
_entity_src_gen.pdbx_gene_src_gene                 'fpr1A, AFUA_6G12170' 
_entity_src_gen.gene_src_species                   ? 
_entity_src_gen.gene_src_strain                    'ATCC MYA-4609 / Af293 / CBS 101355 / FGSC A1100' 
_entity_src_gen.gene_src_tissue                    ? 
_entity_src_gen.gene_src_tissue_fraction           ? 
_entity_src_gen.gene_src_details                   ? 
_entity_src_gen.pdbx_gene_src_fragment             ? 
_entity_src_gen.pdbx_gene_src_scientific_name      'Neosartorya fumigata (strain ATCC MYA-4609 / Af293 / CBS 101355 / FGSC A1100)' 
_entity_src_gen.pdbx_gene_src_ncbi_taxonomy_id     330879 
_entity_src_gen.pdbx_gene_src_variant              ? 
_entity_src_gen.pdbx_gene_src_cell_line            ? 
_entity_src_gen.pdbx_gene_src_atcc                 ? 
_entity_src_gen.pdbx_gene_src_organ                ? 
_entity_src_gen.pdbx_gene_src_organelle            ? 
_entity_src_gen.pdbx_gene_src_cell                 ? 
_entity_src_gen.pdbx_gene_src_cellular_location    ? 
_entity_src_gen.host_org_common_name               ? 
_entity_src_gen.pdbx_host_org_scientific_name      'Escherichia coli' 
_entity_src_gen.pdbx_host_org_ncbi_taxonomy_id     562 
_entity_src_gen.host_org_genus                     ? 
_entity_src_gen.pdbx_host_org_gene                 ? 
_entity_src_gen.pdbx_host_org_organ                ? 
_entity_src_gen.host_org_species                   ? 
_entity_src_gen.pdbx_host_org_tissue               ? 
_entity_src_gen.pdbx_host_org_tissue_fraction      ? 
_entity_src_gen.pdbx_host_org_strain               ? 
_entity_src_gen.pdbx_host_org_variant              ? 
_entity_src_gen.pdbx_host_org_cell_line            ? 
_entity_src_gen.pdbx_host_org_atcc                 ? 
_entity_src_gen.pdbx_host_org_culture_collection   ? 
_entity_src_gen.pdbx_host_org_cell                 ? 
_entity_src_gen.pdbx_host_org_organelle            ? 
_entity_src_gen.pdbx_host_org_cellular_location    ? 
_entity_src_gen.pdbx_host_org_vector_type          ? 
_entity_src_gen.pdbx_host_org_vector               ? 
_entity_src_gen.host_org_details                   ? 
_entity_src_gen.expression_system_id               ? 
_entity_src_gen.plasmid_name                       ? 
_entity_src_gen.plasmid_details                    ? 
_entity_src_gen.pdbx_description                   ? 
# 
loop_
_chem_comp.id 
_chem_comp.type 
_chem_comp.mon_nstd_flag 
_chem_comp.name 
_chem_comp.pdbx_synonyms 
_chem_comp.formula 
_chem_comp.formula_weight 
ALA 'L-peptide linking' y ALANINE         ? 'C3 H7 N O2'     89.093  
ARG 'L-peptide linking' y ARGININE        ? 'C6 H15 N4 O2 1' 175.209 
ASN 'L-peptide linking' y ASPARAGINE      ? 'C4 H8 N2 O3'    132.118 
ASP 'L-peptide linking' y 'ASPARTIC ACID' ? 'C4 H7 N O4'     133.103 
CYS 'L-peptide linking' y CYSTEINE        ? 'C3 H7 N O2 S'   121.158 
GLN 'L-peptide linking' y GLUTAMINE       ? 'C5 H10 N2 O3'   146.144 
GLU 'L-peptide linking' y 'GLUTAMIC ACID' ? 'C5 H9 N O4'     147.129 
GLY 'peptide linking'   y GLYCINE         ? 'C2 H5 N O2'     75.067  
HIS 'L-peptide linking' y HISTIDINE       ? 'C6 H10 N3 O2 1' 156.162 
ILE 'L-peptide linking' y ISOLEUCINE      ? 'C6 H13 N O2'    131.173 
LEU 'L-peptide linking' y LEUCINE         ? 'C6 H13 N O2'    131.173 
LYS 'L-peptide linking' y LYSINE          ? 'C6 H15 N2 O2 1' 147.195 
MET 'L-peptide linking' y METHIONINE      ? 'C5 H11 N O2 S'  149.211 
PHE 'L-peptide linking' y PHENYLALANINE   ? 'C9 H11 N O2'    165.189 
PRO 'L-peptide linking' y PROLINE         ? 'C5 H9 N O2'     115.130 
SER 'L-peptide linking' y SERINE          ? 'C3 H7 N O3'     105.093 
THR 'L-peptide linking' y THREONINE       ? 'C4 H9 N O3'     119.119 
TRP 'L-peptide linking' y TRYPTOPHAN      ? 'C11 H12 N2 O2'  204.225 
TYR 'L-peptide linking' y TYROSINE        ? 'C9 H11 N O3'    181.189 
VAL 'L-peptide linking' y VALINE          ? 'C5 H11 N O2'    117.146 
# 
loop_
_pdbx_poly_seq_scheme.asym_id 
_pdbx_poly_seq_scheme.entity_id 
_pdbx_poly_seq_scheme.seq_id 
_pdbx_poly_seq_scheme.mon_id 
_pdbx_poly_seq_scheme.ndb_seq_num 
_pdbx_poly_seq_scheme.pdb_seq_num 
_pdbx_poly_seq_scheme.auth_seq_num 
_pdbx_poly_seq_scheme.pdb_mon_id 
_pdbx_poly_seq_scheme.auth_mon_id 
_pdbx_poly_seq_scheme.pdb_strand_id 
_pdbx_poly_seq_scheme.pdb_ins_code 
_pdbx_poly_seq_scheme.hetero 
A 1 1   MET 1   1   1   MET MET A . n 
A 1 2   GLY 2   2   2   GLY GLY A . n 
A 1 3   VAL 3   3   3   VAL VAL A . n 
A 1 4   THR 4   4   4   THR THR A . n 
A 1 5   LYS 5   5   5   LYS LYS A . n 
A 1 6   GLU 6   6   6   GLU GLU A . n 
A 1 7   LEU 7   7   7   LEU LEU A . n 
A 1 8   LYS 8   8   8   LYS LYS A . n 
A 1 9   SER 9   9   9   SER SER A . n 
A 1 10  PRO 10  10  10  PRO PRO A . n 
A 1 11  GLY 11  11  11  GLY GLY A . n 
A 1 12  ASN 12  12  12  ASN ASN A . n 
A 1 13  GLY 13  13  13  GLY GLY A . n 
A 1 14  VAL 14  14  14  VAL VAL A . n 
A 1 15  ASP 15  15  15  ASP ASP A . n 
A 1 16  PHE 16  16  16  PHE PHE A . n 
A 1 17  PRO 17  17  17  PRO PRO A . n 
A 1 18  LYS 18  18  18  LYS LYS A . n 
A 1 19  LYS 19  19  19  LYS LYS A . n 
A 1 20  GLY 20  20  20  GLY GLY A . n 
A 1 21  ASP 21  21  21  ASP ASP A . n 
A 1 22  PHE 22  22  22  PHE PHE A . n 
A 1 23  VAL 23  23  23  VAL VAL A . n 
A 1 24  THR 24  24  24  THR THR A . n 
A 1 25  ILE 25  25  25  ILE ILE A . n 
A 1 26  HIS 26  26  26  HIS HIS A . n 
A 1 27  TYR 27  27  27  TYR TYR A . n 
A 1 28  THR 28  28  28  THR THR A . n 
A 1 29  GLY 29  29  29  GLY GLY A . n 
A 1 30  ARG 30  30  30  ARG ARG A . n 
A 1 31  LEU 31  31  31  LEU LEU A . n 
A 1 32  THR 32  32  32  THR THR A . n 
A 1 33  ASP 33  33  33  ASP ASP A . n 
A 1 34  GLY 34  34  34  GLY GLY A . n 
A 1 35  SER 35  35  35  SER SER A . n 
A 1 36  LYS 36  36  36  LYS LYS A . n 
A 1 37  PHE 37  37  37  PHE PHE A . n 
A 1 38  ASP 38  38  38  ASP ASP A . n 
A 1 39  SER 39  39  39  SER SER A . n 
A 1 40  SER 40  40  40  SER SER A . n 
A 1 41  VAL 41  41  41  VAL VAL A . n 
A 1 42  ASP 42  42  42  ASP ASP A . n 
A 1 43  ARG 43  43  43  ARG ARG A . n 
A 1 44  ASN 44  44  44  ASN ASN A . n 
A 1 45  GLU 45  45  45  GLU GLU A . n 
A 1 46  PRO 46  46  46  PRO PRO A . n 
A 1 47  PHE 47  47  47  PHE PHE A . n 
A 1 48  GLN 48  48  48  GLN GLN A . n 
A 1 49  THR 49  49  49  THR THR A . n 
A 1 50  GLN 50  50  50  GLN GLN A . n 
A 1 51  ILE 51  51  51  ILE ILE A . n 
A 1 52  GLY 52  52  52  GLY GLY A . n 
A 1 53  THR 53  53  53  THR THR A . n 
A 1 54  GLY 54  54  54  GLY GLY A . n 
A 1 55  ARG 55  55  55  ARG ARG A . n 
A 1 56  VAL 56  56  56  VAL VAL A . n 
A 1 57  ILE 57  57  57  ILE ILE A . n 
A 1 58  LYS 58  58  58  LYS LYS A . n 
A 1 59  GLY 59  59  59  GLY GLY A . n 
A 1 60  TRP 60  60  60  TRP TRP A . n 
A 1 61  ASP 61  61  61  ASP ASP A . n 
A 1 62  GLU 62  62  62  GLU GLU A . n 
A 1 63  GLY 63  63  63  GLY GLY A . n 
A 1 64  VAL 64  64  64  VAL VAL A . n 
A 1 65  PRO 65  65  65  PRO PRO A . n 
A 1 66  GLN 66  66  66  GLN GLN A . n 
A 1 67  MET 67  67  67  MET MET A . n 
A 1 68  SER 68  68  68  SER SER A . n 
A 1 69  LEU 69  69  69  LEU LEU A . n 
A 1 70  GLY 70  70  70  GLY GLY A . n 
A 1 71  GLU 71  71  71  GLU GLU A . n 
A 1 72  LYS 72  72  72  LYS LYS A . n 
A 1 73  ALA 73  73  73  ALA ALA A . n 
A 1 74  VAL 74  74  74  VAL VAL A . n 
A 1 75  LEU 75  75  75  LEU LEU A . n 
A 1 76  THR 76  76  76  THR THR A . n 
A 1 77  ILE 77  77  77  ILE ILE A . n 
A 1 78  THR 78  78  78  THR THR A . n 
A 1 79  PRO 79  79  79  PRO PRO A . n 
A 1 80  ASP 80  80  80  ASP ASP A . n 
A 1 81  TYR 81  81  81  TYR TYR A . n 
A 1 82  GLY 82  82  82  GLY GLY A . n 
A 1 83  TYR 83  83  83  TYR TYR A . n 
A 1 84  GLY 84  84  84  GLY GLY A . n 
A 1 85  ALA 85  85  85  ALA ALA A . n 
A 1 86  ARG 86  86  86  ARG ARG A . n 
A 1 87  GLY 87  87  87  GLY GLY A . n 
A 1 88  PHE 88  88  88  PHE PHE A . n 
A 1 89  PRO 89  89  89  PRO PRO A . n 
A 1 90  PRO 90  90  90  PRO PRO A . n 
A 1 91  CYS 91  91  91  CYS CYS A . n 
A 1 92  ILE 92  92  92  ILE ILE A . n 
A 1 93  PRO 93  93  93  PRO PRO A . n 
A 1 94  GLY 94  94  94  GLY GLY A . n 
A 1 95  ASN 95  95  95  ASN ASN A . n 
A 1 96  SER 96  96  96  SER SER A . n 
A 1 97  THR 97  97  97  THR THR A . n 
A 1 98  LEU 98  98  98  LEU LEU A . n 
A 1 99  ILE 99  99  99  ILE ILE A . n 
A 1 100 PHE 100 100 100 PHE PHE A . n 
A 1 101 GLU 101 101 101 GLU GLU A . n 
A 1 102 VAL 102 102 102 VAL VAL A . n 
A 1 103 GLU 103 103 103 GLU GLU A . n 
A 1 104 LEU 104 104 104 LEU LEU A . n 
A 1 105 LEU 105 105 105 LEU LEU A . n 
A 1 106 GLY 106 106 106 GLY GLY A . n 
A 1 107 ILE 107 107 107 ILE ILE A . n 
A 1 108 ASN 108 108 108 ASN ASN A . n 
A 1 109 ASN 109 109 109 ASN ASN A . n 
A 1 110 LYS 110 110 110 LYS LYS A . n 
A 1 111 ARG 111 111 111 ARG ARG A . n 
B 1 1   MET 1   1   1   MET MET B . n 
B 1 2   GLY 2   2   2   GLY GLY B . n 
B 1 3   VAL 3   3   3   VAL VAL B . n 
B 1 4   THR 4   4   4   THR THR B . n 
B 1 5   LYS 5   5   5   LYS LYS B . n 
B 1 6   GLU 6   6   6   GLU GLU B . n 
B 1 7   LEU 7   7   7   LEU LEU B . n 
B 1 8   LYS 8   8   8   LYS LYS B . n 
B 1 9   SER 9   9   9   SER SER B . n 
B 1 10  PRO 10  10  10  PRO PRO B . n 
B 1 11  GLY 11  11  11  GLY GLY B . n 
B 1 12  ASN 12  12  12  ASN ASN B . n 
B 1 13  GLY 13  13  13  GLY GLY B . n 
B 1 14  VAL 14  14  14  VAL VAL B . n 
B 1 15  ASP 15  15  15  ASP ASP B . n 
B 1 16  PHE 16  16  16  PHE PHE B . n 
B 1 17  PRO 17  17  17  PRO PRO B . n 
B 1 18  LYS 18  18  18  LYS LYS B . n 
B 1 19  LYS 19  19  19  LYS LYS B . n 
B 1 20  GLY 20  20  20  GLY GLY B . n 
B 1 21  ASP 21  21  21  ASP ASP B . n 
B 1 22  PHE 22  22  22  PHE PHE B . n 
B 1 23  VAL 23  23  23  VAL VAL B . n 
B 1 24  THR 24  24  24  THR THR B . n 
B 1 25  ILE 25  25  25  ILE ILE B . n 
B 1 26  HIS 26  26  26  HIS HIS B . n 
B 1 27  TYR 27  27  27  TYR TYR B . n 
B 1 28  THR 28  28  28  THR THR B . n 
B 1 29  GLY 29  29  29  GLY GLY B . n 
B 1 30  ARG 30  30  30  ARG ARG B . n 
B 1 31  LEU 31  31  31  LEU LEU B . n 
B 1 32  THR 32  32  32  THR THR B . n 
B 1 33  ASP 33  33  33  ASP ASP B . n 
B 1 34  GLY 34  34  34  GLY GLY B . n 
B 1 35  SER 35  35  35  SER SER B . n 
B 1 36  LYS 36  36  36  LYS LYS B . n 
B 1 37  PHE 37  37  37  PHE PHE B . n 
B 1 38  ASP 38  38  38  ASP ASP B . n 
B 1 39  SER 39  39  39  SER SER B . n 
B 1 40  SER 40  40  40  SER SER B . n 
B 1 41  VAL 41  41  41  VAL VAL B . n 
B 1 42  ASP 42  42  42  ASP ASP B . n 
B 1 43  ARG 43  43  43  ARG ARG B . n 
B 1 44  ASN 44  44  44  ASN ASN B . n 
B 1 45  GLU 45  45  45  GLU GLU B . n 
B 1 46  PRO 46  46  46  PRO PRO B . n 
B 1 47  PHE 47  47  47  PHE PHE B . n 
B 1 48  GLN 48  48  48  GLN GLN B . n 
B 1 49  THR 49  49  49  THR THR B . n 
B 1 50  GLN 50  50  50  GLN GLN B . n 
B 1 51  ILE 51  51  51  ILE ILE B . n 
B 1 52  GLY 52  52  52  GLY GLY B . n 
B 1 53  THR 53  53  53  THR THR B . n 
B 1 54  GLY 54  54  54  GLY GLY B . n 
B 1 55  ARG 55  55  55  ARG ARG B . n 
B 1 56  VAL 56  56  56  VAL VAL B . n 
B 1 57  ILE 57  57  57  ILE ILE B . n 
B 1 58  LYS 58  58  58  LYS LYS B . n 
B 1 59  GLY 59  59  59  GLY GLY B . n 
B 1 60  TRP 60  60  60  TRP TRP B . n 
B 1 61  ASP 61  61  61  ASP ASP B . n 
B 1 62  GLU 62  62  62  GLU GLU B . n 
B 1 63  GLY 63  63  63  GLY GLY B . n 
B 1 64  VAL 64  64  64  VAL VAL B . n 
B 1 65  PRO 65  65  65  PRO PRO B . n 
B 1 66  GLN 66  66  66  GLN GLN B . n 
B 1 67  MET 67  67  67  MET MET B . n 
B 1 68  SER 68  68  68  SER SER B . n 
B 1 69  LEU 69  69  69  LEU LEU B . n 
B 1 70  GLY 70  70  70  GLY GLY B . n 
B 1 71  GLU 71  71  71  GLU GLU B . n 
B 1 72  LYS 72  72  72  LYS LYS B . n 
B 1 73  ALA 73  73  73  ALA ALA B . n 
B 1 74  VAL 74  74  74  VAL VAL B . n 
B 1 75  LEU 75  75  75  LEU LEU B . n 
B 1 76  THR 76  76  76  THR THR B . n 
B 1 77  ILE 77  77  77  ILE ILE B . n 
B 1 78  THR 78  78  78  THR THR B . n 
B 1 79  PRO 79  79  79  PRO PRO B . n 
B 1 80  ASP 80  80  80  ASP ASP B . n 
B 1 81  TYR 81  81  81  TYR TYR B . n 
B 1 82  GLY 82  82  82  GLY GLY B . n 
B 1 83  TYR 83  83  83  TYR TYR B . n 
B 1 84  GLY 84  84  84  GLY GLY B . n 
B 1 85  ALA 85  85  85  ALA ALA B . n 
B 1 86  ARG 86  86  86  ARG ARG B . n 
B 1 87  GLY 87  87  87  GLY GLY B . n 
B 1 88  PHE 88  88  88  PHE PHE B . n 
B 1 89  PRO 89  89  89  PRO PRO B . n 
B 1 90  PRO 90  90  90  PRO PRO B . n 
B 1 91  CYS 91  91  91  CYS CYS B . n 
B 1 92  ILE 92  92  92  ILE ILE B . n 
B 1 93  PRO 93  93  93  PRO PRO B . n 
B 1 94  GLY 94  94  94  GLY GLY B . n 
B 1 95  ASN 95  95  95  ASN ASN B . n 
B 1 96  SER 96  96  96  SER SER B . n 
B 1 97  THR 97  97  97  THR THR B . n 
B 1 98  LEU 98  98  98  LEU LEU B . n 
B 1 99  ILE 99  99  99  ILE ILE B . n 
B 1 100 PHE 100 100 100 PHE PHE B . n 
B 1 101 GLU 101 101 101 GLU GLU B . n 
B 1 102 VAL 102 102 102 VAL VAL B . n 
B 1 103 GLU 103 103 103 GLU GLU B . n 
B 1 104 LEU 104 104 104 LEU LEU B . n 
B 1 105 LEU 105 105 105 LEU LEU B . n 
B 1 106 GLY 106 106 106 GLY GLY B . n 
B 1 107 ILE 107 107 107 ILE ILE B . n 
B 1 108 ASN 108 108 108 ASN ASN B . n 
B 1 109 ASN 109 109 109 ASN ASN B . n 
B 1 110 LYS 110 110 110 LYS LYS B . n 
B 1 111 ARG 111 111 111 ARG ARG B . n 
# 
loop_
_pdbx_unobs_or_zero_occ_atoms.id 
_pdbx_unobs_or_zero_occ_atoms.PDB_model_num 
_pdbx_unobs_or_zero_occ_atoms.polymer_flag 
_pdbx_unobs_or_zero_occ_atoms.occupancy_flag 
_pdbx_unobs_or_zero_occ_atoms.auth_asym_id 
_pdbx_unobs_or_zero_occ_atoms.auth_comp_id 
_pdbx_unobs_or_zero_occ_atoms.auth_seq_id 
_pdbx_unobs_or_zero_occ_atoms.PDB_ins_code 
_pdbx_unobs_or_zero_occ_atoms.auth_atom_id 
_pdbx_unobs_or_zero_occ_atoms.label_alt_id 
_pdbx_unobs_or_zero_occ_atoms.label_asym_id 
_pdbx_unobs_or_zero_occ_atoms.label_comp_id 
_pdbx_unobs_or_zero_occ_atoms.label_seq_id 
_pdbx_unobs_or_zero_occ_atoms.label_atom_id 
1 1 Y 1 A MET 1 ? CG ? A MET 1 CG 
2 1 Y 1 A MET 1 ? SD ? A MET 1 SD 
3 1 Y 1 A MET 1 ? CE ? A MET 1 CE 
4 1 Y 1 B MET 1 ? CG ? B MET 1 CG 
5 1 Y 1 B MET 1 ? SD ? B MET 1 SD 
6 1 Y 1 B MET 1 ? CE ? B MET 1 CE 
# 
loop_
_software.citation_id 
_software.classification 
_software.compiler_name 
_software.compiler_version 
_software.contact_author 
_software.contact_author_email 
_software.date 
_software.description 
_software.dependencies 
_software.hardware 
_software.language 
_software.location 
_software.mods 
_software.name 
_software.os 
_software.os_version 
_software.type 
_software.version 
_software.pdbx_ordinal 
? 'data scaling'    ? ? ? ? ? ? ? ? ? ? ? SCALA       ? ? ? .         1 
? phasing           ? ? ? ? ? ? ? ? ? ? ? MOLREP      ? ? ? .         2 
? refinement        ? ? ? ? ? ? ? ? ? ? ? PHENIX      ? ? ? 1.6.4_486 3 
? 'data extraction' ? ? ? ? ? ? ? ? ? ? ? PDB_EXTRACT ? ? ? 3.20      4 
# 
_cell.angle_alpha                  90.000 
_cell.angle_alpha_esd              ? 
_cell.angle_beta                   90.000 
_cell.angle_beta_esd               ? 
_cell.angle_gamma                  120.000 
_cell.angle_gamma_esd              ? 
_cell.entry_id                     5J6E 
_cell.details                      ? 
_cell.formula_units_Z              ? 
_cell.length_a                     136.887 
_cell.length_a_esd                 ? 
_cell.length_b                     136.887 
_cell.length_b_esd                 ? 
_cell.length_c                     33.037 
_cell.length_c_esd                 ? 
_cell.volume                       ? 
_cell.volume_esd                   ? 
_cell.Z_PDB                        12 
_cell.reciprocal_angle_alpha       ? 
_cell.reciprocal_angle_beta        ? 
_cell.reciprocal_angle_gamma       ? 
_cell.reciprocal_angle_alpha_esd   ? 
_cell.reciprocal_angle_beta_esd    ? 
_cell.reciprocal_angle_gamma_esd   ? 
_cell.reciprocal_length_a          ? 
_cell.reciprocal_length_b          ? 
_cell.reciprocal_length_c          ? 
_cell.reciprocal_length_a_esd      ? 
_cell.reciprocal_length_b_esd      ? 
_cell.reciprocal_length_c_esd      ? 
_cell.pdbx_unique_axis             ? 
# 
_symmetry.entry_id                         5J6E 
_symmetry.cell_setting                     ? 
_symmetry.Int_Tables_number                170 
_symmetry.space_group_name_Hall            ? 
_symmetry.space_group_name_H-M             'P 65' 
_symmetry.pdbx_full_space_group_name_H-M   ? 
# 
_exptl.absorpt_coefficient_mu     ? 
_exptl.absorpt_correction_T_max   ? 
_exptl.absorpt_correction_T_min   ? 
_exptl.absorpt_correction_type    ? 
_exptl.absorpt_process_details    ? 
_exptl.entry_id                   5J6E 
_exptl.crystals_number            1 
_exptl.details                    ? 
_exptl.method                     'X-RAY DIFFRACTION' 
_exptl.method_details             ? 
# 
_exptl_crystal.colour                      ? 
_exptl_crystal.density_diffrn              ? 
_exptl_crystal.density_Matthews            3.70 
_exptl_crystal.density_method              ? 
_exptl_crystal.density_percent_sol         66.75 
_exptl_crystal.description                 ? 
_exptl_crystal.F_000                       ? 
_exptl_crystal.id                          1 
_exptl_crystal.preparation                 ? 
_exptl_crystal.size_max                    ? 
_exptl_crystal.size_mid                    ? 
_exptl_crystal.size_min                    ? 
_exptl_crystal.size_rad                    ? 
_exptl_crystal.colour_lustre               ? 
_exptl_crystal.colour_modifier             ? 
_exptl_crystal.colour_primary              ? 
_exptl_crystal.density_meas                ? 
_exptl_crystal.density_meas_esd            ? 
_exptl_crystal.density_meas_gt             ? 
_exptl_crystal.density_meas_lt             ? 
_exptl_crystal.density_meas_temp           ? 
_exptl_crystal.density_meas_temp_esd       ? 
_exptl_crystal.density_meas_temp_gt        ? 
_exptl_crystal.density_meas_temp_lt        ? 
_exptl_crystal.pdbx_crystal_image_url      ? 
_exptl_crystal.pdbx_crystal_image_format   ? 
_exptl_crystal.pdbx_mosaicity              ? 
_exptl_crystal.pdbx_mosaicity_esd          ? 
# 
_exptl_crystal_grow.apparatus       ? 
_exptl_crystal_grow.atmosphere      ? 
_exptl_crystal_grow.crystal_id      1 
_exptl_crystal_grow.details         ? 
_exptl_crystal_grow.method          'VAPOR DIFFUSION, HANGING DROP' 
_exptl_crystal_grow.method_ref      ? 
_exptl_crystal_grow.pH              ? 
_exptl_crystal_grow.pressure        ? 
_exptl_crystal_grow.pressure_esd    ? 
_exptl_crystal_grow.seeding         ? 
_exptl_crystal_grow.seeding_ref     ? 
_exptl_crystal_grow.temp            298 
_exptl_crystal_grow.temp_details    ? 
_exptl_crystal_grow.temp_esd        ? 
_exptl_crystal_grow.time            ? 
_exptl_crystal_grow.pdbx_details    '1.5 M sodium citrate, sodium cacodylate buffer pH 6.5' 
_exptl_crystal_grow.pdbx_pH_range   ? 
# 
_diffrn.ambient_environment    ? 
_diffrn.ambient_temp           100 
_diffrn.ambient_temp_details   ? 
_diffrn.ambient_temp_esd       ? 
_diffrn.crystal_id             1 
_diffrn.crystal_support        ? 
_diffrn.crystal_treatment      ? 
_diffrn.details                ? 
_diffrn.id                     1 
_diffrn.ambient_pressure       ? 
_diffrn.ambient_pressure_esd   ? 
_diffrn.ambient_pressure_gt    ? 
_diffrn.ambient_pressure_lt    ? 
_diffrn.ambient_temp_gt        ? 
_diffrn.ambient_temp_lt        ? 
# 
_diffrn_detector.details                      ? 
_diffrn_detector.detector                     CCD 
_diffrn_detector.diffrn_id                    1 
_diffrn_detector.type                         'ADSC QUANTUM 210r' 
_diffrn_detector.area_resol_mean              ? 
_diffrn_detector.dtime                        ? 
_diffrn_detector.pdbx_frames_total            ? 
_diffrn_detector.pdbx_collection_time_total   ? 
_diffrn_detector.pdbx_collection_date         2016-02-23 
# 
_diffrn_radiation.collimation                      ? 
_diffrn_radiation.diffrn_id                        1 
_diffrn_radiation.filter_edge                      ? 
_diffrn_radiation.inhomogeneity                    ? 
_diffrn_radiation.monochromator                    ? 
_diffrn_radiation.polarisn_norm                    ? 
_diffrn_radiation.polarisn_ratio                   ? 
_diffrn_radiation.probe                            ? 
_diffrn_radiation.type                             ? 
_diffrn_radiation.xray_symbol                      ? 
_diffrn_radiation.wavelength_id                    1 
_diffrn_radiation.pdbx_monochromatic_or_laue_m_l   M 
_diffrn_radiation.pdbx_wavelength_list             ? 
_diffrn_radiation.pdbx_wavelength                  ? 
_diffrn_radiation.pdbx_diffrn_protocol             'SINGLE WAVELENGTH' 
_diffrn_radiation.pdbx_analyzer                    ? 
_diffrn_radiation.pdbx_scattering_type             x-ray 
# 
_diffrn_radiation_wavelength.id           1 
_diffrn_radiation_wavelength.wavelength   1 
_diffrn_radiation_wavelength.wt           1.0 
# 
_diffrn_source.current                     ? 
_diffrn_source.details                     ? 
_diffrn_source.diffrn_id                   1 
_diffrn_source.power                       ? 
_diffrn_source.size                        ? 
_diffrn_source.source                      SYNCHROTRON 
_diffrn_source.target                      ? 
_diffrn_source.type                        'ALS BEAMLINE 8.3.1' 
_diffrn_source.voltage                     ? 
_diffrn_source.take-off_angle              ? 
_diffrn_source.pdbx_wavelength_list        1 
_diffrn_source.pdbx_wavelength             ? 
_diffrn_source.pdbx_synchrotron_beamline   8.3.1 
_diffrn_source.pdbx_synchrotron_site       ALS 
# 
_reflns.B_iso_Wilson_estimate            ? 
_reflns.entry_id                         5J6E 
_reflns.data_reduction_details           ? 
_reflns.data_reduction_method            ? 
_reflns.d_resolution_high                3.02 
_reflns.d_resolution_low                 44.807 
_reflns.details                          ? 
_reflns.limit_h_max                      ? 
_reflns.limit_h_min                      ? 
_reflns.limit_k_max                      ? 
_reflns.limit_k_min                      ? 
_reflns.limit_l_max                      ? 
_reflns.limit_l_min                      ? 
_reflns.number_all                       ? 
_reflns.number_obs                       10597 
_reflns.observed_criterion               ? 
_reflns.observed_criterion_F_max         ? 
_reflns.observed_criterion_F_min         ? 
_reflns.observed_criterion_I_max         ? 
_reflns.observed_criterion_I_min         ? 
_reflns.observed_criterion_sigma_F       ? 
_reflns.observed_criterion_sigma_I       ? 
_reflns.percent_possible_obs             92.77 
_reflns.R_free_details                   ? 
_reflns.Rmerge_F_all                     ? 
_reflns.Rmerge_F_obs                     ? 
_reflns.Friedel_coverage                 ? 
_reflns.number_gt                        ? 
_reflns.threshold_expression             ? 
_reflns.pdbx_redundancy                  2 
_reflns.pdbx_Rmerge_I_obs                ? 
_reflns.pdbx_Rmerge_I_all                ? 
_reflns.pdbx_Rsym_value                  ? 
_reflns.pdbx_netI_over_av_sigmaI         ? 
_reflns.pdbx_netI_over_sigmaI            8.9 
_reflns.pdbx_res_netI_over_av_sigmaI_2   ? 
_reflns.pdbx_res_netI_over_sigmaI_2      ? 
_reflns.pdbx_chi_squared                 ? 
_reflns.pdbx_scaling_rejects             ? 
_reflns.pdbx_d_res_high_opt              ? 
_reflns.pdbx_d_res_low_opt               ? 
_reflns.pdbx_d_res_opt_method            ? 
_reflns.phase_calculation_details        ? 
_reflns.pdbx_Rrim_I_all                  ? 
_reflns.pdbx_Rpim_I_all                  ? 
_reflns.pdbx_d_opt                       ? 
_reflns.pdbx_number_measured_all         ? 
_reflns.pdbx_diffrn_id                   1 
_reflns.pdbx_ordinal                     1 
_reflns.pdbx_CC_half                     ? 
_reflns.pdbx_R_split                     ? 
# 
_reflns_shell.d_res_high                  3.02 
_reflns_shell.d_res_low                   ? 
_reflns_shell.meanI_over_sigI_all         ? 
_reflns_shell.meanI_over_sigI_obs         ? 
_reflns_shell.number_measured_all         ? 
_reflns_shell.number_measured_obs         ? 
_reflns_shell.number_possible             ? 
_reflns_shell.number_unique_all           ? 
_reflns_shell.number_unique_obs           ? 
_reflns_shell.percent_possible_all        ? 
_reflns_shell.percent_possible_obs        ? 
_reflns_shell.Rmerge_F_all                ? 
_reflns_shell.Rmerge_F_obs                ? 
_reflns_shell.Rmerge_I_all                ? 
_reflns_shell.Rmerge_I_obs                ? 
_reflns_shell.meanI_over_sigI_gt          ? 
_reflns_shell.meanI_over_uI_all           ? 
_reflns_shell.meanI_over_uI_gt            ? 
_reflns_shell.number_measured_gt          ? 
_reflns_shell.number_unique_gt            ? 
_reflns_shell.percent_possible_gt         ? 
_reflns_shell.Rmerge_F_gt                 ? 
_reflns_shell.Rmerge_I_gt                 ? 
_reflns_shell.pdbx_redundancy             ? 
_reflns_shell.pdbx_Rsym_value             ? 
_reflns_shell.pdbx_chi_squared            ? 
_reflns_shell.pdbx_netI_over_sigmaI_all   ? 
_reflns_shell.pdbx_netI_over_sigmaI_obs   ? 
_reflns_shell.pdbx_Rrim_I_all             ? 
_reflns_shell.pdbx_Rpim_I_all             ? 
_reflns_shell.pdbx_rejects                ? 
_reflns_shell.pdbx_ordinal                1 
_reflns_shell.pdbx_diffrn_id              1 
_reflns_shell.pdbx_CC_half                ? 
_reflns_shell.pdbx_R_split                ? 
# 
_refine.aniso_B[1][1]                            -8.9103 
_refine.aniso_B[1][2]                            0.0000 
_refine.aniso_B[1][3]                            -0.0000 
_refine.aniso_B[2][2]                            -8.9103 
_refine.aniso_B[2][3]                            0.0000 
_refine.aniso_B[3][3]                            -13.4480 
_refine.B_iso_max                                135.890 
_refine.B_iso_mean                               19.3500 
_refine.B_iso_min                                5.010 
_refine.correlation_coeff_Fo_to_Fc               ? 
_refine.correlation_coeff_Fo_to_Fc_free          ? 
_refine.details                                  ? 
_refine.diff_density_max                         ? 
_refine.diff_density_max_esd                     ? 
_refine.diff_density_min                         ? 
_refine.diff_density_min_esd                     ? 
_refine.diff_density_rms                         ? 
_refine.diff_density_rms_esd                     ? 
_refine.entry_id                                 5J6E 
_refine.pdbx_refine_id                           'X-RAY DIFFRACTION' 
_refine.ls_abs_structure_details                 ? 
_refine.ls_abs_structure_Flack                   ? 
_refine.ls_abs_structure_Flack_esd               ? 
_refine.ls_abs_structure_Rogers                  ? 
_refine.ls_abs_structure_Rogers_esd              ? 
_refine.ls_d_res_high                            3.2000 
_refine.ls_d_res_low                             44.8070 
_refine.ls_extinction_coef                       ? 
_refine.ls_extinction_coef_esd                   ? 
_refine.ls_extinction_expression                 ? 
_refine.ls_extinction_method                     ? 
_refine.ls_goodness_of_fit_all                   ? 
_refine.ls_goodness_of_fit_all_esd               ? 
_refine.ls_goodness_of_fit_obs                   ? 
_refine.ls_goodness_of_fit_obs_esd               ? 
_refine.ls_hydrogen_treatment                    ? 
_refine.ls_matrix_type                           ? 
_refine.ls_number_constraints                    ? 
_refine.ls_number_parameters                     ? 
_refine.ls_number_reflns_all                     ? 
_refine.ls_number_reflns_obs                     10597 
_refine.ls_number_reflns_R_free                  589 
_refine.ls_number_reflns_R_work                  ? 
_refine.ls_number_restraints                     ? 
_refine.ls_percent_reflns_obs                    92.7700 
_refine.ls_percent_reflns_R_free                 10.0600 
_refine.ls_R_factor_all                          ? 
_refine.ls_R_factor_obs                          0.2161 
_refine.ls_R_factor_R_free                       0.2714 
_refine.ls_R_factor_R_free_error                 ? 
_refine.ls_R_factor_R_free_error_details         ? 
_refine.ls_R_factor_R_work                       0.2097 
_refine.ls_R_Fsqd_factor_obs                     ? 
_refine.ls_R_I_factor_obs                        ? 
_refine.ls_redundancy_reflns_all                 ? 
_refine.ls_redundancy_reflns_obs                 ? 
_refine.ls_restrained_S_all                      ? 
_refine.ls_restrained_S_obs                      ? 
_refine.ls_shift_over_esd_max                    ? 
_refine.ls_shift_over_esd_mean                   ? 
_refine.ls_structure_factor_coef                 ? 
_refine.ls_weighting_details                     ? 
_refine.ls_weighting_scheme                      ? 
_refine.ls_wR_factor_all                         ? 
_refine.ls_wR_factor_obs                         ? 
_refine.ls_wR_factor_R_free                      ? 
_refine.ls_wR_factor_R_work                      ? 
_refine.occupancy_max                            ? 
_refine.occupancy_min                            ? 
_refine.solvent_model_details                    ? 
_refine.solvent_model_param_bsol                 0.0010 
_refine.solvent_model_param_ksol                 0.3290 
_refine.ls_R_factor_gt                           ? 
_refine.ls_goodness_of_fit_gt                    ? 
_refine.ls_goodness_of_fit_ref                   ? 
_refine.ls_shift_over_su_max                     ? 
_refine.ls_shift_over_su_max_lt                  ? 
_refine.ls_shift_over_su_mean                    ? 
_refine.ls_shift_over_su_mean_lt                 ? 
_refine.pdbx_ls_sigma_I                          ? 
_refine.pdbx_ls_sigma_F                          1.280 
_refine.pdbx_ls_sigma_Fsqd                       ? 
_refine.pdbx_data_cutoff_high_absF               ? 
_refine.pdbx_data_cutoff_high_rms_absF           ? 
_refine.pdbx_data_cutoff_low_absF                ? 
_refine.pdbx_isotropic_thermal_model             ? 
_refine.pdbx_ls_cross_valid_method               'FREE R-VALUE' 
_refine.pdbx_method_to_determine_struct          'MOLECULAR REPLACEMENT' 
_refine.pdbx_starting_model                      ? 
_refine.pdbx_stereochemistry_target_values       ? 
_refine.pdbx_R_Free_selection_details            ? 
_refine.pdbx_stereochem_target_val_spec_case     ? 
_refine.pdbx_overall_ESU_R                       ? 
_refine.pdbx_overall_ESU_R_Free                  ? 
_refine.pdbx_solvent_vdw_probe_radii             1.2000 
_refine.pdbx_solvent_ion_probe_radii             ? 
_refine.pdbx_solvent_shrinkage_radii             0.9500 
_refine.pdbx_real_space_R                        ? 
_refine.pdbx_density_correlation                 ? 
_refine.pdbx_pd_number_of_powder_patterns        ? 
_refine.pdbx_pd_number_of_points                 ? 
_refine.pdbx_pd_meas_number_of_points            ? 
_refine.pdbx_pd_proc_ls_prof_R_factor            ? 
_refine.pdbx_pd_proc_ls_prof_wR_factor           ? 
_refine.pdbx_pd_Marquardt_correlation_coeff      ? 
_refine.pdbx_pd_Fsqrd_R_factor                   ? 
_refine.pdbx_pd_ls_matrix_band_width             ? 
_refine.pdbx_overall_phase_error                 26.6000 
_refine.pdbx_overall_SU_R_free_Cruickshank_DPI   ? 
_refine.pdbx_overall_SU_R_free_Blow_DPI          ? 
_refine.pdbx_overall_SU_R_Blow_DPI               ? 
_refine.pdbx_TLS_residual_ADP_flag               ? 
_refine.pdbx_diffrn_id                           1 
_refine.overall_SU_B                             ? 
_refine.overall_SU_ML                            0.3800 
_refine.overall_SU_R_Cruickshank_DPI             ? 
_refine.overall_SU_R_free                        ? 
_refine.overall_FOM_free_R_set                   ? 
_refine.overall_FOM_work_R_set                   ? 
_refine.pdbx_average_fsc_overall                 ? 
_refine.pdbx_average_fsc_work                    ? 
_refine.pdbx_average_fsc_free                    ? 
# 
_refine_hist.cycle_id                         final 
_refine_hist.pdbx_refine_id                   'X-RAY DIFFRACTION' 
_refine_hist.d_res_high                       3.2000 
_refine_hist.d_res_low                        44.8070 
_refine_hist.pdbx_number_atoms_ligand         0 
_refine_hist.number_atoms_solvent             0 
_refine_hist.number_atoms_total               1692 
_refine_hist.pdbx_number_residues_total       222 
_refine_hist.pdbx_number_atoms_protein        1692 
_refine_hist.pdbx_number_atoms_nucleic_acid   0 
# 
loop_
_refine_ls_restr.pdbx_refine_id 
_refine_ls_restr.criterion 
_refine_ls_restr.dev_ideal 
_refine_ls_restr.dev_ideal_target 
_refine_ls_restr.number 
_refine_ls_restr.rejects 
_refine_ls_restr.type 
_refine_ls_restr.weight 
_refine_ls_restr.pdbx_restraint_function 
'X-RAY DIFFRACTION' ? 0.011  ? 1731 ? f_bond_d           ? ? 
'X-RAY DIFFRACTION' ? 2.170  ? 2340 ? f_angle_d          ? ? 
'X-RAY DIFFRACTION' ? 0.095  ? 252  ? f_chiral_restr     ? ? 
'X-RAY DIFFRACTION' ? 0.010  ? 310  ? f_plane_restr      ? ? 
'X-RAY DIFFRACTION' ? 15.889 ? 644  ? f_dihedral_angle_d ? ? 
# 
loop_
_refine_ls_shell.pdbx_refine_id 
_refine_ls_shell.d_res_high 
_refine_ls_shell.d_res_low 
_refine_ls_shell.number_reflns_all 
_refine_ls_shell.number_reflns_obs 
_refine_ls_shell.number_reflns_R_free 
_refine_ls_shell.number_reflns_R_work 
_refine_ls_shell.percent_reflns_obs 
_refine_ls_shell.percent_reflns_R_free 
_refine_ls_shell.R_factor_all 
_refine_ls_shell.R_factor_obs 
_refine_ls_shell.R_factor_R_free 
_refine_ls_shell.R_factor_R_free_error 
_refine_ls_shell.R_factor_R_work 
_refine_ls_shell.redundancy_reflns_all 
_refine_ls_shell.redundancy_reflns_obs 
_refine_ls_shell.wR_factor_all 
_refine_ls_shell.wR_factor_obs 
_refine_ls_shell.wR_factor_R_free 
_refine_ls_shell.wR_factor_R_work 
_refine_ls_shell.pdbx_total_number_of_bins_used 
_refine_ls_shell.pdbx_phase_error 
_refine_ls_shell.pdbx_fsc_work 
_refine_ls_shell.pdbx_fsc_free 
'X-RAY DIFFRACTION' 3.2005 3.3461  1423 . 146 1277 98.0000 . . . 0.3118 . 0.2602 . . . . . . 8 . . . 
'X-RAY DIFFRACTION' 3.3461 3.5224  1385 . 141 1244 97.0000 . . . 0.3255 . 0.2473 . . . . . . 8 . . . 
'X-RAY DIFFRACTION' 3.5224 3.7430  1360 . 134 1226 97.0000 . . . 0.3211 . 0.2618 . . . . . . 8 . . . 
'X-RAY DIFFRACTION' 3.7430 4.0319  1376 . 143 1233 96.0000 . . . 0.3087 . 0.2234 . . . . . . 8 . . . 
'X-RAY DIFFRACTION' 4.0319 4.4373  1323 . 132 1191 94.0000 . . . 0.2601 . 0.1616 . . . . . . 8 . . . 
'X-RAY DIFFRACTION' 4.4373 5.0786  1304 . 128 1176 91.0000 . . . 0.1827 . 0.1480 . . . . . . 8 . . . 
'X-RAY DIFFRACTION' 5.0786 6.3955  1256 . 114 1142 88.0000 . . . 0.2297 . 0.1976 . . . . . . 8 . . . 
'X-RAY DIFFRACTION' 6.3955 44.8112 1170 . 128 1042 82.0000 . . . 0.2346 . 0.1924 . . . . . . 8 . . . 
# 
_struct.entry_id                     5J6E 
_struct.title                        'Structure of disulfide crosslinked A. fumigatus FKBP12(V91C)' 
_struct.pdbx_model_details           ? 
_struct.pdbx_formula_weight          ? 
_struct.pdbx_formula_weight_method   ? 
_struct.pdbx_model_type_details      ? 
_struct.pdbx_CASP_flag               ? 
# 
_struct_keywords.entry_id        5J6E 
_struct_keywords.text            'FKBP12, disulfide trapping, crosslinked dimer, ISOMERASE' 
_struct_keywords.pdbx_keywords   ISOMERASE 
# 
loop_
_struct_asym.id 
_struct_asym.pdbx_blank_PDB_chainid_flag 
_struct_asym.pdbx_modified 
_struct_asym.entity_id 
_struct_asym.details 
A N N 1 ? 
B N N 1 ? 
# 
_struct_ref.id                         1 
_struct_ref.db_name                    UNP 
_struct_ref.db_code                    FKB1A_ASPFU 
_struct_ref.pdbx_db_accession          Q4WLV6 
_struct_ref.pdbx_db_isoform            ? 
_struct_ref.entity_id                  1 
_struct_ref.pdbx_seq_one_letter_code   
;MGVTKELKSPGNGVDFPKKGDFVTIHYTGRLTDGSKFDSSVDRNEPFQTQIGTGRVIKGWDEGVPQMSLGEKAVLTITPD
YGYGARGFPPVIPGNSTLIFEVELLGINNKR
;
_struct_ref.pdbx_align_begin           1 
# 
loop_
_struct_ref_seq.align_id 
_struct_ref_seq.ref_id 
_struct_ref_seq.pdbx_PDB_id_code 
_struct_ref_seq.pdbx_strand_id 
_struct_ref_seq.seq_align_beg 
_struct_ref_seq.pdbx_seq_align_beg_ins_code 
_struct_ref_seq.seq_align_end 
_struct_ref_seq.pdbx_seq_align_end_ins_code 
_struct_ref_seq.pdbx_db_accession 
_struct_ref_seq.db_align_beg 
_struct_ref_seq.pdbx_db_align_beg_ins_code 
_struct_ref_seq.db_align_end 
_struct_ref_seq.pdbx_db_align_end_ins_code 
_struct_ref_seq.pdbx_auth_seq_align_beg 
_struct_ref_seq.pdbx_auth_seq_align_end 
1 1 5J6E A 1 ? 111 ? Q4WLV6 1 ? 111 ? 1 111 
2 1 5J6E B 1 ? 111 ? Q4WLV6 1 ? 111 ? 1 111 
# 
loop_
_struct_ref_seq_dif.align_id 
_struct_ref_seq_dif.pdbx_pdb_id_code 
_struct_ref_seq_dif.mon_id 
_struct_ref_seq_dif.pdbx_pdb_strand_id 
_struct_ref_seq_dif.seq_num 
_struct_ref_seq_dif.pdbx_pdb_ins_code 
_struct_ref_seq_dif.pdbx_seq_db_name 
_struct_ref_seq_dif.pdbx_seq_db_accession_code 
_struct_ref_seq_dif.db_mon_id 
_struct_ref_seq_dif.pdbx_seq_db_seq_num 
_struct_ref_seq_dif.details 
_struct_ref_seq_dif.pdbx_auth_seq_num 
_struct_ref_seq_dif.pdbx_ordinal 
1 5J6E CYS A 91 ? UNP Q4WLV6 VAL 91 'engineered mutation' 91 1 
2 5J6E CYS B 91 ? UNP Q4WLV6 VAL 91 'engineered mutation' 91 2 
# 
_pdbx_struct_assembly.id                   1 
_pdbx_struct_assembly.details              author_and_software_defined_assembly 
_pdbx_struct_assembly.method_details       PISA 
_pdbx_struct_assembly.oligomeric_details   dimeric 
_pdbx_struct_assembly.oligomeric_count     2 
# 
loop_
_pdbx_struct_assembly_prop.biol_id 
_pdbx_struct_assembly_prop.type 
_pdbx_struct_assembly_prop.value 
_pdbx_struct_assembly_prop.details 
1 'ABSA (A^2)' 670   ? 
1 MORE         -6    ? 
1 'SSA (A^2)'  11600 ? 
# 
_pdbx_struct_assembly_gen.assembly_id       1 
_pdbx_struct_assembly_gen.oper_expression   1 
_pdbx_struct_assembly_gen.asym_id_list      A,B 
# 
_pdbx_struct_oper_list.id                   1 
_pdbx_struct_oper_list.type                 'identity operation' 
_pdbx_struct_oper_list.name                 1_555 
_pdbx_struct_oper_list.symmetry_operation   x,y,z 
_pdbx_struct_oper_list.matrix[1][1]         1.0000000000 
_pdbx_struct_oper_list.matrix[1][2]         0.0000000000 
_pdbx_struct_oper_list.matrix[1][3]         0.0000000000 
_pdbx_struct_oper_list.vector[1]            0.0000000000 
_pdbx_struct_oper_list.matrix[2][1]         0.0000000000 
_pdbx_struct_oper_list.matrix[2][2]         1.0000000000 
_pdbx_struct_oper_list.matrix[2][3]         0.0000000000 
_pdbx_struct_oper_list.vector[2]            0.0000000000 
_pdbx_struct_oper_list.matrix[3][1]         0.0000000000 
_pdbx_struct_oper_list.matrix[3][2]         0.0000000000 
_pdbx_struct_oper_list.matrix[3][3]         1.0000000000 
_pdbx_struct_oper_list.vector[3]            0.0000000000 
# 
loop_
_struct_conf.conf_type_id 
_struct_conf.id 
_struct_conf.pdbx_PDB_helix_id 
_struct_conf.beg_label_comp_id 
_struct_conf.beg_label_asym_id 
_struct_conf.beg_label_seq_id 
_struct_conf.pdbx_beg_PDB_ins_code 
_struct_conf.end_label_comp_id 
_struct_conf.end_label_asym_id 
_struct_conf.end_label_seq_id 
_struct_conf.pdbx_end_PDB_ins_code 
_struct_conf.beg_auth_comp_id 
_struct_conf.beg_auth_asym_id 
_struct_conf.beg_auth_seq_id 
_struct_conf.end_auth_comp_id 
_struct_conf.end_auth_asym_id 
_struct_conf.end_auth_seq_id 
_struct_conf.pdbx_PDB_helix_class 
_struct_conf.details 
_struct_conf.pdbx_PDB_helix_length 
HELX_P HELX_P1 AA1 SER A 40 ? ASN A 44 ? SER A 40 ASN A 44 1 ? 5 
HELX_P HELX_P2 AA2 ILE A 57 ? VAL A 64 ? ILE A 57 VAL A 64 1 ? 8 
HELX_P HELX_P3 AA3 PRO A 65 ? MET A 67 ? PRO A 65 MET A 67 5 ? 3 
HELX_P HELX_P4 AA4 PRO A 79 ? GLY A 82 ? PRO A 79 GLY A 82 5 ? 4 
HELX_P HELX_P5 AA5 TYR A 83 ? GLY A 87 ? TYR A 83 GLY A 87 5 ? 5 
HELX_P HELX_P6 AA6 ILE B 57 ? VAL B 64 ? ILE B 57 VAL B 64 1 ? 8 
HELX_P HELX_P7 AA7 PRO B 65 ? MET B 67 ? PRO B 65 MET B 67 5 ? 3 
HELX_P HELX_P8 AA8 PRO B 79 ? GLY B 82 ? PRO B 79 GLY B 82 5 ? 4 
# 
_struct_conf_type.id          HELX_P 
_struct_conf_type.criteria    ? 
_struct_conf_type.reference   ? 
# 
_struct_conn.id                            disulf1 
_struct_conn.conn_type_id                  disulf 
_struct_conn.pdbx_leaving_atom_flag        ? 
_struct_conn.pdbx_PDB_id                   ? 
_struct_conn.ptnr1_label_asym_id           A 
_struct_conn.ptnr1_label_comp_id           CYS 
_struct_conn.ptnr1_label_seq_id            91 
_struct_conn.ptnr1_label_atom_id           SG 
_struct_conn.pdbx_ptnr1_label_alt_id       ? 
_struct_conn.pdbx_ptnr1_PDB_ins_code       ? 
_struct_conn.pdbx_ptnr1_standard_comp_id   ? 
_struct_conn.ptnr1_symmetry                1_555 
_struct_conn.ptnr2_label_asym_id           B 
_struct_conn.ptnr2_label_comp_id           CYS 
_struct_conn.ptnr2_label_seq_id            91 
_struct_conn.ptnr2_label_atom_id           SG 
_struct_conn.pdbx_ptnr2_label_alt_id       ? 
_struct_conn.pdbx_ptnr2_PDB_ins_code       ? 
_struct_conn.ptnr1_auth_asym_id            A 
_struct_conn.ptnr1_auth_comp_id            CYS 
_struct_conn.ptnr1_auth_seq_id             91 
_struct_conn.ptnr2_auth_asym_id            B 
_struct_conn.ptnr2_auth_comp_id            CYS 
_struct_conn.ptnr2_auth_seq_id             91 
_struct_conn.ptnr2_symmetry                1_555 
_struct_conn.pdbx_ptnr3_label_atom_id      ? 
_struct_conn.pdbx_ptnr3_label_seq_id       ? 
_struct_conn.pdbx_ptnr3_label_comp_id      ? 
_struct_conn.pdbx_ptnr3_label_asym_id      ? 
_struct_conn.pdbx_ptnr3_label_alt_id       ? 
_struct_conn.pdbx_ptnr3_PDB_ins_code       ? 
_struct_conn.details                       ? 
_struct_conn.pdbx_dist_value               2.043 
_struct_conn.pdbx_value_order              ? 
_struct_conn.pdbx_role                     ? 
# 
_struct_conn_type.id          disulf 
_struct_conn_type.criteria    ? 
_struct_conn_type.reference   ? 
# 
_pdbx_modification_feature.ordinal                            1 
_pdbx_modification_feature.label_comp_id                      CYS 
_pdbx_modification_feature.label_asym_id                      A 
_pdbx_modification_feature.label_seq_id                       91 
_pdbx_modification_feature.label_alt_id                       ? 
_pdbx_modification_feature.modified_residue_label_comp_id     CYS 
_pdbx_modification_feature.modified_residue_label_asym_id     B 
_pdbx_modification_feature.modified_residue_label_seq_id      91 
_pdbx_modification_feature.modified_residue_label_alt_id      ? 
_pdbx_modification_feature.auth_comp_id                       CYS 
_pdbx_modification_feature.auth_asym_id                       A 
_pdbx_modification_feature.auth_seq_id                        91 
_pdbx_modification_feature.PDB_ins_code                       ? 
_pdbx_modification_feature.symmetry                           1_555 
_pdbx_modification_feature.modified_residue_auth_comp_id      CYS 
_pdbx_modification_feature.modified_residue_auth_asym_id      B 
_pdbx_modification_feature.modified_residue_auth_seq_id       91 
_pdbx_modification_feature.modified_residue_PDB_ins_code      ? 
_pdbx_modification_feature.modified_residue_symmetry          1_555 
_pdbx_modification_feature.comp_id_linking_atom               SG 
_pdbx_modification_feature.modified_residue_id_linking_atom   SG 
_pdbx_modification_feature.modified_residue_id                . 
_pdbx_modification_feature.ref_pcm_id                         . 
_pdbx_modification_feature.ref_comp_id                        . 
_pdbx_modification_feature.type                               None 
_pdbx_modification_feature.category                           'Disulfide bridge' 
# 
loop_
_struct_sheet.id 
_struct_sheet.type 
_struct_sheet.number_strands 
_struct_sheet.details 
AA1 ? 5 ? 
AA2 ? 5 ? 
AA3 ? 5 ? 
AA4 ? 5 ? 
# 
loop_
_struct_sheet_order.sheet_id 
_struct_sheet_order.range_id_1 
_struct_sheet_order.range_id_2 
_struct_sheet_order.offset 
_struct_sheet_order.sense 
AA1 1 2 ? anti-parallel 
AA1 2 3 ? anti-parallel 
AA1 3 4 ? anti-parallel 
AA1 4 5 ? anti-parallel 
AA2 1 2 ? anti-parallel 
AA2 2 3 ? anti-parallel 
AA2 3 4 ? anti-parallel 
AA2 4 5 ? anti-parallel 
AA3 1 2 ? anti-parallel 
AA3 2 3 ? anti-parallel 
AA3 3 4 ? anti-parallel 
AA3 4 5 ? anti-parallel 
AA4 1 2 ? anti-parallel 
AA4 2 3 ? anti-parallel 
AA4 3 4 ? anti-parallel 
AA4 4 5 ? anti-parallel 
# 
loop_
_struct_sheet_range.sheet_id 
_struct_sheet_range.id 
_struct_sheet_range.beg_label_comp_id 
_struct_sheet_range.beg_label_asym_id 
_struct_sheet_range.beg_label_seq_id 
_struct_sheet_range.pdbx_beg_PDB_ins_code 
_struct_sheet_range.end_label_comp_id 
_struct_sheet_range.end_label_asym_id 
_struct_sheet_range.end_label_seq_id 
_struct_sheet_range.pdbx_end_PDB_ins_code 
_struct_sheet_range.beg_auth_comp_id 
_struct_sheet_range.beg_auth_asym_id 
_struct_sheet_range.beg_auth_seq_id 
_struct_sheet_range.end_auth_comp_id 
_struct_sheet_range.end_auth_asym_id 
_struct_sheet_range.end_auth_seq_id 
AA1 1 VAL A 3  ? THR A 4   ? VAL A 3  THR A 4   
AA1 2 LYS A 72 ? ILE A 77  ? LYS A 72 ILE A 77  
AA1 3 LEU A 98 ? ILE A 107 ? LEU A 98 ILE A 107 
AA1 4 PHE A 22 ? LEU A 31  ? PHE A 22 LEU A 31  
AA1 5 LYS A 36 ? SER A 39  ? LYS A 36 SER A 39  
AA2 1 VAL A 3  ? THR A 4   ? VAL A 3  THR A 4   
AA2 2 LYS A 72 ? ILE A 77  ? LYS A 72 ILE A 77  
AA2 3 LEU A 98 ? ILE A 107 ? LEU A 98 ILE A 107 
AA2 4 PHE A 22 ? LEU A 31  ? PHE A 22 LEU A 31  
AA2 5 PHE A 47 ? GLN A 50  ? PHE A 47 GLN A 50  
AA3 1 VAL B 3  ? SER B 9   ? VAL B 3  SER B 9   
AA3 2 LYS B 72 ? ILE B 77  ? LYS B 72 ILE B 77  
AA3 3 LEU B 98 ? ILE B 107 ? LEU B 98 ILE B 107 
AA3 4 PHE B 22 ? ARG B 30  ? PHE B 22 ARG B 30  
AA3 5 LYS B 36 ? SER B 39  ? LYS B 36 SER B 39  
AA4 1 VAL B 3  ? SER B 9   ? VAL B 3  SER B 9   
AA4 2 LYS B 72 ? ILE B 77  ? LYS B 72 ILE B 77  
AA4 3 LEU B 98 ? ILE B 107 ? LEU B 98 ILE B 107 
AA4 4 PHE B 22 ? ARG B 30  ? PHE B 22 ARG B 30  
AA4 5 PHE B 47 ? GLN B 50  ? PHE B 47 GLN B 50  
# 
loop_
_pdbx_struct_sheet_hbond.sheet_id 
_pdbx_struct_sheet_hbond.range_id_1 
_pdbx_struct_sheet_hbond.range_id_2 
_pdbx_struct_sheet_hbond.range_1_label_atom_id 
_pdbx_struct_sheet_hbond.range_1_label_comp_id 
_pdbx_struct_sheet_hbond.range_1_label_asym_id 
_pdbx_struct_sheet_hbond.range_1_label_seq_id 
_pdbx_struct_sheet_hbond.range_1_PDB_ins_code 
_pdbx_struct_sheet_hbond.range_1_auth_atom_id 
_pdbx_struct_sheet_hbond.range_1_auth_comp_id 
_pdbx_struct_sheet_hbond.range_1_auth_asym_id 
_pdbx_struct_sheet_hbond.range_1_auth_seq_id 
_pdbx_struct_sheet_hbond.range_2_label_atom_id 
_pdbx_struct_sheet_hbond.range_2_label_comp_id 
_pdbx_struct_sheet_hbond.range_2_label_asym_id 
_pdbx_struct_sheet_hbond.range_2_label_seq_id 
_pdbx_struct_sheet_hbond.range_2_PDB_ins_code 
_pdbx_struct_sheet_hbond.range_2_auth_atom_id 
_pdbx_struct_sheet_hbond.range_2_auth_comp_id 
_pdbx_struct_sheet_hbond.range_2_auth_asym_id 
_pdbx_struct_sheet_hbond.range_2_auth_seq_id 
AA1 1 2 N THR A 4   ? N THR A 4   O THR A 76  ? O THR A 76  
AA1 2 3 N ILE A 77  ? N ILE A 77  O LEU A 98  ? O LEU A 98  
AA1 3 4 O GLU A 101 ? O GLU A 101 N THR A 28  ? N THR A 28  
AA1 4 5 N GLY A 29  ? N GLY A 29  O ASP A 38  ? O ASP A 38  
AA2 1 2 N THR A 4   ? N THR A 4   O THR A 76  ? O THR A 76  
AA2 2 3 N ILE A 77  ? N ILE A 77  O LEU A 98  ? O LEU A 98  
AA2 3 4 O GLU A 101 ? O GLU A 101 N THR A 28  ? N THR A 28  
AA2 4 5 N ILE A 25  ? N ILE A 25  O PHE A 47  ? O PHE A 47  
AA3 1 2 N SER B 9   ? N SER B 9   O LYS B 72  ? O LYS B 72  
AA3 2 3 N LEU B 75  ? N LEU B 75  O PHE B 100 ? O PHE B 100 
AA3 3 4 O GLU B 101 ? O GLU B 101 N THR B 28  ? N THR B 28  
AA3 4 5 N GLY B 29  ? N GLY B 29  O ASP B 38  ? O ASP B 38  
AA4 1 2 N SER B 9   ? N SER B 9   O LYS B 72  ? O LYS B 72  
AA4 2 3 N LEU B 75  ? N LEU B 75  O PHE B 100 ? O PHE B 100 
AA4 3 4 O GLU B 101 ? O GLU B 101 N THR B 28  ? N THR B 28  
AA4 4 5 N ILE B 25  ? N ILE B 25  O PHE B 47  ? O PHE B 47  
# 
_pdbx_entry_details.entry_id                   5J6E 
_pdbx_entry_details.compound_details           ? 
_pdbx_entry_details.source_details             ? 
_pdbx_entry_details.nonpolymer_details         ? 
_pdbx_entry_details.sequence_details           ? 
_pdbx_entry_details.has_ligand_of_interest     ? 
_pdbx_entry_details.has_protein_modification   Y 
# 
loop_
_pdbx_validate_close_contact.id 
_pdbx_validate_close_contact.PDB_model_num 
_pdbx_validate_close_contact.auth_atom_id_1 
_pdbx_validate_close_contact.auth_asym_id_1 
_pdbx_validate_close_contact.auth_comp_id_1 
_pdbx_validate_close_contact.auth_seq_id_1 
_pdbx_validate_close_contact.PDB_ins_code_1 
_pdbx_validate_close_contact.label_alt_id_1 
_pdbx_validate_close_contact.auth_atom_id_2 
_pdbx_validate_close_contact.auth_asym_id_2 
_pdbx_validate_close_contact.auth_comp_id_2 
_pdbx_validate_close_contact.auth_seq_id_2 
_pdbx_validate_close_contact.PDB_ins_code_2 
_pdbx_validate_close_contact.label_alt_id_2 
_pdbx_validate_close_contact.dist 
1 1 O  B PRO 89 ? ? CD B PRO 90 ? ? 1.63 
2 1 C  B PRO 89 ? ? CD B PRO 90 ? ? 1.67 
3 1 SG A CYS 91 ? ? CB B CYS 91 ? ? 2.07 
# 
loop_
_pdbx_validate_rmsd_angle.id 
_pdbx_validate_rmsd_angle.PDB_model_num 
_pdbx_validate_rmsd_angle.auth_atom_id_1 
_pdbx_validate_rmsd_angle.auth_asym_id_1 
_pdbx_validate_rmsd_angle.auth_comp_id_1 
_pdbx_validate_rmsd_angle.auth_seq_id_1 
_pdbx_validate_rmsd_angle.PDB_ins_code_1 
_pdbx_validate_rmsd_angle.label_alt_id_1 
_pdbx_validate_rmsd_angle.auth_atom_id_2 
_pdbx_validate_rmsd_angle.auth_asym_id_2 
_pdbx_validate_rmsd_angle.auth_comp_id_2 
_pdbx_validate_rmsd_angle.auth_seq_id_2 
_pdbx_validate_rmsd_angle.PDB_ins_code_2 
_pdbx_validate_rmsd_angle.label_alt_id_2 
_pdbx_validate_rmsd_angle.auth_atom_id_3 
_pdbx_validate_rmsd_angle.auth_asym_id_3 
_pdbx_validate_rmsd_angle.auth_comp_id_3 
_pdbx_validate_rmsd_angle.auth_seq_id_3 
_pdbx_validate_rmsd_angle.PDB_ins_code_3 
_pdbx_validate_rmsd_angle.label_alt_id_3 
_pdbx_validate_rmsd_angle.angle_value 
_pdbx_validate_rmsd_angle.angle_target_value 
_pdbx_validate_rmsd_angle.angle_deviation 
_pdbx_validate_rmsd_angle.angle_standard_deviation 
_pdbx_validate_rmsd_angle.linker_flag 
1 1 C A PRO 89 ? ? N A PRO 90 ? ? CD A PRO 90 ? ? 112.17 128.40 -16.23 2.10 Y 
2 1 C B PRO 89 ? ? N B PRO 90 ? ? CA B PRO 90 ? ? 179.45 119.30 60.15  1.50 Y 
3 1 C B PRO 89 ? ? N B PRO 90 ? ? CD B PRO 90 ? ? 73.23  128.40 -55.17 2.10 Y 
# 
loop_
_pdbx_validate_torsion.id 
_pdbx_validate_torsion.PDB_model_num 
_pdbx_validate_torsion.auth_comp_id 
_pdbx_validate_torsion.auth_asym_id 
_pdbx_validate_torsion.auth_seq_id 
_pdbx_validate_torsion.PDB_ins_code 
_pdbx_validate_torsion.label_alt_id 
_pdbx_validate_torsion.phi 
_pdbx_validate_torsion.psi 
1  1 SER A 39  ? ? -160.72 95.46   
2  1 GLU A 45  ? ? -151.56 89.32   
3  1 PRO A 89  ? ? -45.08  171.17  
4  1 PRO A 90  ? ? 38.13   -88.95  
5  1 ASN A 95  ? ? 60.22   63.80   
6  1 ASN A 108 ? ? 52.64   -98.03  
7  1 ASP B 38  ? ? -172.15 135.47  
8  1 ASN B 44  ? ? 37.50   41.17   
9  1 ILE B 51  ? ? -95.70  -81.76  
10 1 PRO B 90  ? ? 103.39  -51.23  
11 1 CYS B 91  ? ? -50.50  -70.29  
12 1 ASN B 108 ? ? 49.12   -111.24 
# 
_pdbx_validate_peptide_omega.id               1 
_pdbx_validate_peptide_omega.PDB_model_num    1 
_pdbx_validate_peptide_omega.auth_comp_id_1   PRO 
_pdbx_validate_peptide_omega.auth_asym_id_1   A 
_pdbx_validate_peptide_omega.auth_seq_id_1    89 
_pdbx_validate_peptide_omega.PDB_ins_code_1   ? 
_pdbx_validate_peptide_omega.label_alt_id_1   ? 
_pdbx_validate_peptide_omega.auth_comp_id_2   PRO 
_pdbx_validate_peptide_omega.auth_asym_id_2   A 
_pdbx_validate_peptide_omega.auth_seq_id_2    90 
_pdbx_validate_peptide_omega.PDB_ins_code_2   ? 
_pdbx_validate_peptide_omega.label_alt_id_2   ? 
_pdbx_validate_peptide_omega.omega            -139.27 
# 
_phasing.method   MR 
# 
loop_
_chem_comp_atom.comp_id 
_chem_comp_atom.atom_id 
_chem_comp_atom.type_symbol 
_chem_comp_atom.pdbx_aromatic_flag 
_chem_comp_atom.pdbx_stereo_config 
_chem_comp_atom.pdbx_ordinal 
ALA N    N N N 1   
ALA CA   C N S 2   
ALA C    C N N 3   
ALA O    O N N 4   
ALA CB   C N N 5   
ALA OXT  O N N 6   
ALA H    H N N 7   
ALA H2   H N N 8   
ALA HA   H N N 9   
ALA HB1  H N N 10  
ALA HB2  H N N 11  
ALA HB3  H N N 12  
ALA HXT  H N N 13  
ARG N    N N N 14  
ARG CA   C N S 15  
ARG C    C N N 16  
ARG O    O N N 17  
ARG CB   C N N 18  
ARG CG   C N N 19  
ARG CD   C N N 20  
ARG NE   N N N 21  
ARG CZ   C N N 22  
ARG NH1  N N N 23  
ARG NH2  N N N 24  
ARG OXT  O N N 25  
ARG H    H N N 26  
ARG H2   H N N 27  
ARG HA   H N N 28  
ARG HB2  H N N 29  
ARG HB3  H N N 30  
ARG HG2  H N N 31  
ARG HG3  H N N 32  
ARG HD2  H N N 33  
ARG HD3  H N N 34  
ARG HE   H N N 35  
ARG HH11 H N N 36  
ARG HH12 H N N 37  
ARG HH21 H N N 38  
ARG HH22 H N N 39  
ARG HXT  H N N 40  
ASN N    N N N 41  
ASN CA   C N S 42  
ASN C    C N N 43  
ASN O    O N N 44  
ASN CB   C N N 45  
ASN CG   C N N 46  
ASN OD1  O N N 47  
ASN ND2  N N N 48  
ASN OXT  O N N 49  
ASN H    H N N 50  
ASN H2   H N N 51  
ASN HA   H N N 52  
ASN HB2  H N N 53  
ASN HB3  H N N 54  
ASN HD21 H N N 55  
ASN HD22 H N N 56  
ASN HXT  H N N 57  
ASP N    N N N 58  
ASP CA   C N S 59  
ASP C    C N N 60  
ASP O    O N N 61  
ASP CB   C N N 62  
ASP CG   C N N 63  
ASP OD1  O N N 64  
ASP OD2  O N N 65  
ASP OXT  O N N 66  
ASP H    H N N 67  
ASP H2   H N N 68  
ASP HA   H N N 69  
ASP HB2  H N N 70  
ASP HB3  H N N 71  
ASP HD2  H N N 72  
ASP HXT  H N N 73  
CYS N    N N N 74  
CYS CA   C N R 75  
CYS C    C N N 76  
CYS O    O N N 77  
CYS CB   C N N 78  
CYS SG   S N N 79  
CYS OXT  O N N 80  
CYS H    H N N 81  
CYS H2   H N N 82  
CYS HA   H N N 83  
CYS HB2  H N N 84  
CYS HB3  H N N 85  
CYS HG   H N N 86  
CYS HXT  H N N 87  
GLN N    N N N 88  
GLN CA   C N S 89  
GLN C    C N N 90  
GLN O    O N N 91  
GLN CB   C N N 92  
GLN CG   C N N 93  
GLN CD   C N N 94  
GLN OE1  O N N 95  
GLN NE2  N N N 96  
GLN OXT  O N N 97  
GLN H    H N N 98  
GLN H2   H N N 99  
GLN HA   H N N 100 
GLN HB2  H N N 101 
GLN HB3  H N N 102 
GLN HG2  H N N 103 
GLN HG3  H N N 104 
GLN HE21 H N N 105 
GLN HE22 H N N 106 
GLN HXT  H N N 107 
GLU N    N N N 108 
GLU CA   C N S 109 
GLU C    C N N 110 
GLU O    O N N 111 
GLU CB   C N N 112 
GLU CG   C N N 113 
GLU CD   C N N 114 
GLU OE1  O N N 115 
GLU OE2  O N N 116 
GLU OXT  O N N 117 
GLU H    H N N 118 
GLU H2   H N N 119 
GLU HA   H N N 120 
GLU HB2  H N N 121 
GLU HB3  H N N 122 
GLU HG2  H N N 123 
GLU HG3  H N N 124 
GLU HE2  H N N 125 
GLU HXT  H N N 126 
GLY N    N N N 127 
GLY CA   C N N 128 
GLY C    C N N 129 
GLY O    O N N 130 
GLY OXT  O N N 131 
GLY H    H N N 132 
GLY H2   H N N 133 
GLY HA2  H N N 134 
GLY HA3  H N N 135 
GLY HXT  H N N 136 
HIS N    N N N 137 
HIS CA   C N S 138 
HIS C    C N N 139 
HIS O    O N N 140 
HIS CB   C N N 141 
HIS CG   C Y N 142 
HIS ND1  N Y N 143 
HIS CD2  C Y N 144 
HIS CE1  C Y N 145 
HIS NE2  N Y N 146 
HIS OXT  O N N 147 
HIS H    H N N 148 
HIS H2   H N N 149 
HIS HA   H N N 150 
HIS HB2  H N N 151 
HIS HB3  H N N 152 
HIS HD1  H N N 153 
HIS HD2  H N N 154 
HIS HE1  H N N 155 
HIS HE2  H N N 156 
HIS HXT  H N N 157 
ILE N    N N N 158 
ILE CA   C N S 159 
ILE C    C N N 160 
ILE O    O N N 161 
ILE CB   C N S 162 
ILE CG1  C N N 163 
ILE CG2  C N N 164 
ILE CD1  C N N 165 
ILE OXT  O N N 166 
ILE H    H N N 167 
ILE H2   H N N 168 
ILE HA   H N N 169 
ILE HB   H N N 170 
ILE HG12 H N N 171 
ILE HG13 H N N 172 
ILE HG21 H N N 173 
ILE HG22 H N N 174 
ILE HG23 H N N 175 
ILE HD11 H N N 176 
ILE HD12 H N N 177 
ILE HD13 H N N 178 
ILE HXT  H N N 179 
LEU N    N N N 180 
LEU CA   C N S 181 
LEU C    C N N 182 
LEU O    O N N 183 
LEU CB   C N N 184 
LEU CG   C N N 185 
LEU CD1  C N N 186 
LEU CD2  C N N 187 
LEU OXT  O N N 188 
LEU H    H N N 189 
LEU H2   H N N 190 
LEU HA   H N N 191 
LEU HB2  H N N 192 
LEU HB3  H N N 193 
LEU HG   H N N 194 
LEU HD11 H N N 195 
LEU HD12 H N N 196 
LEU HD13 H N N 197 
LEU HD21 H N N 198 
LEU HD22 H N N 199 
LEU HD23 H N N 200 
LEU HXT  H N N 201 
LYS N    N N N 202 
LYS CA   C N S 203 
LYS C    C N N 204 
LYS O    O N N 205 
LYS CB   C N N 206 
LYS CG   C N N 207 
LYS CD   C N N 208 
LYS CE   C N N 209 
LYS NZ   N N N 210 
LYS OXT  O N N 211 
LYS H    H N N 212 
LYS H2   H N N 213 
LYS HA   H N N 214 
LYS HB2  H N N 215 
LYS HB3  H N N 216 
LYS HG2  H N N 217 
LYS HG3  H N N 218 
LYS HD2  H N N 219 
LYS HD3  H N N 220 
LYS HE2  H N N 221 
LYS HE3  H N N 222 
LYS HZ1  H N N 223 
LYS HZ2  H N N 224 
LYS HZ3  H N N 225 
LYS HXT  H N N 226 
MET N    N N N 227 
MET CA   C N S 228 
MET C    C N N 229 
MET O    O N N 230 
MET CB   C N N 231 
MET CG   C N N 232 
MET SD   S N N 233 
MET CE   C N N 234 
MET OXT  O N N 235 
MET H    H N N 236 
MET H2   H N N 237 
MET HA   H N N 238 
MET HB2  H N N 239 
MET HB3  H N N 240 
MET HG2  H N N 241 
MET HG3  H N N 242 
MET HE1  H N N 243 
MET HE2  H N N 244 
MET HE3  H N N 245 
MET HXT  H N N 246 
PHE N    N N N 247 
PHE CA   C N S 248 
PHE C    C N N 249 
PHE O    O N N 250 
PHE CB   C N N 251 
PHE CG   C Y N 252 
PHE CD1  C Y N 253 
PHE CD2  C Y N 254 
PHE CE1  C Y N 255 
PHE CE2  C Y N 256 
PHE CZ   C Y N 257 
PHE OXT  O N N 258 
PHE H    H N N 259 
PHE H2   H N N 260 
PHE HA   H N N 261 
PHE HB2  H N N 262 
PHE HB3  H N N 263 
PHE HD1  H N N 264 
PHE HD2  H N N 265 
PHE HE1  H N N 266 
PHE HE2  H N N 267 
PHE HZ   H N N 268 
PHE HXT  H N N 269 
PRO N    N N N 270 
PRO CA   C N S 271 
PRO C    C N N 272 
PRO O    O N N 273 
PRO CB   C N N 274 
PRO CG   C N N 275 
PRO CD   C N N 276 
PRO OXT  O N N 277 
PRO H    H N N 278 
PRO HA   H N N 279 
PRO HB2  H N N 280 
PRO HB3  H N N 281 
PRO HG2  H N N 282 
PRO HG3  H N N 283 
PRO HD2  H N N 284 
PRO HD3  H N N 285 
PRO HXT  H N N 286 
SER N    N N N 287 
SER CA   C N S 288 
SER C    C N N 289 
SER O    O N N 290 
SER CB   C N N 291 
SER OG   O N N 292 
SER OXT  O N N 293 
SER H    H N N 294 
SER H2   H N N 295 
SER HA   H N N 296 
SER HB2  H N N 297 
SER HB3  H N N 298 
SER HG   H N N 299 
SER HXT  H N N 300 
THR N    N N N 301 
THR CA   C N S 302 
THR C    C N N 303 
THR O    O N N 304 
THR CB   C N R 305 
THR OG1  O N N 306 
THR CG2  C N N 307 
THR OXT  O N N 308 
THR H    H N N 309 
THR H2   H N N 310 
THR HA   H N N 311 
THR HB   H N N 312 
THR HG1  H N N 313 
THR HG21 H N N 314 
THR HG22 H N N 315 
THR HG23 H N N 316 
THR HXT  H N N 317 
TRP N    N N N 318 
TRP CA   C N S 319 
TRP C    C N N 320 
TRP O    O N N 321 
TRP CB   C N N 322 
TRP CG   C Y N 323 
TRP CD1  C Y N 324 
TRP CD2  C Y N 325 
TRP NE1  N Y N 326 
TRP CE2  C Y N 327 
TRP CE3  C Y N 328 
TRP CZ2  C Y N 329 
TRP CZ3  C Y N 330 
TRP CH2  C Y N 331 
TRP OXT  O N N 332 
TRP H    H N N 333 
TRP H2   H N N 334 
TRP HA   H N N 335 
TRP HB2  H N N 336 
TRP HB3  H N N 337 
TRP HD1  H N N 338 
TRP HE1  H N N 339 
TRP HE3  H N N 340 
TRP HZ2  H N N 341 
TRP HZ3  H N N 342 
TRP HH2  H N N 343 
TRP HXT  H N N 344 
TYR N    N N N 345 
TYR CA   C N S 346 
TYR C    C N N 347 
TYR O    O N N 348 
TYR CB   C N N 349 
TYR CG   C Y N 350 
TYR CD1  C Y N 351 
TYR CD2  C Y N 352 
TYR CE1  C Y N 353 
TYR CE2  C Y N 354 
TYR CZ   C Y N 355 
TYR OH   O N N 356 
TYR OXT  O N N 357 
TYR H    H N N 358 
TYR H2   H N N 359 
TYR HA   H N N 360 
TYR HB2  H N N 361 
TYR HB3  H N N 362 
TYR HD1  H N N 363 
TYR HD2  H N N 364 
TYR HE1  H N N 365 
TYR HE2  H N N 366 
TYR HH   H N N 367 
TYR HXT  H N N 368 
VAL N    N N N 369 
VAL CA   C N S 370 
VAL C    C N N 371 
VAL O    O N N 372 
VAL CB   C N N 373 
VAL CG1  C N N 374 
VAL CG2  C N N 375 
VAL OXT  O N N 376 
VAL H    H N N 377 
VAL H2   H N N 378 
VAL HA   H N N 379 
VAL HB   H N N 380 
VAL HG11 H N N 381 
VAL HG12 H N N 382 
VAL HG13 H N N 383 
VAL HG21 H N N 384 
VAL HG22 H N N 385 
VAL HG23 H N N 386 
VAL HXT  H N N 387 
# 
loop_
_chem_comp_bond.comp_id 
_chem_comp_bond.atom_id_1 
_chem_comp_bond.atom_id_2 
_chem_comp_bond.value_order 
_chem_comp_bond.pdbx_aromatic_flag 
_chem_comp_bond.pdbx_stereo_config 
_chem_comp_bond.pdbx_ordinal 
ALA N   CA   sing N N 1   
ALA N   H    sing N N 2   
ALA N   H2   sing N N 3   
ALA CA  C    sing N N 4   
ALA CA  CB   sing N N 5   
ALA CA  HA   sing N N 6   
ALA C   O    doub N N 7   
ALA C   OXT  sing N N 8   
ALA CB  HB1  sing N N 9   
ALA CB  HB2  sing N N 10  
ALA CB  HB3  sing N N 11  
ALA OXT HXT  sing N N 12  
ARG N   CA   sing N N 13  
ARG N   H    sing N N 14  
ARG N   H2   sing N N 15  
ARG CA  C    sing N N 16  
ARG CA  CB   sing N N 17  
ARG CA  HA   sing N N 18  
ARG C   O    doub N N 19  
ARG C   OXT  sing N N 20  
ARG CB  CG   sing N N 21  
ARG CB  HB2  sing N N 22  
ARG CB  HB3  sing N N 23  
ARG CG  CD   sing N N 24  
ARG CG  HG2  sing N N 25  
ARG CG  HG3  sing N N 26  
ARG CD  NE   sing N N 27  
ARG CD  HD2  sing N N 28  
ARG CD  HD3  sing N N 29  
ARG NE  CZ   sing N N 30  
ARG NE  HE   sing N N 31  
ARG CZ  NH1  sing N N 32  
ARG CZ  NH2  doub N N 33  
ARG NH1 HH11 sing N N 34  
ARG NH1 HH12 sing N N 35  
ARG NH2 HH21 sing N N 36  
ARG NH2 HH22 sing N N 37  
ARG OXT HXT  sing N N 38  
ASN N   CA   sing N N 39  
ASN N   H    sing N N 40  
ASN N   H2   sing N N 41  
ASN CA  C    sing N N 42  
ASN CA  CB   sing N N 43  
ASN CA  HA   sing N N 44  
ASN C   O    doub N N 45  
ASN C   OXT  sing N N 46  
ASN CB  CG   sing N N 47  
ASN CB  HB2  sing N N 48  
ASN CB  HB3  sing N N 49  
ASN CG  OD1  doub N N 50  
ASN CG  ND2  sing N N 51  
ASN ND2 HD21 sing N N 52  
ASN ND2 HD22 sing N N 53  
ASN OXT HXT  sing N N 54  
ASP N   CA   sing N N 55  
ASP N   H    sing N N 56  
ASP N   H2   sing N N 57  
ASP CA  C    sing N N 58  
ASP CA  CB   sing N N 59  
ASP CA  HA   sing N N 60  
ASP C   O    doub N N 61  
ASP C   OXT  sing N N 62  
ASP CB  CG   sing N N 63  
ASP CB  HB2  sing N N 64  
ASP CB  HB3  sing N N 65  
ASP CG  OD1  doub N N 66  
ASP CG  OD2  sing N N 67  
ASP OD2 HD2  sing N N 68  
ASP OXT HXT  sing N N 69  
CYS N   CA   sing N N 70  
CYS N   H    sing N N 71  
CYS N   H2   sing N N 72  
CYS CA  C    sing N N 73  
CYS CA  CB   sing N N 74  
CYS CA  HA   sing N N 75  
CYS C   O    doub N N 76  
CYS C   OXT  sing N N 77  
CYS CB  SG   sing N N 78  
CYS CB  HB2  sing N N 79  
CYS CB  HB3  sing N N 80  
CYS SG  HG   sing N N 81  
CYS OXT HXT  sing N N 82  
GLN N   CA   sing N N 83  
GLN N   H    sing N N 84  
GLN N   H2   sing N N 85  
GLN CA  C    sing N N 86  
GLN CA  CB   sing N N 87  
GLN CA  HA   sing N N 88  
GLN C   O    doub N N 89  
GLN C   OXT  sing N N 90  
GLN CB  CG   sing N N 91  
GLN CB  HB2  sing N N 92  
GLN CB  HB3  sing N N 93  
GLN CG  CD   sing N N 94  
GLN CG  HG2  sing N N 95  
GLN CG  HG3  sing N N 96  
GLN CD  OE1  doub N N 97  
GLN CD  NE2  sing N N 98  
GLN NE2 HE21 sing N N 99  
GLN NE2 HE22 sing N N 100 
GLN OXT HXT  sing N N 101 
GLU N   CA   sing N N 102 
GLU N   H    sing N N 103 
GLU N   H2   sing N N 104 
GLU CA  C    sing N N 105 
GLU CA  CB   sing N N 106 
GLU CA  HA   sing N N 107 
GLU C   O    doub N N 108 
GLU C   OXT  sing N N 109 
GLU CB  CG   sing N N 110 
GLU CB  HB2  sing N N 111 
GLU CB  HB3  sing N N 112 
GLU CG  CD   sing N N 113 
GLU CG  HG2  sing N N 114 
GLU CG  HG3  sing N N 115 
GLU CD  OE1  doub N N 116 
GLU CD  OE2  sing N N 117 
GLU OE2 HE2  sing N N 118 
GLU OXT HXT  sing N N 119 
GLY N   CA   sing N N 120 
GLY N   H    sing N N 121 
GLY N   H2   sing N N 122 
GLY CA  C    sing N N 123 
GLY CA  HA2  sing N N 124 
GLY CA  HA3  sing N N 125 
GLY C   O    doub N N 126 
GLY C   OXT  sing N N 127 
GLY OXT HXT  sing N N 128 
HIS N   CA   sing N N 129 
HIS N   H    sing N N 130 
HIS N   H2   sing N N 131 
HIS CA  C    sing N N 132 
HIS CA  CB   sing N N 133 
HIS CA  HA   sing N N 134 
HIS C   O    doub N N 135 
HIS C   OXT  sing N N 136 
HIS CB  CG   sing N N 137 
HIS CB  HB2  sing N N 138 
HIS CB  HB3  sing N N 139 
HIS CG  ND1  sing Y N 140 
HIS CG  CD2  doub Y N 141 
HIS ND1 CE1  doub Y N 142 
HIS ND1 HD1  sing N N 143 
HIS CD2 NE2  sing Y N 144 
HIS CD2 HD2  sing N N 145 
HIS CE1 NE2  sing Y N 146 
HIS CE1 HE1  sing N N 147 
HIS NE2 HE2  sing N N 148 
HIS OXT HXT  sing N N 149 
ILE N   CA   sing N N 150 
ILE N   H    sing N N 151 
ILE N   H2   sing N N 152 
ILE CA  C    sing N N 153 
ILE CA  CB   sing N N 154 
ILE CA  HA   sing N N 155 
ILE C   O    doub N N 156 
ILE C   OXT  sing N N 157 
ILE CB  CG1  sing N N 158 
ILE CB  CG2  sing N N 159 
ILE CB  HB   sing N N 160 
ILE CG1 CD1  sing N N 161 
ILE CG1 HG12 sing N N 162 
ILE CG1 HG13 sing N N 163 
ILE CG2 HG21 sing N N 164 
ILE CG2 HG22 sing N N 165 
ILE CG2 HG23 sing N N 166 
ILE CD1 HD11 sing N N 167 
ILE CD1 HD12 sing N N 168 
ILE CD1 HD13 sing N N 169 
ILE OXT HXT  sing N N 170 
LEU N   CA   sing N N 171 
LEU N   H    sing N N 172 
LEU N   H2   sing N N 173 
LEU CA  C    sing N N 174 
LEU CA  CB   sing N N 175 
LEU CA  HA   sing N N 176 
LEU C   O    doub N N 177 
LEU C   OXT  sing N N 178 
LEU CB  CG   sing N N 179 
LEU CB  HB2  sing N N 180 
LEU CB  HB3  sing N N 181 
LEU CG  CD1  sing N N 182 
LEU CG  CD2  sing N N 183 
LEU CG  HG   sing N N 184 
LEU CD1 HD11 sing N N 185 
LEU CD1 HD12 sing N N 186 
LEU CD1 HD13 sing N N 187 
LEU CD2 HD21 sing N N 188 
LEU CD2 HD22 sing N N 189 
LEU CD2 HD23 sing N N 190 
LEU OXT HXT  sing N N 191 
LYS N   CA   sing N N 192 
LYS N   H    sing N N 193 
LYS N   H2   sing N N 194 
LYS CA  C    sing N N 195 
LYS CA  CB   sing N N 196 
LYS CA  HA   sing N N 197 
LYS C   O    doub N N 198 
LYS C   OXT  sing N N 199 
LYS CB  CG   sing N N 200 
LYS CB  HB2  sing N N 201 
LYS CB  HB3  sing N N 202 
LYS CG  CD   sing N N 203 
LYS CG  HG2  sing N N 204 
LYS CG  HG3  sing N N 205 
LYS CD  CE   sing N N 206 
LYS CD  HD2  sing N N 207 
LYS CD  HD3  sing N N 208 
LYS CE  NZ   sing N N 209 
LYS CE  HE2  sing N N 210 
LYS CE  HE3  sing N N 211 
LYS NZ  HZ1  sing N N 212 
LYS NZ  HZ2  sing N N 213 
LYS NZ  HZ3  sing N N 214 
LYS OXT HXT  sing N N 215 
MET N   CA   sing N N 216 
MET N   H    sing N N 217 
MET N   H2   sing N N 218 
MET CA  C    sing N N 219 
MET CA  CB   sing N N 220 
MET CA  HA   sing N N 221 
MET C   O    doub N N 222 
MET C   OXT  sing N N 223 
MET CB  CG   sing N N 224 
MET CB  HB2  sing N N 225 
MET CB  HB3  sing N N 226 
MET CG  SD   sing N N 227 
MET CG  HG2  sing N N 228 
MET CG  HG3  sing N N 229 
MET SD  CE   sing N N 230 
MET CE  HE1  sing N N 231 
MET CE  HE2  sing N N 232 
MET CE  HE3  sing N N 233 
MET OXT HXT  sing N N 234 
PHE N   CA   sing N N 235 
PHE N   H    sing N N 236 
PHE N   H2   sing N N 237 
PHE CA  C    sing N N 238 
PHE CA  CB   sing N N 239 
PHE CA  HA   sing N N 240 
PHE C   O    doub N N 241 
PHE C   OXT  sing N N 242 
PHE CB  CG   sing N N 243 
PHE CB  HB2  sing N N 244 
PHE CB  HB3  sing N N 245 
PHE CG  CD1  doub Y N 246 
PHE CG  CD2  sing Y N 247 
PHE CD1 CE1  sing Y N 248 
PHE CD1 HD1  sing N N 249 
PHE CD2 CE2  doub Y N 250 
PHE CD2 HD2  sing N N 251 
PHE CE1 CZ   doub Y N 252 
PHE CE1 HE1  sing N N 253 
PHE CE2 CZ   sing Y N 254 
PHE CE2 HE2  sing N N 255 
PHE CZ  HZ   sing N N 256 
PHE OXT HXT  sing N N 257 
PRO N   CA   sing N N 258 
PRO N   CD   sing N N 259 
PRO N   H    sing N N 260 
PRO CA  C    sing N N 261 
PRO CA  CB   sing N N 262 
PRO CA  HA   sing N N 263 
PRO C   O    doub N N 264 
PRO C   OXT  sing N N 265 
PRO CB  CG   sing N N 266 
PRO CB  HB2  sing N N 267 
PRO CB  HB3  sing N N 268 
PRO CG  CD   sing N N 269 
PRO CG  HG2  sing N N 270 
PRO CG  HG3  sing N N 271 
PRO CD  HD2  sing N N 272 
PRO CD  HD3  sing N N 273 
PRO OXT HXT  sing N N 274 
SER N   CA   sing N N 275 
SER N   H    sing N N 276 
SER N   H2   sing N N 277 
SER CA  C    sing N N 278 
SER CA  CB   sing N N 279 
SER CA  HA   sing N N 280 
SER C   O    doub N N 281 
SER C   OXT  sing N N 282 
SER CB  OG   sing N N 283 
SER CB  HB2  sing N N 284 
SER CB  HB3  sing N N 285 
SER OG  HG   sing N N 286 
SER OXT HXT  sing N N 287 
THR N   CA   sing N N 288 
THR N   H    sing N N 289 
THR N   H2   sing N N 290 
THR CA  C    sing N N 291 
THR CA  CB   sing N N 292 
THR CA  HA   sing N N 293 
THR C   O    doub N N 294 
THR C   OXT  sing N N 295 
THR CB  OG1  sing N N 296 
THR CB  CG2  sing N N 297 
THR CB  HB   sing N N 298 
THR OG1 HG1  sing N N 299 
THR CG2 HG21 sing N N 300 
THR CG2 HG22 sing N N 301 
THR CG2 HG23 sing N N 302 
THR OXT HXT  sing N N 303 
TRP N   CA   sing N N 304 
TRP N   H    sing N N 305 
TRP N   H2   sing N N 306 
TRP CA  C    sing N N 307 
TRP CA  CB   sing N N 308 
TRP CA  HA   sing N N 309 
TRP C   O    doub N N 310 
TRP C   OXT  sing N N 311 
TRP CB  CG   sing N N 312 
TRP CB  HB2  sing N N 313 
TRP CB  HB3  sing N N 314 
TRP CG  CD1  doub Y N 315 
TRP CG  CD2  sing Y N 316 
TRP CD1 NE1  sing Y N 317 
TRP CD1 HD1  sing N N 318 
TRP CD2 CE2  doub Y N 319 
TRP CD2 CE3  sing Y N 320 
TRP NE1 CE2  sing Y N 321 
TRP NE1 HE1  sing N N 322 
TRP CE2 CZ2  sing Y N 323 
TRP CE3 CZ3  doub Y N 324 
TRP CE3 HE3  sing N N 325 
TRP CZ2 CH2  doub Y N 326 
TRP CZ2 HZ2  sing N N 327 
TRP CZ3 CH2  sing Y N 328 
TRP CZ3 HZ3  sing N N 329 
TRP CH2 HH2  sing N N 330 
TRP OXT HXT  sing N N 331 
TYR N   CA   sing N N 332 
TYR N   H    sing N N 333 
TYR N   H2   sing N N 334 
TYR CA  C    sing N N 335 
TYR CA  CB   sing N N 336 
TYR CA  HA   sing N N 337 
TYR C   O    doub N N 338 
TYR C   OXT  sing N N 339 
TYR CB  CG   sing N N 340 
TYR CB  HB2  sing N N 341 
TYR CB  HB3  sing N N 342 
TYR CG  CD1  doub Y N 343 
TYR CG  CD2  sing Y N 344 
TYR CD1 CE1  sing Y N 345 
TYR CD1 HD1  sing N N 346 
TYR CD2 CE2  doub Y N 347 
TYR CD2 HD2  sing N N 348 
TYR CE1 CZ   doub Y N 349 
TYR CE1 HE1  sing N N 350 
TYR CE2 CZ   sing Y N 351 
TYR CE2 HE2  sing N N 352 
TYR CZ  OH   sing N N 353 
TYR OH  HH   sing N N 354 
TYR OXT HXT  sing N N 355 
VAL N   CA   sing N N 356 
VAL N   H    sing N N 357 
VAL N   H2   sing N N 358 
VAL CA  C    sing N N 359 
VAL CA  CB   sing N N 360 
VAL CA  HA   sing N N 361 
VAL C   O    doub N N 362 
VAL C   OXT  sing N N 363 
VAL CB  CG1  sing N N 364 
VAL CB  CG2  sing N N 365 
VAL CB  HB   sing N N 366 
VAL CG1 HG11 sing N N 367 
VAL CG1 HG12 sing N N 368 
VAL CG1 HG13 sing N N 369 
VAL CG2 HG21 sing N N 370 
VAL CG2 HG22 sing N N 371 
VAL CG2 HG23 sing N N 372 
VAL OXT HXT  sing N N 373 
# 
_atom_sites.entry_id                    5J6E 
_atom_sites.fract_transf_matrix[1][1]   0.00664026 
_atom_sites.fract_transf_matrix[1][2]   -0.00327490 
_atom_sites.fract_transf_matrix[1][3]   -0.00404184 
_atom_sites.fract_transf_matrix[2][1]   0.00735853 
_atom_sites.fract_transf_matrix[2][2]   -0.00090778 
_atom_sites.fract_transf_matrix[2][3]   0.00402209 
_atom_sites.fract_transf_matrix[3][1]   -0.00827298 
_atom_sites.fract_transf_matrix[3][2]   -0.02773031 
_atom_sites.fract_transf_matrix[3][3]   0.00887695 
_atom_sites.fract_transf_vector[1]      0.410113 
_atom_sites.fract_transf_vector[2]      0.419094 
_atom_sites.fract_transf_vector[3]      0.008716 
# 
loop_
_atom_type.symbol 
C 
N 
O 
S 
# 
loop_
_atom_site.group_PDB 
_atom_site.id 
_atom_site.type_symbol 
_atom_site.label_atom_id 
_atom_site.label_alt_id 
_atom_site.label_comp_id 
_atom_site.label_asym_id 
_atom_site.label_entity_id 
_atom_site.label_seq_id 
_atom_site.pdbx_PDB_ins_code 
_atom_site.Cartn_x 
_atom_site.Cartn_y 
_atom_site.Cartn_z 
_atom_site.occupancy 
_atom_site.B_iso_or_equiv 
_atom_site.pdbx_formal_charge 
_atom_site.auth_seq_id 
_atom_site.auth_comp_id 
_atom_site.auth_asym_id 
_atom_site.auth_atom_id 
_atom_site.pdbx_PDB_model_num 
ATOM 1    N N   . MET A 1 1   ? -12.614 -16.302 -15.420 1.00 26.82  ? 1   MET A N   1 
ATOM 2    C CA  . MET A 1 1   ? -11.836 -17.220 -14.568 1.00 46.70  ? 1   MET A CA  1 
ATOM 3    C C   . MET A 1 1   ? -10.836 -16.544 -13.602 1.00 37.62  ? 1   MET A C   1 
ATOM 4    O O   . MET A 1 1   ? -11.223 -16.047 -12.527 1.00 18.60  ? 1   MET A O   1 
ATOM 5    C CB  . MET A 1 1   ? -11.098 -18.242 -15.442 1.00 41.32  ? 1   MET A CB  1 
ATOM 6    N N   . GLY A 1 2   ? -9.555  -16.566 -13.997 1.00 34.63  ? 2   GLY A N   1 
ATOM 7    C CA  . GLY A 1 2   ? -8.448  -16.036 -13.212 1.00 24.13  ? 2   GLY A CA  1 
ATOM 8    C C   . GLY A 1 2   ? -8.318  -14.529 -13.267 1.00 19.53  ? 2   GLY A C   1 
ATOM 9    O O   . GLY A 1 2   ? -8.225  -13.866 -12.236 1.00 23.95  ? 2   GLY A O   1 
ATOM 10   N N   . VAL A 1 3   ? -8.311  -13.980 -14.470 1.00 17.77  ? 3   VAL A N   1 
ATOM 11   C CA  . VAL A 1 3   ? -8.570  -12.549 -14.616 1.00 22.62  ? 3   VAL A CA  1 
ATOM 12   C C   . VAL A 1 3   ? -9.853  -12.268 -15.432 1.00 21.47  ? 3   VAL A C   1 
ATOM 13   O O   . VAL A 1 3   ? -10.112 -12.928 -16.443 1.00 17.91  ? 3   VAL A O   1 
ATOM 14   C CB  . VAL A 1 3   ? -7.370  -11.799 -15.217 1.00 16.38  ? 3   VAL A CB  1 
ATOM 15   C CG1 . VAL A 1 3   ? -6.840  -12.511 -16.460 1.00 11.56  ? 3   VAL A CG1 1 
ATOM 16   C CG2 . VAL A 1 3   ? -7.757  -10.361 -15.510 1.00 11.49  ? 3   VAL A CG2 1 
ATOM 17   N N   . THR A 1 4   ? -10.658 -11.310 -14.976 1.00 16.33  ? 4   THR A N   1 
ATOM 18   C CA  . THR A 1 4   ? -11.851 -10.901 -15.714 1.00 13.80  ? 4   THR A CA  1 
ATOM 19   C C   . THR A 1 4   ? -11.794 -9.420  -16.114 1.00 16.09  ? 4   THR A C   1 
ATOM 20   O O   . THR A 1 4   ? -11.355 -8.559  -15.346 1.00 13.85  ? 4   THR A O   1 
ATOM 21   C CB  . THR A 1 4   ? -13.149 -11.254 -14.962 1.00 7.59   ? 4   THR A CB  1 
ATOM 22   O OG1 . THR A 1 4   ? -12.887 -11.320 -13.564 1.00 6.48   ? 4   THR A OG1 1 
ATOM 23   C CG2 . THR A 1 4   ? -13.616 -12.617 -15.356 1.00 17.24  ? 4   THR A CG2 1 
ATOM 24   N N   . LYS A 1 5   ? -12.213 -9.136  -17.339 1.00 14.75  ? 5   LYS A N   1 
ATOM 25   C CA  . LYS A 1 5   ? -12.153 -7.779  -17.847 1.00 14.19  ? 5   LYS A CA  1 
ATOM 26   C C   . LYS A 1 5   ? -13.535 -7.129  -17.781 1.00 24.55  ? 5   LYS A C   1 
ATOM 27   O O   . LYS A 1 5   ? -14.568 -7.809  -17.750 1.00 27.34  ? 5   LYS A O   1 
ATOM 28   C CB  . LYS A 1 5   ? -11.612 -7.764  -19.284 1.00 14.08  ? 5   LYS A CB  1 
ATOM 29   C CG  . LYS A 1 5   ? -10.973 -6.443  -19.731 1.00 14.42  ? 5   LYS A CG  1 
ATOM 30   C CD  . LYS A 1 5   ? -10.510 -6.476  -21.188 1.00 10.02  ? 5   LYS A CD  1 
ATOM 31   C CE  . LYS A 1 5   ? -11.691 -6.486  -22.135 1.00 9.43   ? 5   LYS A CE  1 
ATOM 32   N NZ  . LYS A 1 5   ? -11.250 -6.168  -23.516 1.00 9.33   ? 5   LYS A NZ  1 
ATOM 33   N N   . GLU A 1 6   ? -13.543 -5.802  -17.744 1.00 30.06  ? 6   GLU A N   1 
ATOM 34   C CA  . GLU A 1 6   ? -14.776 -5.040  -17.826 1.00 23.86  ? 6   GLU A CA  1 
ATOM 35   C C   . GLU A 1 6   ? -14.539 -3.778  -18.633 1.00 20.23  ? 6   GLU A C   1 
ATOM 36   O O   . GLU A 1 6   ? -14.247 -2.727  -18.059 1.00 19.33  ? 6   GLU A O   1 
ATOM 37   C CB  . GLU A 1 6   ? -15.248 -4.672  -16.434 1.00 24.41  ? 6   GLU A CB  1 
ATOM 38   C CG  . GLU A 1 6   ? -16.523 -3.894  -16.446 1.00 31.11  ? 6   GLU A CG  1 
ATOM 39   C CD  . GLU A 1 6   ? -16.983 -3.557  -15.057 1.00 52.76  ? 6   GLU A CD  1 
ATOM 40   O OE1 . GLU A 1 6   ? -16.211 -3.792  -14.093 1.00 49.00  ? 6   GLU A OE1 1 
ATOM 41   O OE2 . GLU A 1 6   ? -18.119 -3.055  -14.937 1.00 51.91  ? 6   GLU A OE2 1 
ATOM 42   N N   . LEU A 1 7   ? -14.660 -3.887  -19.958 1.00 17.96  ? 7   LEU A N   1 
ATOM 43   C CA  . LEU A 1 7   ? -14.404 -2.758  -20.844 1.00 16.40  ? 7   LEU A CA  1 
ATOM 44   C C   . LEU A 1 7   ? -15.262 -1.586  -20.410 1.00 15.63  ? 7   LEU A C   1 
ATOM 45   O O   . LEU A 1 7   ? -16.484 -1.696  -20.349 1.00 9.58   ? 7   LEU A O   1 
ATOM 46   C CB  . LEU A 1 7   ? -14.674 -3.112  -22.311 1.00 12.15  ? 7   LEU A CB  1 
ATOM 47   C CG  . LEU A 1 7   ? -14.866 -1.925  -23.271 1.00 11.00  ? 7   LEU A CG  1 
ATOM 48   C CD1 . LEU A 1 7   ? -14.481 -2.282  -24.694 1.00 10.27  ? 7   LEU A CD1 1 
ATOM 49   C CD2 . LEU A 1 7   ? -16.297 -1.396  -23.240 1.00 10.58  ? 7   LEU A CD2 1 
ATOM 50   N N   . LYS A 1 8   ? -14.605 -0.472  -20.097 1.00 17.86  ? 8   LYS A N   1 
ATOM 51   C CA  . LYS A 1 8   ? -15.269 0.733   -19.610 1.00 15.92  ? 8   LYS A CA  1 
ATOM 52   C C   . LYS A 1 8   ? -15.390 1.719   -20.731 1.00 9.90   ? 8   LYS A C   1 
ATOM 53   O O   . LYS A 1 8   ? -16.410 2.377   -20.885 1.00 8.70   ? 8   LYS A O   1 
ATOM 54   C CB  . LYS A 1 8   ? -14.443 1.383   -18.516 1.00 16.53  ? 8   LYS A CB  1 
ATOM 55   C CG  . LYS A 1 8   ? -14.357 0.569   -17.281 1.00 15.88  ? 8   LYS A CG  1 
ATOM 56   C CD  . LYS A 1 8   ? -15.730 0.378   -16.701 1.00 20.02  ? 8   LYS A CD  1 
ATOM 57   C CE  . LYS A 1 8   ? -15.663 -0.586  -15.540 1.00 39.72  ? 8   LYS A CE  1 
ATOM 58   N NZ  . LYS A 1 8   ? -16.975 -0.737  -14.874 1.00 35.99  ? 8   LYS A NZ  1 
ATOM 59   N N   . SER A 1 9   ? -14.309 1.822   -21.488 1.00 10.66  ? 9   SER A N   1 
ATOM 60   C CA  . SER A 1 9   ? -14.262 2.647   -22.684 1.00 13.41  ? 9   SER A CA  1 
ATOM 61   C C   . SER A 1 9   ? -13.506 1.953   -23.851 1.00 14.19  ? 9   SER A C   1 
ATOM 62   O O   . SER A 1 9   ? -12.413 1.407   -23.668 1.00 14.06  ? 9   SER A O   1 
ATOM 63   C CB  . SER A 1 9   ? -13.657 4.004   -22.335 1.00 13.00  ? 9   SER A CB  1 
ATOM 64   O OG  . SER A 1 9   ? -13.828 4.903   -23.407 1.00 22.05  ? 9   SER A OG  1 
ATOM 65   N N   . PRO A 1 10  ? -14.102 1.953   -25.053 1.00 12.21  ? 10  PRO A N   1 
ATOM 66   C CA  . PRO A 1 10  ? -13.580 1.161   -26.181 1.00 13.05  ? 10  PRO A CA  1 
ATOM 67   C C   . PRO A 1 10  ? -12.310 1.725   -26.792 1.00 10.82  ? 10  PRO A C   1 
ATOM 68   O O   . PRO A 1 10  ? -12.204 2.932   -26.951 1.00 16.28  ? 10  PRO A O   1 
ATOM 69   C CB  . PRO A 1 10  ? -14.708 1.236   -27.218 1.00 9.83   ? 10  PRO A CB  1 
ATOM 70   C CG  . PRO A 1 10  ? -15.450 2.458   -26.880 1.00 12.51  ? 10  PRO A CG  1 
ATOM 71   C CD  . PRO A 1 10  ? -15.358 2.637   -25.395 1.00 10.33  ? 10  PRO A CD  1 
ATOM 72   N N   . GLY A 1 11  ? -11.368 0.858   -27.135 1.00 12.30  ? 11  GLY A N   1 
ATOM 73   C CA  . GLY A 1 11  ? -10.171 1.279   -27.844 1.00 11.21  ? 11  GLY A CA  1 
ATOM 74   C C   . GLY A 1 11  ? -10.501 1.222   -29.321 1.00 12.63  ? 11  GLY A C   1 
ATOM 75   O O   . GLY A 1 11  ? -11.683 1.254   -29.677 1.00 11.52  ? 11  GLY A O   1 
ATOM 76   N N   . ASN A 1 12  ? -9.483  1.111   -30.177 1.00 10.91  ? 12  ASN A N   1 
ATOM 77   C CA  . ASN A 1 12  ? -9.717  1.145   -31.621 1.00 8.16   ? 12  ASN A CA  1 
ATOM 78   C C   . ASN A 1 12  ? -10.198 -0.177  -32.198 1.00 12.49  ? 12  ASN A C   1 
ATOM 79   O O   . ASN A 1 12  ? -10.444 -0.287  -33.399 1.00 14.85  ? 12  ASN A O   1 
ATOM 80   C CB  . ASN A 1 12  ? -8.495  1.655   -32.378 1.00 6.52   ? 12  ASN A CB  1 
ATOM 81   C CG  . ASN A 1 12  ? -7.345  0.689   -32.350 1.00 10.62  ? 12  ASN A CG  1 
ATOM 82   O OD1 . ASN A 1 12  ? -7.524  -0.518  -32.178 1.00 13.68  ? 12  ASN A OD1 1 
ATOM 83   N ND2 . ASN A 1 12  ? -6.144  1.213   -32.523 1.00 13.41  ? 12  ASN A ND2 1 
ATOM 84   N N   . GLY A 1 13  ? -10.325 -1.180  -31.335 1.00 12.10  ? 13  GLY A N   1 
ATOM 85   C CA  . GLY A 1 13  ? -10.922 -2.445  -31.718 1.00 12.12  ? 13  GLY A CA  1 
ATOM 86   C C   . GLY A 1 13  ? -10.290 -3.071  -32.935 1.00 11.34  ? 13  GLY A C   1 
ATOM 87   O O   . GLY A 1 13  ? -10.888 -3.902  -33.622 1.00 9.70   ? 13  GLY A O   1 
ATOM 88   N N   . VAL A 1 14  ? -9.063  -2.651  -33.200 1.00 14.26  ? 14  VAL A N   1 
ATOM 89   C CA  . VAL A 1 14  ? -8.264  -3.246  -34.256 1.00 13.74  ? 14  VAL A CA  1 
ATOM 90   C C   . VAL A 1 14  ? -6.945  -3.744  -33.694 1.00 13.64  ? 14  VAL A C   1 
ATOM 91   O O   . VAL A 1 14  ? -6.519  -4.853  -33.978 1.00 15.87  ? 14  VAL A O   1 
ATOM 92   C CB  . VAL A 1 14  ? -7.920  -2.238  -35.320 1.00 11.00  ? 14  VAL A CB  1 
ATOM 93   C CG1 . VAL A 1 14  ? -6.848  -2.827  -36.214 1.00 10.05  ? 14  VAL A CG1 1 
ATOM 94   C CG2 . VAL A 1 14  ? -9.186  -1.830  -36.091 1.00 13.76  ? 14  VAL A CG2 1 
ATOM 95   N N   . ASP A 1 15  ? -6.304  -2.909  -32.885 1.00 13.97  ? 15  ASP A N   1 
ATOM 96   C CA  . ASP A 1 15  ? -4.963  -3.186  -32.408 1.00 10.64  ? 15  ASP A CA  1 
ATOM 97   C C   . ASP A 1 15  ? -4.931  -3.857  -31.061 1.00 12.08  ? 15  ASP A C   1 
ATOM 98   O O   . ASP A 1 15  ? -5.207  -3.233  -30.051 1.00 12.85  ? 15  ASP A O   1 
ATOM 99   C CB  . ASP A 1 15  ? -4.207  -1.888  -32.350 1.00 7.62   ? 15  ASP A CB  1 
ATOM 100  C CG  . ASP A 1 15  ? -3.976  -1.333  -33.714 1.00 12.17  ? 15  ASP A CG  1 
ATOM 101  O OD1 . ASP A 1 15  ? -3.763  -2.168  -34.614 1.00 18.76  ? 15  ASP A OD1 1 
ATOM 102  O OD2 . ASP A 1 15  ? -4.036  -0.099  -33.907 1.00 12.60  ? 15  ASP A OD2 1 
ATOM 103  N N   . PHE A 1 16  ? -4.579  -5.134  -31.045 1.00 13.17  ? 16  PHE A N   1 
ATOM 104  C CA  . PHE A 1 16  ? -4.490  -5.851  -29.790 1.00 11.03  ? 16  PHE A CA  1 
ATOM 105  C C   . PHE A 1 16  ? -3.062  -6.232  -29.534 1.00 9.74   ? 16  PHE A C   1 
ATOM 106  O O   . PHE A 1 16  ? -2.330  -6.579  -30.456 1.00 13.64  ? 16  PHE A O   1 
ATOM 107  C CB  . PHE A 1 16  ? -5.356  -7.108  -29.823 1.00 13.69  ? 16  PHE A CB  1 
ATOM 108  C CG  . PHE A 1 16  ? -6.825  -6.817  -29.900 1.00 19.72  ? 16  PHE A CG  1 
ATOM 109  C CD1 . PHE A 1 16  ? -7.418  -6.495  -31.120 1.00 19.71  ? 16  PHE A CD1 1 
ATOM 110  C CD2 . PHE A 1 16  ? -7.618  -6.846  -28.750 1.00 19.48  ? 16  PHE A CD2 1 
ATOM 111  C CE1 . PHE A 1 16  ? -8.787  -6.211  -31.199 1.00 21.81  ? 16  PHE A CE1 1 
ATOM 112  C CE2 . PHE A 1 16  ? -8.989  -6.564  -28.820 1.00 20.57  ? 16  PHE A CE2 1 
ATOM 113  C CZ  . PHE A 1 16  ? -9.576  -6.244  -30.050 1.00 20.20  ? 16  PHE A CZ  1 
ATOM 114  N N   . PRO A 1 17  ? -2.660  -6.173  -28.270 1.00 9.01   ? 17  PRO A N   1 
ATOM 115  C CA  . PRO A 1 17  ? -1.365  -6.688  -27.835 1.00 9.11   ? 17  PRO A CA  1 
ATOM 116  C C   . PRO A 1 17  ? -1.256  -8.199  -28.061 1.00 14.92  ? 17  PRO A C   1 
ATOM 117  O O   . PRO A 1 17  ? -2.003  -8.983  -27.462 1.00 18.69  ? 17  PRO A O   1 
ATOM 118  C CB  . PRO A 1 17  ? -1.371  -6.413  -26.334 1.00 9.62   ? 17  PRO A CB  1 
ATOM 119  C CG  . PRO A 1 17  ? -2.457  -5.424  -26.110 1.00 10.60  ? 17  PRO A CG  1 
ATOM 120  C CD  . PRO A 1 17  ? -3.471  -5.667  -27.154 1.00 9.84   ? 17  PRO A CD  1 
ATOM 121  N N   . LYS A 1 18  ? -0.327  -8.602  -28.921 1.00 16.50  ? 18  LYS A N   1 
ATOM 122  C CA  . LYS A 1 18  ? 0.068   -10.000 -29.010 1.00 13.02  ? 18  LYS A CA  1 
ATOM 123  C C   . LYS A 1 18  ? 1.307   -10.216 -28.131 1.00 13.06  ? 18  LYS A C   1 
ATOM 124  O O   . LYS A 1 18  ? 1.961   -9.258  -27.713 1.00 12.42  ? 18  LYS A O   1 
ATOM 125  C CB  . LYS A 1 18  ? 0.330   -10.412 -30.459 1.00 12.88  ? 18  LYS A CB  1 
ATOM 126  C CG  . LYS A 1 18  ? 1.537   -9.709  -31.078 1.00 37.56  ? 18  LYS A CG  1 
ATOM 127  C CD  . LYS A 1 18  ? 1.828   -10.127 -32.520 1.00 43.23  ? 18  LYS A CD  1 
ATOM 128  C CE  . LYS A 1 18  ? 3.059   -11.024 -32.606 1.00 44.48  ? 18  LYS A CE  1 
ATOM 129  N NZ  . LYS A 1 18  ? 3.254   -11.540 -33.989 1.00 55.36  ? 18  LYS A NZ  1 
ATOM 130  N N   . LYS A 1 19  ? 1.605   -11.475 -27.829 1.00 25.55  ? 19  LYS A N   1 
ATOM 131  C CA  . LYS A 1 19  ? 2.686   -11.800 -26.902 1.00 21.59  ? 19  LYS A CA  1 
ATOM 132  C C   . LYS A 1 19  ? 3.972   -11.217 -27.445 1.00 18.84  ? 19  LYS A C   1 
ATOM 133  O O   . LYS A 1 19  ? 4.184   -11.144 -28.672 1.00 11.51  ? 19  LYS A O   1 
ATOM 134  C CB  . LYS A 1 19  ? 2.830   -13.323 -26.670 1.00 17.25  ? 19  LYS A CB  1 
ATOM 135  C CG  . LYS A 1 19  ? 1.556   -14.061 -26.190 1.00 24.23  ? 19  LYS A CG  1 
ATOM 136  C CD  . LYS A 1 19  ? 1.137   -13.645 -24.761 1.00 42.37  ? 19  LYS A CD  1 
ATOM 137  C CE  . LYS A 1 19  ? -0.103  -14.405 -24.223 1.00 30.96  ? 19  LYS A CE  1 
ATOM 138  N NZ  . LYS A 1 19  ? -0.501  -14.074 -22.799 1.00 14.75  ? 19  LYS A NZ  1 
ATOM 139  N N   . GLY A 1 20  ? 4.808   -10.771 -26.513 1.00 22.57  ? 20  GLY A N   1 
ATOM 140  C CA  . GLY A 1 20  ? 6.139   -10.307 -26.834 1.00 28.07  ? 20  GLY A CA  1 
ATOM 141  C C   . GLY A 1 20  ? 6.103   -8.888  -27.337 1.00 20.96  ? 20  GLY A C   1 
ATOM 142  O O   . GLY A 1 20  ? 7.117   -8.326  -27.746 1.00 22.67  ? 20  GLY A O   1 
ATOM 143  N N   . ASP A 1 21  ? 4.912   -8.312  -27.316 1.00 17.63  ? 21  ASP A N   1 
ATOM 144  C CA  . ASP A 1 21  ? 4.765   -6.904  -27.607 1.00 17.08  ? 21  ASP A CA  1 
ATOM 145  C C   . ASP A 1 21  ? 5.175   -6.041  -26.402 1.00 18.96  ? 21  ASP A C   1 
ATOM 146  O O   . ASP A 1 21  ? 5.109   -6.457  -25.237 1.00 17.05  ? 21  ASP A O   1 
ATOM 147  C CB  . ASP A 1 21  ? 3.338   -6.603  -28.060 1.00 16.03  ? 21  ASP A CB  1 
ATOM 148  C CG  . ASP A 1 21  ? 3.122   -6.879  -29.549 1.00 14.96  ? 21  ASP A CG  1 
ATOM 149  O OD1 . ASP A 1 21  ? 4.041   -7.402  -30.226 1.00 11.18  ? 21  ASP A OD1 1 
ATOM 150  O OD2 . ASP A 1 21  ? 2.013   -6.570  -30.040 1.00 12.39  ? 21  ASP A OD2 1 
ATOM 151  N N   . PHE A 1 22  ? 5.645   -4.840  -26.690 1.00 23.42  ? 22  PHE A N   1 
ATOM 152  C CA  . PHE A 1 22  ? 5.932   -3.899  -25.624 1.00 22.01  ? 22  PHE A CA  1 
ATOM 153  C C   . PHE A 1 22  ? 4.775   -2.940  -25.536 1.00 17.89  ? 22  PHE A C   1 
ATOM 154  O O   . PHE A 1 22  ? 4.493   -2.179  -26.454 1.00 20.43  ? 22  PHE A O   1 
ATOM 155  C CB  . PHE A 1 22  ? 7.272   -3.178  -25.826 1.00 17.78  ? 22  PHE A CB  1 
ATOM 156  C CG  . PHE A 1 22  ? 8.468   -4.058  -25.577 1.00 23.63  ? 22  PHE A CG  1 
ATOM 157  C CD1 . PHE A 1 22  ? 8.891   -4.976  -26.544 1.00 25.97  ? 22  PHE A CD1 1 
ATOM 158  C CD2 . PHE A 1 22  ? 9.160   -3.981  -24.379 1.00 14.22  ? 22  PHE A CD2 1 
ATOM 159  C CE1 . PHE A 1 22  ? 9.986   -5.791  -26.315 1.00 22.36  ? 22  PHE A CE1 1 
ATOM 160  C CE2 . PHE A 1 22  ? 10.252  -4.794  -24.146 1.00 18.24  ? 22  PHE A CE2 1 
ATOM 161  C CZ  . PHE A 1 22  ? 10.669  -5.696  -25.109 1.00 22.46  ? 22  PHE A CZ  1 
ATOM 162  N N   . VAL A 1 23  ? 4.097   -3.015  -24.409 1.00 14.84  ? 23  VAL A N   1 
ATOM 163  C CA  . VAL A 1 23  ? 2.943   -2.197  -24.157 1.00 12.82  ? 23  VAL A CA  1 
ATOM 164  C C   . VAL A 1 23  ? 3.275   -0.970  -23.292 1.00 21.16  ? 23  VAL A C   1 
ATOM 165  O O   . VAL A 1 23  ? 4.263   -0.957  -22.537 1.00 15.32  ? 23  VAL A O   1 
ATOM 166  C CB  . VAL A 1 23  ? 1.852   -3.084  -23.582 1.00 11.12  ? 23  VAL A CB  1 
ATOM 167  C CG1 . VAL A 1 23  ? 0.911   -2.345  -22.740 1.00 15.80  ? 23  VAL A CG1 1 
ATOM 168  C CG2 . VAL A 1 23  ? 1.101   -3.658  -24.711 1.00 18.81  ? 23  VAL A CG2 1 
ATOM 169  N N   . THR A 1 24  ? 2.462   0.075   -23.451 1.00 21.26  ? 24  THR A N   1 
ATOM 170  C CA  . THR A 1 24  ? 2.560   1.289   -22.654 1.00 16.68  ? 24  THR A CA  1 
ATOM 171  C C   . THR A 1 24  ? 1.195   1.602   -22.047 1.00 14.61  ? 24  THR A C   1 
ATOM 172  O O   . THR A 1 24  ? 0.208   1.743   -22.768 1.00 17.37  ? 24  THR A O   1 
ATOM 173  C CB  . THR A 1 24  ? 3.006   2.455   -23.539 1.00 15.69  ? 24  THR A CB  1 
ATOM 174  O OG1 . THR A 1 24  ? 4.155   2.051   -24.294 1.00 16.81  ? 24  THR A OG1 1 
ATOM 175  C CG2 . THR A 1 24  ? 3.368   3.647   -22.697 1.00 16.45  ? 24  THR A CG2 1 
ATOM 176  N N   . ILE A 1 25  ? 1.116   1.698   -20.728 1.00 13.79  ? 25  ILE A N   1 
ATOM 177  C CA  . ILE A 1 25  ? -0.195  1.894   -20.105 1.00 14.79  ? 25  ILE A CA  1 
ATOM 178  C C   . ILE A 1 25  ? -0.199  2.774   -18.863 1.00 18.86  ? 25  ILE A C   1 
ATOM 179  O O   . ILE A 1 25  ? 0.850   3.106   -18.305 1.00 18.88  ? 25  ILE A O   1 
ATOM 180  C CB  . ILE A 1 25  ? -0.802  0.577   -19.638 1.00 16.69  ? 25  ILE A CB  1 
ATOM 181  C CG1 . ILE A 1 25  ? -0.302  0.245   -18.242 1.00 17.56  ? 25  ILE A CG1 1 
ATOM 182  C CG2 . ILE A 1 25  ? -0.429  -0.551  -20.557 1.00 20.74  ? 25  ILE A CG2 1 
ATOM 183  C CD1 . ILE A 1 25  ? -1.151  -0.765  -17.572 1.00 23.28  ? 25  ILE A CD1 1 
ATOM 184  N N   . HIS A 1 26  ? -1.403  3.110   -18.411 1.00 17.98  ? 26  HIS A N   1 
ATOM 185  C CA  . HIS A 1 26  ? -1.582  3.965   -17.251 1.00 15.36  ? 26  HIS A CA  1 
ATOM 186  C C   . HIS A 1 26  ? -2.584  3.281   -16.369 1.00 12.58  ? 26  HIS A C   1 
ATOM 187  O O   . HIS A 1 26  ? -3.727  3.080   -16.774 1.00 15.25  ? 26  HIS A O   1 
ATOM 188  C CB  . HIS A 1 26  ? -2.112  5.330   -17.679 1.00 17.51  ? 26  HIS A CB  1 
ATOM 189  C CG  . HIS A 1 26  ? -1.265  6.472   -17.220 1.00 16.11  ? 26  HIS A CG  1 
ATOM 190  N ND1 . HIS A 1 26  ? -0.429  6.383   -16.127 1.00 20.97  ? 26  HIS A ND1 1 
ATOM 191  C CD2 . HIS A 1 26  ? -1.108  7.721   -17.715 1.00 13.65  ? 26  HIS A CD2 1 
ATOM 192  C CE1 . HIS A 1 26  ? 0.202   7.534   -15.965 1.00 20.43  ? 26  HIS A CE1 1 
ATOM 193  N NE2 . HIS A 1 26  ? -0.192  8.362   -16.914 1.00 20.19  ? 26  HIS A NE2 1 
ATOM 194  N N   . TYR A 1 27  ? -2.154  2.922   -15.167 1.00 15.51  ? 27  TYR A N   1 
ATOM 195  C CA  . TYR A 1 27  ? -2.941  2.037   -14.308 1.00 16.87  ? 27  TYR A CA  1 
ATOM 196  C C   . TYR A 1 27  ? -3.082  2.536   -12.876 1.00 15.75  ? 27  TYR A C   1 
ATOM 197  O O   . TYR A 1 27  ? -2.253  3.309   -12.368 1.00 15.60  ? 27  TYR A O   1 
ATOM 198  C CB  . TYR A 1 27  ? -2.312  0.635   -14.267 1.00 15.99  ? 27  TYR A CB  1 
ATOM 199  C CG  . TYR A 1 27  ? -1.035  0.589   -13.444 1.00 15.88  ? 27  TYR A CG  1 
ATOM 200  C CD1 . TYR A 1 27  ? 0.198   0.898   -14.013 1.00 14.66  ? 27  TYR A CD1 1 
ATOM 201  C CD2 . TYR A 1 27  ? -1.065  0.257   -12.095 1.00 14.24  ? 27  TYR A CD2 1 
ATOM 202  C CE1 . TYR A 1 27  ? 1.359   0.868   -13.263 1.00 14.35  ? 27  TYR A CE1 1 
ATOM 203  C CE2 . TYR A 1 27  ? 0.093   0.229   -11.343 1.00 15.84  ? 27  TYR A CE2 1 
ATOM 204  C CZ  . TYR A 1 27  ? 1.302   0.534   -11.928 1.00 15.57  ? 27  TYR A CZ  1 
ATOM 205  O OH  . TYR A 1 27  ? 2.455   0.505   -11.162 1.00 16.76  ? 27  TYR A OH  1 
ATOM 206  N N   . THR A 1 28  ? -4.140  2.055   -12.233 1.00 15.12  ? 28  THR A N   1 
ATOM 207  C CA  . THR A 1 28  ? -4.355  2.244   -10.805 1.00 16.37  ? 28  THR A CA  1 
ATOM 208  C C   . THR A 1 28  ? -4.757  0.895   -10.164 1.00 16.19  ? 28  THR A C   1 
ATOM 209  O O   . THR A 1 28  ? -5.660  0.204   -10.644 1.00 13.99  ? 28  THR A O   1 
ATOM 210  C CB  . THR A 1 28  ? -5.444  3.322   -10.527 1.00 14.83  ? 28  THR A CB  1 
ATOM 211  O OG1 . THR A 1 28  ? -5.122  4.538   -11.216 1.00 16.23  ? 28  THR A OG1 1 
ATOM 212  C CG2 . THR A 1 28  ? -5.535  3.606   -9.053  1.00 12.43  ? 28  THR A CG2 1 
ATOM 213  N N   . GLY A 1 29  ? -4.078  0.511   -9.088  1.00 15.79  ? 29  GLY A N   1 
ATOM 214  C CA  . GLY A 1 29  ? -4.414  -0.720  -8.401  1.00 12.88  ? 29  GLY A CA  1 
ATOM 215  C C   . GLY A 1 29  ? -5.055  -0.494  -7.045  1.00 13.64  ? 29  GLY A C   1 
ATOM 216  O O   . GLY A 1 29  ? -4.616  0.366   -6.270  1.00 10.01  ? 29  GLY A O   1 
ATOM 217  N N   . ARG A 1 30  ? -6.097  -1.282  -6.767  1.00 16.81  ? 30  ARG A N   1 
ATOM 218  C CA  . ARG A 1 30  ? -6.790  -1.262  -5.480  1.00 15.23  ? 30  ARG A CA  1 
ATOM 219  C C   . ARG A 1 30  ? -7.127  -2.656  -4.936  1.00 10.61  ? 30  ARG A C   1 
ATOM 220  O O   . ARG A 1 30  ? -7.487  -3.560  -5.682  1.00 9.15   ? 30  ARG A O   1 
ATOM 221  C CB  . ARG A 1 30  ? -8.074  -0.461  -5.596  1.00 12.97  ? 30  ARG A CB  1 
ATOM 222  C CG  . ARG A 1 30  ? -7.893  0.872   -6.233  1.00 13.73  ? 30  ARG A CG  1 
ATOM 223  C CD  . ARG A 1 30  ? -9.242  1.435   -6.491  1.00 17.40  ? 30  ARG A CD  1 
ATOM 224  N NE  . ARG A 1 30  ? -9.252  2.873   -6.352  1.00 22.95  ? 30  ARG A NE  1 
ATOM 225  C CZ  . ARG A 1 30  ? -8.926  3.683   -7.345  1.00 33.85  ? 30  ARG A CZ  1 
ATOM 226  N NH1 . ARG A 1 30  ? -8.571  3.153   -8.504  1.00 32.04  ? 30  ARG A NH1 1 
ATOM 227  N NH2 . ARG A 1 30  ? -8.953  5.004   -7.192  1.00 35.89  ? 30  ARG A NH2 1 
ATOM 228  N N   . LEU A 1 31  ? -7.014  -2.806  -3.620  1.00 12.49  ? 31  LEU A N   1 
ATOM 229  C CA  . LEU A 1 31  ? -7.509  -3.983  -2.914  1.00 12.95  ? 31  LEU A CA  1 
ATOM 230  C C   . LEU A 1 31  ? -9.030  -4.030  -2.892  1.00 14.19  ? 31  LEU A C   1 
ATOM 231  O O   . LEU A 1 31  ? -9.703  -3.074  -3.269  1.00 17.74  ? 31  LEU A O   1 
ATOM 232  C CB  . LEU A 1 31  ? -6.973  -4.002  -1.491  1.00 11.82  ? 31  LEU A CB  1 
ATOM 233  C CG  . LEU A 1 31  ? -5.452  -4.147  -1.507  1.00 13.28  ? 31  LEU A CG  1 
ATOM 234  C CD1 . LEU A 1 31  ? -4.881  -3.810  -0.146  1.00 25.87  ? 31  LEU A CD1 1 
ATOM 235  C CD2 . LEU A 1 31  ? -5.033  -5.551  -1.959  1.00 16.08  ? 31  LEU A CD2 1 
ATOM 236  N N   . THR A 1 32  ? -9.589  -5.140  -2.444  1.00 13.03  ? 32  THR A N   1 
ATOM 237  C CA  . THR A 1 32  ? -11.037 -5.280  -2.506  1.00 11.39  ? 32  THR A CA  1 
ATOM 238  C C   . THR A 1 32  ? -11.741 -4.316  -1.534  1.00 11.10  ? 32  THR A C   1 
ATOM 239  O O   . THR A 1 32  ? -12.953 -4.144  -1.581  1.00 10.53  ? 32  THR A O   1 
ATOM 240  C CB  . THR A 1 32  ? -11.416 -6.728  -2.242  1.00 9.67   ? 32  THR A CB  1 
ATOM 241  O OG1 . THR A 1 32  ? -12.056 -6.838  -0.968  1.00 9.77   ? 32  THR A OG1 1 
ATOM 242  C CG2 . THR A 1 32  ? -10.141 -7.591  -2.255  1.00 11.49  ? 32  THR A CG2 1 
ATOM 243  N N   . ASP A 1 33  ? -10.965 -3.674  -0.668  1.00 14.50  ? 33  ASP A N   1 
ATOM 244  C CA  . ASP A 1 33  ? -11.514 -2.790  0.355   1.00 11.84  ? 33  ASP A CA  1 
ATOM 245  C C   . ASP A 1 33  ? -11.325 -1.344  -0.068  1.00 15.35  ? 33  ASP A C   1 
ATOM 246  O O   . ASP A 1 33  ? -11.324 -0.450  0.775   1.00 17.18  ? 33  ASP A O   1 
ATOM 247  C CB  . ASP A 1 33  ? -10.823 -3.014  1.707   1.00 16.56  ? 33  ASP A CB  1 
ATOM 248  C CG  . ASP A 1 33  ? -9.433  -2.357  1.780   1.00 26.24  ? 33  ASP A CG  1 
ATOM 249  O OD1 . ASP A 1 33  ? -8.878  -1.995  0.712   1.00 17.61  ? 33  ASP A OD1 1 
ATOM 250  O OD2 . ASP A 1 33  ? -8.883  -2.204  2.901   1.00 20.89  ? 33  ASP A OD2 1 
ATOM 251  N N   . GLY A 1 34  ? -11.116 -1.121  -1.364  1.00 14.58  ? 34  GLY A N   1 
ATOM 252  C CA  . GLY A 1 34  ? -11.003 0.225   -1.903  1.00 11.21  ? 34  GLY A CA  1 
ATOM 253  C C   . GLY A 1 34  ? -9.658  0.910   -1.698  1.00 12.81  ? 34  GLY A C   1 
ATOM 254  O O   . GLY A 1 34  ? -9.474  2.065   -2.095  1.00 11.38  ? 34  GLY A O   1 
ATOM 255  N N   . SER A 1 35  ? -8.713  0.206   -1.082  1.00 12.69  ? 35  SER A N   1 
ATOM 256  C CA  . SER A 1 35  ? -7.406  0.796   -0.826  1.00 10.35  ? 35  SER A CA  1 
ATOM 257  C C   . SER A 1 35  ? -6.543  0.754   -2.075  1.00 11.48  ? 35  SER A C   1 
ATOM 258  O O   . SER A 1 35  ? -6.341  -0.280  -2.692  1.00 10.88  ? 35  SER A O   1 
ATOM 259  C CB  . SER A 1 35  ? -6.688  0.089   0.324   1.00 14.94  ? 35  SER A CB  1 
ATOM 260  O OG  . SER A 1 35  ? -7.492  0.024   1.494   1.00 19.04  ? 35  SER A OG  1 
ATOM 261  N N   . LYS A 1 36  ? -6.026  1.903   -2.448  1.00 15.99  ? 36  LYS A N   1 
ATOM 262  C CA  . LYS A 1 36  ? -5.203  1.992   -3.628  1.00 14.38  ? 36  LYS A CA  1 
ATOM 263  C C   . LYS A 1 36  ? -3.797  1.601   -3.197  1.00 16.81  ? 36  LYS A C   1 
ATOM 264  O O   . LYS A 1 36  ? -3.278  2.181   -2.249  1.00 20.08  ? 36  LYS A O   1 
ATOM 265  C CB  . LYS A 1 36  ? -5.254  3.437   -4.116  1.00 13.67  ? 36  LYS A CB  1 
ATOM 266  C CG  . LYS A 1 36  ? -4.337  3.770   -5.252  1.00 19.20  ? 36  LYS A CG  1 
ATOM 267  C CD  . LYS A 1 36  ? -4.923  4.908   -6.092  1.00 22.78  ? 36  LYS A CD  1 
ATOM 268  C CE  . LYS A 1 36  ? -5.110  6.204   -5.316  1.00 17.93  ? 36  LYS A CE  1 
ATOM 269  N NZ  . LYS A 1 36  ? -5.737  7.263   -6.165  1.00 17.45  ? 36  LYS A NZ  1 
ATOM 270  N N   . PHE A 1 37  ? -3.181  0.618   -3.861  1.00 15.75  ? 37  PHE A N   1 
ATOM 271  C CA  . PHE A 1 37  ? -1.805  0.211   -3.511  1.00 11.61  ? 37  PHE A CA  1 
ATOM 272  C C   . PHE A 1 37  ? -0.675  0.672   -4.436  1.00 14.82  ? 37  PHE A C   1 
ATOM 273  O O   . PHE A 1 37  ? 0.481   0.646   -4.046  1.00 15.55  ? 37  PHE A O   1 
ATOM 274  C CB  . PHE A 1 37  ? -1.700  -1.297  -3.354  1.00 11.40  ? 37  PHE A CB  1 
ATOM 275  C CG  . PHE A 1 37  ? -2.091  -2.065  -4.584  1.00 10.58  ? 37  PHE A CG  1 
ATOM 276  C CD1 . PHE A 1 37  ? -1.176  -2.314  -5.573  1.00 12.30  ? 37  PHE A CD1 1 
ATOM 277  C CD2 . PHE A 1 37  ? -3.378  -2.562  -4.734  1.00 13.91  ? 37  PHE A CD2 1 
ATOM 278  C CE1 . PHE A 1 37  ? -1.533  -3.044  -6.703  1.00 17.03  ? 37  PHE A CE1 1 
ATOM 279  C CE2 . PHE A 1 37  ? -3.745  -3.289  -5.854  1.00 9.43   ? 37  PHE A CE2 1 
ATOM 280  C CZ  . PHE A 1 37  ? -2.821  -3.530  -6.837  1.00 10.41  ? 37  PHE A CZ  1 
ATOM 281  N N   . ASP A 1 38  ? -1.003  1.056   -5.663  1.00 18.51  ? 38  ASP A N   1 
ATOM 282  C CA  . ASP A 1 38  ? -0.019  1.569   -6.605  1.00 13.60  ? 38  ASP A CA  1 
ATOM 283  C C   . ASP A 1 38  ? -0.800  2.242   -7.716  1.00 18.40  ? 38  ASP A C   1 
ATOM 284  O O   . ASP A 1 38  ? -1.894  1.783   -8.021  1.00 20.29  ? 38  ASP A O   1 
ATOM 285  C CB  . ASP A 1 38  ? 0.782   0.413   -7.172  1.00 12.41  ? 38  ASP A CB  1 
ATOM 286  C CG  . ASP A 1 38  ? 1.965   0.870   -7.976  1.00 18.36  ? 38  ASP A CG  1 
ATOM 287  O OD1 . ASP A 1 38  ? 2.097   2.092   -8.195  1.00 25.66  ? 38  ASP A OD1 1 
ATOM 288  O OD2 . ASP A 1 38  ? 2.761   0.004   -8.396  1.00 17.44  ? 38  ASP A OD2 1 
ATOM 289  N N   . SER A 1 39  ? -0.270  3.314   -8.318  1.00 19.87  ? 39  SER A N   1 
ATOM 290  C CA  . SER A 1 39  ? -0.970  4.010   -9.424  1.00 19.47  ? 39  SER A CA  1 
ATOM 291  C C   . SER A 1 39  ? -0.080  4.884   -10.289 1.00 20.02  ? 39  SER A C   1 
ATOM 292  O O   . SER A 1 39  ? 0.143   6.057   -9.979  1.00 19.78  ? 39  SER A O   1 
ATOM 293  C CB  . SER A 1 39  ? -2.128  4.882   -8.915  1.00 18.29  ? 39  SER A CB  1 
ATOM 294  O OG  . SER A 1 39  ? -2.677  5.684   -9.949  1.00 10.59  ? 39  SER A OG  1 
ATOM 295  N N   . SER A 1 40  ? 0.387   4.330   -11.400 1.00 20.46  ? 40  SER A N   1 
ATOM 296  C CA  . SER A 1 40  ? 1.180   5.107   -12.339 1.00 21.72  ? 40  SER A CA  1 
ATOM 297  C C   . SER A 1 40  ? 0.466   6.421   -12.609 1.00 17.39  ? 40  SER A C   1 
ATOM 298  O O   . SER A 1 40  ? 1.099   7.453   -12.815 1.00 16.01  ? 40  SER A O   1 
ATOM 299  C CB  . SER A 1 40  ? 1.395   4.328   -13.644 1.00 17.11  ? 40  SER A CB  1 
ATOM 300  O OG  . SER A 1 40  ? 0.163   3.876   -14.163 1.00 15.36  ? 40  SER A OG  1 
ATOM 301  N N   . VAL A 1 41  ? -0.863  6.375   -12.581 1.00 16.31  ? 41  VAL A N   1 
ATOM 302  C CA  . VAL A 1 41  ? -1.683  7.540   -12.909 1.00 18.22  ? 41  VAL A CA  1 
ATOM 303  C C   . VAL A 1 41  ? -1.426  8.718   -11.972 1.00 16.50  ? 41  VAL A C   1 
ATOM 304  O O   . VAL A 1 41  ? -1.330  9.861   -12.411 1.00 16.35  ? 41  VAL A O   1 
ATOM 305  C CB  . VAL A 1 41  ? -3.183  7.184   -12.927 1.00 14.63  ? 41  VAL A CB  1 
ATOM 306  C CG1 . VAL A 1 41  ? -4.064  8.443   -13.091 1.00 5.17   ? 41  VAL A CG1 1 
ATOM 307  C CG2 . VAL A 1 41  ? -3.439  6.148   -14.017 1.00 13.57  ? 41  VAL A CG2 1 
ATOM 308  N N   . ASP A 1 42  ? -1.299  8.440   -10.684 1.00 12.97  ? 42  ASP A N   1 
ATOM 309  C CA  . ASP A 1 42  ? -1.051  9.505   -9.741  1.00 10.73  ? 42  ASP A CA  1 
ATOM 310  C C   . ASP A 1 42  ? 0.362   10.058  -9.853  1.00 14.89  ? 42  ASP A C   1 
ATOM 311  O O   . ASP A 1 42  ? 0.594   11.234  -9.582  1.00 17.90  ? 42  ASP A O   1 
ATOM 312  C CB  . ASP A 1 42  ? -1.339  9.026   -8.340  1.00 7.19   ? 42  ASP A CB  1 
ATOM 313  C CG  . ASP A 1 42  ? -2.766  8.616   -8.172  1.00 10.79  ? 42  ASP A CG  1 
ATOM 314  O OD1 . ASP A 1 42  ? -3.650  9.257   -8.786  1.00 9.34   ? 42  ASP A OD1 1 
ATOM 315  O OD2 . ASP A 1 42  ? -3.009  7.637   -7.440  1.00 13.82  ? 42  ASP A OD2 1 
ATOM 316  N N   . ARG A 1 43  ? 1.304   9.216   -10.259 1.00 14.88  ? 43  ARG A N   1 
ATOM 317  C CA  . ARG A 1 43  ? 2.681   9.648   -10.424 1.00 13.99  ? 43  ARG A CA  1 
ATOM 318  C C   . ARG A 1 43  ? 2.855   10.427  -11.724 1.00 18.53  ? 43  ARG A C   1 
ATOM 319  O O   . ARG A 1 43  ? 3.883   11.078  -11.935 1.00 20.62  ? 43  ARG A O   1 
ATOM 320  C CB  . ARG A 1 43  ? 3.614   8.441   -10.479 1.00 19.42  ? 43  ARG A CB  1 
ATOM 321  C CG  . ARG A 1 43  ? 3.866   7.713   -9.177  1.00 18.96  ? 43  ARG A CG  1 
ATOM 322  C CD  . ARG A 1 43  ? 4.935   6.634   -9.402  1.00 30.57  ? 43  ARG A CD  1 
ATOM 323  N NE  . ARG A 1 43  ? 4.539   5.579   -10.351 1.00 26.56  ? 43  ARG A NE  1 
ATOM 324  C CZ  . ARG A 1 43  ? 3.826   4.497   -10.023 1.00 20.69  ? 43  ARG A CZ  1 
ATOM 325  N NH1 . ARG A 1 43  ? 3.400   4.319   -8.777  1.00 19.59  ? 43  ARG A NH1 1 
ATOM 326  N NH2 . ARG A 1 43  ? 3.528   3.592   -10.943 1.00 17.78  ? 43  ARG A NH2 1 
ATOM 327  N N   . ASN A 1 44  ? 1.859   10.353  -12.604 1.00 17.26  ? 44  ASN A N   1 
ATOM 328  C CA  . ASN A 1 44  ? 2.042   10.820  -13.971 1.00 17.67  ? 44  ASN A CA  1 
ATOM 329  C C   . ASN A 1 44  ? 3.381   10.316  -14.493 1.00 20.35  ? 44  ASN A C   1 
ATOM 330  O O   . ASN A 1 44  ? 4.296   11.096  -14.759 1.00 21.35  ? 44  ASN A O   1 
ATOM 331  C CB  . ASN A 1 44  ? 1.956   12.340  -14.058 1.00 16.91  ? 44  ASN A CB  1 
ATOM 332  C CG  . ASN A 1 44  ? 0.534   12.847  -13.899 1.00 20.43  ? 44  ASN A CG  1 
ATOM 333  O OD1 . ASN A 1 44  ? 0.210   13.522  -12.920 1.00 17.51  ? 44  ASN A OD1 1 
ATOM 334  N ND2 . ASN A 1 44  ? -0.325  12.524  -14.864 1.00 15.72  ? 44  ASN A ND2 1 
ATOM 335  N N   . GLU A 1 45  ? 3.482   8.989   -14.584 1.00 19.11  ? 45  GLU A N   1 
ATOM 336  C CA  . GLU A 1 45  ? 4.628   8.275   -15.139 1.00 16.38  ? 45  GLU A CA  1 
ATOM 337  C C   . GLU A 1 45  ? 4.102   6.964   -15.703 1.00 16.00  ? 45  GLU A C   1 
ATOM 338  O O   . GLU A 1 45  ? 4.041   5.951   -14.997 1.00 15.05  ? 45  GLU A O   1 
ATOM 339  C CB  . GLU A 1 45  ? 5.685   7.988   -14.073 1.00 25.34  ? 45  GLU A CB  1 
ATOM 340  C CG  . GLU A 1 45  ? 6.590   9.167   -13.720 1.00 33.45  ? 45  GLU A CG  1 
ATOM 341  C CD  . GLU A 1 45  ? 7.648   8.817   -12.671 1.00 36.12  ? 45  GLU A CD  1 
ATOM 342  O OE1 . GLU A 1 45  ? 7.672   7.662   -12.197 1.00 29.91  ? 45  GLU A OE1 1 
ATOM 343  O OE2 . GLU A 1 45  ? 8.458   9.700   -12.318 1.00 37.08  ? 45  GLU A OE2 1 
ATOM 344  N N   . PRO A 1 46  ? 3.699   6.984   -16.983 1.00 15.35  ? 46  PRO A N   1 
ATOM 345  C CA  . PRO A 1 46  ? 3.059   5.862   -17.667 1.00 19.03  ? 46  PRO A CA  1 
ATOM 346  C C   . PRO A 1 46  ? 3.980   4.657   -17.744 1.00 17.70  ? 46  PRO A C   1 
ATOM 347  O O   . PRO A 1 46  ? 5.089   4.779   -18.269 1.00 14.44  ? 46  PRO A O   1 
ATOM 348  C CB  . PRO A 1 46  ? 2.819   6.415   -19.072 1.00 10.81  ? 46  PRO A CB  1 
ATOM 349  C CG  . PRO A 1 46  ? 2.742   7.828   -18.894 1.00 8.56   ? 46  PRO A CG  1 
ATOM 350  C CD  . PRO A 1 46  ? 3.755   8.162   -17.855 1.00 10.80  ? 46  PRO A CD  1 
ATOM 351  N N   . PHE A 1 47  ? 3.507   3.517   -17.242 1.00 15.35  ? 47  PHE A N   1 
ATOM 352  C CA  . PHE A 1 47  ? 4.309   2.300   -17.154 1.00 18.67  ? 47  PHE A CA  1 
ATOM 353  C C   . PHE A 1 47  ? 4.430   1.548   -18.478 1.00 20.89  ? 47  PHE A C   1 
ATOM 354  O O   . PHE A 1 47  ? 3.444   1.362   -19.204 1.00 18.94  ? 47  PHE A O   1 
ATOM 355  C CB  . PHE A 1 47  ? 3.744   1.371   -16.076 1.00 19.82  ? 47  PHE A CB  1 
ATOM 356  C CG  . PHE A 1 47  ? 4.518   0.090   -15.914 1.00 19.57  ? 47  PHE A CG  1 
ATOM 357  C CD1 . PHE A 1 47  ? 5.871   0.113   -15.650 1.00 29.82  ? 47  PHE A CD1 1 
ATOM 358  C CD2 . PHE A 1 47  ? 3.891   -1.136  -16.023 1.00 24.31  ? 47  PHE A CD2 1 
ATOM 359  C CE1 . PHE A 1 47  ? 6.590   -1.066  -15.500 1.00 32.32  ? 47  PHE A CE1 1 
ATOM 360  C CE2 . PHE A 1 47  ? 4.605   -2.316  -15.874 1.00 23.25  ? 47  PHE A CE2 1 
ATOM 361  C CZ  . PHE A 1 47  ? 5.954   -2.275  -15.614 1.00 23.07  ? 47  PHE A CZ  1 
ATOM 362  N N   . GLN A 1 48  ? 5.643   1.105   -18.789 1.00 21.20  ? 48  GLN A N   1 
ATOM 363  C CA  . GLN A 1 48  ? 5.881   0.388   -20.039 1.00 21.10  ? 48  GLN A CA  1 
ATOM 364  C C   . GLN A 1 48  ? 6.467   -0.976  -19.747 1.00 17.69  ? 48  GLN A C   1 
ATOM 365  O O   . GLN A 1 48  ? 7.250   -1.113  -18.820 1.00 22.35  ? 48  GLN A O   1 
ATOM 366  C CB  . GLN A 1 48  ? 6.851   1.169   -20.917 1.00 29.64  ? 48  GLN A CB  1 
ATOM 367  C CG  . GLN A 1 48  ? 6.323   2.517   -21.399 1.00 38.67  ? 48  GLN A CG  1 
ATOM 368  C CD  . GLN A 1 48  ? 7.090   3.057   -22.601 1.00 47.98  ? 48  GLN A CD  1 
ATOM 369  O OE1 . GLN A 1 48  ? 8.262   2.727   -22.818 1.00 46.24  ? 48  GLN A OE1 1 
ATOM 370  N NE2 . GLN A 1 48  ? 6.423   3.891   -23.391 1.00 37.98  ? 48  GLN A NE2 1 
ATOM 371  N N   . THR A 1 49  ? 6.112   -1.983  -20.533 1.00 13.17  ? 49  THR A N   1 
ATOM 372  C CA  . THR A 1 49  ? 6.600   -3.328  -20.251 1.00 17.26  ? 49  THR A CA  1 
ATOM 373  C C   . THR A 1 49  ? 6.279   -4.261  -21.397 1.00 22.10  ? 49  THR A C   1 
ATOM 374  O O   . THR A 1 49  ? 5.422   -3.953  -22.227 1.00 30.97  ? 49  THR A O   1 
ATOM 375  C CB  . THR A 1 49  ? 5.952   -3.922  -18.985 1.00 17.07  ? 49  THR A CB  1 
ATOM 376  O OG1 . THR A 1 49  ? 6.842   -4.875  -18.389 1.00 26.43  ? 49  THR A OG1 1 
ATOM 377  C CG2 . THR A 1 49  ? 4.677   -4.629  -19.339 1.00 10.90  ? 49  THR A CG2 1 
ATOM 378  N N   . GLN A 1 50  ? 6.968   -5.401  -21.445 1.00 22.63  ? 50  GLN A N   1 
ATOM 379  C CA  . GLN A 1 50  ? 6.653   -6.453  -22.414 1.00 22.02  ? 50  GLN A CA  1 
ATOM 380  C C   . GLN A 1 50  ? 5.585   -7.370  -21.815 1.00 26.28  ? 50  GLN A C   1 
ATOM 381  O O   . GLN A 1 50  ? 5.578   -7.616  -20.596 1.00 21.86  ? 50  GLN A O   1 
ATOM 382  C CB  . GLN A 1 50  ? 7.907   -7.241  -22.777 1.00 22.33  ? 50  GLN A CB  1 
ATOM 383  C CG  . GLN A 1 50  ? 7.724   -8.198  -23.940 1.00 23.17  ? 50  GLN A CG  1 
ATOM 384  C CD  . GLN A 1 50  ? 8.987   -8.994  -24.234 1.00 26.58  ? 50  GLN A CD  1 
ATOM 385  O OE1 . GLN A 1 50  ? 9.885   -9.088  -23.394 1.00 18.79  ? 50  GLN A OE1 1 
ATOM 386  N NE2 . GLN A 1 50  ? 9.065   -9.567  -25.434 1.00 25.06  ? 50  GLN A NE2 1 
ATOM 387  N N   . ILE A 1 51  ? 4.680   -7.874  -22.657 1.00 21.28  ? 51  ILE A N   1 
ATOM 388  C CA  . ILE A 1 51  ? 3.426   -8.390  -22.119 1.00 18.54  ? 51  ILE A CA  1 
ATOM 389  C C   . ILE A 1 51  ? 3.321   -9.906  -21.937 1.00 26.97  ? 51  ILE A C   1 
ATOM 390  O O   . ILE A 1 51  ? 2.777   -10.370 -20.933 1.00 33.36  ? 51  ILE A O   1 
ATOM 391  C CB  . ILE A 1 51  ? 2.171   -7.826  -22.845 1.00 13.72  ? 51  ILE A CB  1 
ATOM 392  C CG1 . ILE A 1 51  ? 0.915   -8.057  -21.987 1.00 16.88  ? 51  ILE A CG1 1 
ATOM 393  C CG2 . ILE A 1 51  ? 1.987   -8.448  -24.222 1.00 17.14  ? 51  ILE A CG2 1 
ATOM 394  C CD1 . ILE A 1 51  ? 1.037   -7.584  -20.526 1.00 14.01  ? 51  ILE A CD1 1 
ATOM 395  N N   . GLY A 1 52  ? 3.834   -10.688 -22.874 1.00 22.65  ? 52  GLY A N   1 
ATOM 396  C CA  . GLY A 1 52  ? 3.622   -12.121 -22.782 1.00 22.57  ? 52  GLY A CA  1 
ATOM 397  C C   . GLY A 1 52  ? 4.689   -12.856 -21.994 1.00 25.15  ? 52  GLY A C   1 
ATOM 398  O O   . GLY A 1 52  ? 4.599   -14.073 -21.819 1.00 24.56  ? 52  GLY A O   1 
ATOM 399  N N   . THR A 1 53  ? 5.678   -12.114 -21.500 1.00 22.46  ? 53  THR A N   1 
ATOM 400  C CA  . THR A 1 53  ? 6.944   -12.697 -21.056 1.00 26.57  ? 53  THR A CA  1 
ATOM 401  C C   . THR A 1 53  ? 7.144   -12.694 -19.551 1.00 34.20  ? 53  THR A C   1 
ATOM 402  O O   . THR A 1 53  ? 8.272   -12.897 -19.057 1.00 24.59  ? 53  THR A O   1 
ATOM 403  C CB  . THR A 1 53  ? 8.132   -11.966 -21.681 1.00 30.96  ? 53  THR A CB  1 
ATOM 404  O OG1 . THR A 1 53  ? 8.071   -10.566 -21.355 1.00 27.66  ? 53  THR A OG1 1 
ATOM 405  C CG2 . THR A 1 53  ? 8.099   -12.145 -23.184 1.00 30.60  ? 53  THR A CG2 1 
ATOM 406  N N   . GLY A 1 54  ? 6.054   -12.453 -18.831 1.00 29.60  ? 54  GLY A N   1 
ATOM 407  C CA  . GLY A 1 54  ? 6.060   -12.558 -17.386 1.00 27.62  ? 54  GLY A CA  1 
ATOM 408  C C   . GLY A 1 54  ? 6.915   -11.533 -16.669 1.00 12.88  ? 54  GLY A C   1 
ATOM 409  O O   . GLY A 1 54  ? 7.563   -11.859 -15.685 1.00 8.10   ? 54  GLY A O   1 
ATOM 410  N N   . ARG A 1 55  ? 6.910   -10.293 -17.147 1.00 15.54  ? 55  ARG A N   1 
ATOM 411  C CA  . ARG A 1 55  ? 7.575   -9.215  -16.420 1.00 16.18  ? 55  ARG A CA  1 
ATOM 412  C C   . ARG A 1 55  ? 6.597   -8.363  -15.614 1.00 16.66  ? 55  ARG A C   1 
ATOM 413  O O   . ARG A 1 55  ? 6.966   -7.304  -15.100 1.00 17.26  ? 55  ARG A O   1 
ATOM 414  C CB  . ARG A 1 55  ? 8.416   -8.369  -17.361 1.00 13.33  ? 55  ARG A CB  1 
ATOM 415  C CG  . ARG A 1 55  ? 9.386   -9.235  -18.114 1.00 19.61  ? 55  ARG A CG  1 
ATOM 416  C CD  . ARG A 1 55  ? 10.767  -8.645  -18.151 1.00 31.49  ? 55  ARG A CD  1 
ATOM 417  N NE  . ARG A 1 55  ? 11.020  -8.042  -19.451 1.00 40.53  ? 55  ARG A NE  1 
ATOM 418  C CZ  . ARG A 1 55  ? 11.560  -8.692  -20.479 1.00 50.76  ? 55  ARG A CZ  1 
ATOM 419  N NH1 . ARG A 1 55  ? 11.924  -9.969  -20.358 1.00 45.44  ? 55  ARG A NH1 1 
ATOM 420  N NH2 . ARG A 1 55  ? 11.741  -8.066  -21.634 1.00 49.04  ? 55  ARG A NH2 1 
ATOM 421  N N   . VAL A 1 56  ? 5.353   -8.846  -15.529 1.00 12.87  ? 56  VAL A N   1 
ATOM 422  C CA  . VAL A 1 56  ? 4.298   -8.303  -14.678 1.00 11.34  ? 56  VAL A CA  1 
ATOM 423  C C   . VAL A 1 56  ? 3.569   -9.508  -14.099 1.00 11.36  ? 56  VAL A C   1 
ATOM 424  O O   . VAL A 1 56  ? 3.873   -10.639 -14.462 1.00 13.12  ? 56  VAL A O   1 
ATOM 425  C CB  . VAL A 1 56  ? 3.286   -7.453  -15.484 1.00 13.35  ? 56  VAL A CB  1 
ATOM 426  C CG1 . VAL A 1 56  ? 3.948   -6.234  -16.066 1.00 15.63  ? 56  VAL A CG1 1 
ATOM 427  C CG2 . VAL A 1 56  ? 2.699   -8.265  -16.600 1.00 17.49  ? 56  VAL A CG2 1 
ATOM 428  N N   . ILE A 1 57  ? 2.609   -9.294  -13.210 1.00 9.71   ? 57  ILE A N   1 
ATOM 429  C CA  . ILE A 1 57  ? 1.791   -10.420 -12.758 1.00 11.77  ? 57  ILE A CA  1 
ATOM 430  C C   . ILE A 1 57  ? 0.963   -11.041 -13.893 1.00 16.20  ? 57  ILE A C   1 
ATOM 431  O O   . ILE A 1 57  ? 0.589   -10.374 -14.859 1.00 15.31  ? 57  ILE A O   1 
ATOM 432  C CB  . ILE A 1 57  ? 0.834   -10.017 -11.658 1.00 14.91  ? 57  ILE A CB  1 
ATOM 433  C CG1 . ILE A 1 57  ? -0.236  -9.068  -12.212 1.00 14.06  ? 57  ILE A CG1 1 
ATOM 434  C CG2 . ILE A 1 57  ? 1.601   -9.382  -10.519 1.00 19.56  ? 57  ILE A CG2 1 
ATOM 435  C CD1 . ILE A 1 57  ? -1.383  -8.824  -11.262 1.00 12.22  ? 57  ILE A CD1 1 
ATOM 436  N N   . LYS A 1 58  ? 0.658   -12.324 -13.756 1.00 16.56  ? 58  LYS A N   1 
ATOM 437  C CA  . LYS A 1 58  ? -0.006  -13.060 -14.820 1.00 15.11  ? 58  LYS A CA  1 
ATOM 438  C C   . LYS A 1 58  ? -1.342  -12.443 -15.180 1.00 14.64  ? 58  LYS A C   1 
ATOM 439  O O   . LYS A 1 58  ? -1.725  -12.424 -16.349 1.00 16.99  ? 58  LYS A O   1 
ATOM 440  C CB  . LYS A 1 58  ? -0.209  -14.515 -14.414 1.00 18.33  ? 58  LYS A CB  1 
ATOM 441  C CG  . LYS A 1 58  ? -0.482  -15.478 -15.559 1.00 18.80  ? 58  LYS A CG  1 
ATOM 442  C CD  . LYS A 1 58  ? -0.535  -16.891 -14.988 1.00 30.46  ? 58  LYS A CD  1 
ATOM 443  C CE  . LYS A 1 58  ? -0.375  -16.866 -13.451 1.00 31.42  ? 58  LYS A CE  1 
ATOM 444  N NZ  . LYS A 1 58  ? -0.378  -18.225 -12.813 1.00 27.00  ? 58  LYS A NZ  1 
ATOM 445  N N   . GLY A 1 59  ? -2.067  -11.961 -14.178 1.00 11.74  ? 59  GLY A N   1 
ATOM 446  C CA  . GLY A 1 59  ? -3.324  -11.292 -14.441 1.00 12.12  ? 59  GLY A CA  1 
ATOM 447  C C   . GLY A 1 59  ? -3.206  -10.301 -15.588 1.00 13.52  ? 59  GLY A C   1 
ATOM 448  O O   . GLY A 1 59  ? -4.080  -10.242 -16.451 1.00 11.59  ? 59  GLY A O   1 
ATOM 449  N N   . TRP A 1 60  ? -2.126  -9.521  -15.596 1.00 14.09  ? 60  TRP A N   1 
ATOM 450  C CA  . TRP A 1 60  ? -1.832  -8.605  -16.698 1.00 12.75  ? 60  TRP A CA  1 
ATOM 451  C C   . TRP A 1 60  ? -1.426  -9.324  -17.985 1.00 15.82  ? 60  TRP A C   1 
ATOM 452  O O   . TRP A 1 60  ? -1.993  -9.071  -19.052 1.00 17.52  ? 60  TRP A O   1 
ATOM 453  C CB  . TRP A 1 60  ? -0.710  -7.659  -16.297 1.00 14.95  ? 60  TRP A CB  1 
ATOM 454  C CG  . TRP A 1 60  ? -1.153  -6.616  -15.353 1.00 18.23  ? 60  TRP A CG  1 
ATOM 455  C CD1 . TRP A 1 60  ? -2.160  -6.710  -14.438 1.00 16.77  ? 60  TRP A CD1 1 
ATOM 456  C CD2 . TRP A 1 60  ? -0.626  -5.295  -15.240 1.00 19.66  ? 60  TRP A CD2 1 
ATOM 457  N NE1 . TRP A 1 60  ? -2.285  -5.522  -13.750 1.00 17.98  ? 60  TRP A NE1 1 
ATOM 458  C CE2 . TRP A 1 60  ? -1.354  -4.637  -14.230 1.00 19.00  ? 60  TRP A CE2 1 
ATOM 459  C CE3 . TRP A 1 60  ? 0.393   -4.601  -15.897 1.00 18.27  ? 60  TRP A CE3 1 
ATOM 460  C CZ2 . TRP A 1 60  ? -1.096  -3.326  -13.862 1.00 22.09  ? 60  TRP A CZ2 1 
ATOM 461  C CZ3 . TRP A 1 60  ? 0.648   -3.300  -15.533 1.00 14.44  ? 60  TRP A CZ3 1 
ATOM 462  C CH2 . TRP A 1 60  ? -0.091  -2.675  -14.525 1.00 26.00  ? 60  TRP A CH2 1 
ATOM 463  N N   . ASP A 1 61  ? -0.424  -10.198 -17.884 1.00 12.56  ? 61  ASP A N   1 
ATOM 464  C CA  . ASP A 1 61  ? 0.031   -10.940 -19.037 1.00 10.84  ? 61  ASP A CA  1 
ATOM 465  C C   . ASP A 1 61  ? -1.186  -11.402 -19.822 1.00 10.71  ? 61  ASP A C   1 
ATOM 466  O O   . ASP A 1 61  ? -1.142  -11.460 -21.037 1.00 16.07  ? 61  ASP A O   1 
ATOM 467  C CB  . ASP A 1 61  ? 0.851   -12.175 -18.644 1.00 17.69  ? 61  ASP A CB  1 
ATOM 468  C CG  . ASP A 1 61  ? 2.257   -11.850 -18.147 1.00 22.52  ? 61  ASP A CG  1 
ATOM 469  O OD1 . ASP A 1 61  ? 2.963   -11.057 -18.802 1.00 17.60  ? 61  ASP A OD1 1 
ATOM 470  O OD2 . ASP A 1 61  ? 2.670   -12.425 -17.096 1.00 22.55  ? 61  ASP A OD2 1 
ATOM 471  N N   . GLU A 1 62  ? -2.269  -11.744 -19.129 1.00 10.89  ? 62  GLU A N   1 
ATOM 472  C CA  . GLU A 1 62  ? -3.485  -12.253 -19.798 1.00 15.96  ? 62  GLU A CA  1 
ATOM 473  C C   . GLU A 1 62  ? -4.664  -11.274 -19.967 1.00 12.47  ? 62  GLU A C   1 
ATOM 474  O O   . GLU A 1 62  ? -5.605  -11.554 -20.698 1.00 9.25   ? 62  GLU A O   1 
ATOM 475  C CB  . GLU A 1 62  ? -4.009  -13.528 -19.121 1.00 17.27  ? 62  GLU A CB  1 
ATOM 476  C CG  . GLU A 1 62  ? -3.230  -14.793 -19.438 1.00 28.12  ? 62  GLU A CG  1 
ATOM 477  C CD  . GLU A 1 62  ? -4.031  -16.043 -19.117 1.00 44.74  ? 62  GLU A CD  1 
ATOM 478  O OE1 . GLU A 1 62  ? -5.267  -16.015 -19.321 1.00 31.73  ? 62  GLU A OE1 1 
ATOM 479  O OE2 . GLU A 1 62  ? -3.434  -17.045 -18.654 1.00 41.80  ? 62  GLU A OE2 1 
ATOM 480  N N   . GLY A 1 63  ? -4.633  -10.140 -19.285 1.00 14.39  ? 63  GLY A N   1 
ATOM 481  C CA  . GLY A 1 63  ? -5.722  -9.192  -19.417 1.00 12.69  ? 63  GLY A CA  1 
ATOM 482  C C   . GLY A 1 63  ? -5.415  -8.160  -20.476 1.00 13.14  ? 63  GLY A C   1 
ATOM 483  O O   . GLY A 1 63  ? -6.166  -7.971  -21.442 1.00 13.60  ? 63  GLY A O   1 
ATOM 484  N N   . VAL A 1 64  ? -4.290  -7.493  -20.285 1.00 11.22  ? 64  VAL A N   1 
ATOM 485  C CA  . VAL A 1 64  ? -3.891  -6.435  -21.175 1.00 9.90   ? 64  VAL A CA  1 
ATOM 486  C C   . VAL A 1 64  ? -4.096  -6.807  -22.630 1.00 9.74   ? 64  VAL A C   1 
ATOM 487  O O   . VAL A 1 64  ? -4.498  -5.960  -23.416 1.00 11.24  ? 64  VAL A O   1 
ATOM 488  C CB  . VAL A 1 64  ? -2.433  -6.062  -20.958 1.00 12.60  ? 64  VAL A CB  1 
ATOM 489  C CG1 . VAL A 1 64  ? -2.092  -4.815  -21.765 1.00 13.49  ? 64  VAL A CG1 1 
ATOM 490  C CG2 . VAL A 1 64  ? -2.169  -5.853  -19.478 1.00 10.76  ? 64  VAL A CG2 1 
ATOM 491  N N   . PRO A 1 65  ? -3.808  -8.069  -23.001 1.00 11.31  ? 65  PRO A N   1 
ATOM 492  C CA  . PRO A 1 65  ? -3.966  -8.478  -24.409 1.00 14.28  ? 65  PRO A CA  1 
ATOM 493  C C   . PRO A 1 65  ? -5.416  -8.621  -24.910 1.00 15.51  ? 65  PRO A C   1 
ATOM 494  O O   . PRO A 1 65  ? -5.668  -8.733  -26.118 1.00 14.09  ? 65  PRO A O   1 
ATOM 495  C CB  . PRO A 1 65  ? -3.236  -9.822  -24.449 1.00 10.13  ? 65  PRO A CB  1 
ATOM 496  C CG  . PRO A 1 65  ? -2.183  -9.669  -23.397 1.00 11.74  ? 65  PRO A CG  1 
ATOM 497  C CD  . PRO A 1 65  ? -2.930  -9.001  -22.278 1.00 10.59  ? 65  PRO A CD  1 
ATOM 498  N N   . GLN A 1 66  ? -6.368  -8.598  -23.990 1.00 10.93  ? 66  GLN A N   1 
ATOM 499  C CA  . GLN A 1 66  ? -7.753  -8.621  -24.380 1.00 9.45   ? 66  GLN A CA  1 
ATOM 500  C C   . GLN A 1 66  ? -8.211  -7.228  -24.745 1.00 13.14  ? 66  GLN A C   1 
ATOM 501  O O   . GLN A 1 66  ? -9.260  -7.054  -25.366 1.00 17.27  ? 66  GLN A O   1 
ATOM 502  C CB  . GLN A 1 66  ? -8.593  -9.139  -23.238 1.00 13.66  ? 66  GLN A CB  1 
ATOM 503  C CG  . GLN A 1 66  ? -8.248  -10.551 -22.848 1.00 16.66  ? 66  GLN A CG  1 
ATOM 504  C CD  . GLN A 1 66  ? -9.140  -11.089 -21.746 1.00 20.86  ? 66  GLN A CD  1 
ATOM 505  O OE1 . GLN A 1 66  ? -10.346 -10.842 -21.723 1.00 27.32  ? 66  GLN A OE1 1 
ATOM 506  N NE2 . GLN A 1 66  ? -8.547  -11.831 -20.822 1.00 23.14  ? 66  GLN A NE2 1 
ATOM 507  N N   . MET A 1 67  ? -7.430  -6.236  -24.335 1.00 14.07  ? 67  MET A N   1 
ATOM 508  C CA  . MET A 1 67  ? -7.743  -4.834  -24.607 1.00 12.20  ? 67  MET A CA  1 
ATOM 509  C C   . MET A 1 67  ? -7.163  -4.381  -25.946 1.00 12.44  ? 67  MET A C   1 
ATOM 510  O O   . MET A 1 67  ? -6.082  -4.829  -26.343 1.00 11.54  ? 67  MET A O   1 
ATOM 511  C CB  . MET A 1 67  ? -7.168  -3.937  -23.508 1.00 12.19  ? 67  MET A CB  1 
ATOM 512  C CG  . MET A 1 67  ? -7.416  -4.404  -22.088 1.00 12.25  ? 67  MET A CG  1 
ATOM 513  S SD  . MET A 1 67  ? -6.477  -3.405  -20.906 1.00 12.64  ? 67  MET A SD  1 
ATOM 514  C CE  . MET A 1 67  ? -7.060  -1.739  -21.247 1.00 8.99   ? 67  MET A CE  1 
ATOM 515  N N   . SER A 1 68  ? -7.879  -3.487  -26.628 1.00 12.68  ? 68  SER A N   1 
ATOM 516  C CA  . SER A 1 68  ? -7.388  -2.861  -27.855 1.00 12.53  ? 68  SER A CA  1 
ATOM 517  C C   . SER A 1 68  ? -6.779  -1.480  -27.560 1.00 12.00  ? 68  SER A C   1 
ATOM 518  O O   . SER A 1 68  ? -6.957  -0.935  -26.464 1.00 11.49  ? 68  SER A O   1 
ATOM 519  C CB  . SER A 1 68  ? -8.512  -2.749  -28.888 1.00 10.32  ? 68  SER A CB  1 
ATOM 520  O OG  . SER A 1 68  ? -9.595  -2.006  -28.363 1.00 9.02   ? 68  SER A OG  1 
ATOM 521  N N   . LEU A 1 69  ? -6.058  -0.922  -28.533 1.00 11.46  ? 69  LEU A N   1 
ATOM 522  C CA  . LEU A 1 69  ? -5.359  0.356   -28.345 1.00 10.28  ? 69  LEU A CA  1 
ATOM 523  C C   . LEU A 1 69  ? -6.308  1.519   -28.012 1.00 11.21  ? 69  LEU A C   1 
ATOM 524  O O   . LEU A 1 69  ? -7.162  1.898   -28.810 1.00 9.18   ? 69  LEU A O   1 
ATOM 525  C CB  . LEU A 1 69  ? -4.495  0.686   -29.566 1.00 6.95   ? 69  LEU A CB  1 
ATOM 526  C CG  . LEU A 1 69  ? -3.490  1.819   -29.368 1.00 8.89   ? 69  LEU A CG  1 
ATOM 527  C CD1 . LEU A 1 69  ? -2.703  1.573   -28.126 1.00 17.33  ? 69  LEU A CD1 1 
ATOM 528  C CD2 . LEU A 1 69  ? -2.529  1.905   -30.511 1.00 9.54   ? 69  LEU A CD2 1 
ATOM 529  N N   . GLY A 1 70  ? -6.152  2.078   -26.819 1.00 9.37   ? 70  GLY A N   1 
ATOM 530  C CA  . GLY A 1 70  ? -7.002  3.163   -26.388 1.00 9.98   ? 70  GLY A CA  1 
ATOM 531  C C   . GLY A 1 70  ? -8.014  2.709   -25.352 1.00 12.68  ? 70  GLY A C   1 
ATOM 532  O O   . GLY A 1 70  ? -8.654  3.536   -24.692 1.00 15.80  ? 70  GLY A O   1 
ATOM 533  N N   . GLU A 1 71  ? -8.159  1.403   -25.185 1.00 8.69   ? 71  GLU A N   1 
ATOM 534  C CA  . GLU A 1 71  ? -9.201  0.910   -24.293 1.00 11.72  ? 71  GLU A CA  1 
ATOM 535  C C   . GLU A 1 71  ? -8.965  1.263   -22.822 1.00 12.09  ? 71  GLU A C   1 
ATOM 536  O O   . GLU A 1 71  ? -7.831  1.251   -22.336 1.00 12.07  ? 71  GLU A O   1 
ATOM 537  C CB  . GLU A 1 71  ? -9.392  -0.603  -24.475 1.00 14.10  ? 71  GLU A CB  1 
ATOM 538  C CG  . GLU A 1 71  ? -10.430 -1.256  -23.554 1.00 10.84  ? 71  GLU A CG  1 
ATOM 539  C CD  . GLU A 1 71  ? -10.728 -2.710  -23.936 1.00 13.66  ? 71  GLU A CD  1 
ATOM 540  O OE1 . GLU A 1 71  ? -10.693 -3.056  -25.144 1.00 15.67  ? 71  GLU A OE1 1 
ATOM 541  O OE2 . GLU A 1 71  ? -11.005 -3.514  -23.023 1.00 14.39  ? 71  GLU A OE2 1 
ATOM 542  N N   . LYS A 1 72  ? -10.057 1.606   -22.140 1.00 12.69  ? 72  LYS A N   1 
ATOM 543  C CA  . LYS A 1 72  ? -10.114 1.643   -20.678 1.00 12.96  ? 72  LYS A CA  1 
ATOM 544  C C   . LYS A 1 72  ? -10.956 0.472   -20.149 1.00 15.12  ? 72  LYS A C   1 
ATOM 545  O O   . LYS A 1 72  ? -12.143 0.356   -20.464 1.00 14.82  ? 72  LYS A O   1 
ATOM 546  C CB  . LYS A 1 72  ? -10.734 2.955   -20.194 1.00 11.44  ? 72  LYS A CB  1 
ATOM 547  C CG  . LYS A 1 72  ? -9.744  4.080   -19.949 1.00 19.82  ? 72  LYS A CG  1 
ATOM 548  C CD  . LYS A 1 72  ? -10.473 5.367   -19.545 1.00 26.86  ? 72  LYS A CD  1 
ATOM 549  C CE  . LYS A 1 72  ? -9.608  6.611   -19.743 1.00 22.52  ? 72  LYS A CE  1 
ATOM 550  N NZ  . LYS A 1 72  ? -10.353 7.902   -19.623 1.00 22.70  ? 72  LYS A NZ  1 
ATOM 551  N N   . ALA A 1 73  ? -10.362 -0.402  -19.350 1.00 11.39  ? 73  ALA A N   1 
ATOM 552  C CA  . ALA A 1 73  ? -11.153 -1.478  -18.777 1.00 12.98  ? 73  ALA A CA  1 
ATOM 553  C C   . ALA A 1 73  ? -10.815 -1.607  -17.315 1.00 16.93  ? 73  ALA A C   1 
ATOM 554  O O   . ALA A 1 73  ? -10.097 -0.768  -16.755 1.00 13.42  ? 73  ALA A O   1 
ATOM 555  C CB  . ALA A 1 73  ? -10.908 -2.799  -19.507 1.00 12.27  ? 73  ALA A CB  1 
ATOM 556  N N   . VAL A 1 74  ? -11.354 -2.658  -16.702 1.00 19.01  ? 74  VAL A N   1 
ATOM 557  C CA  . VAL A 1 74  ? -11.094 -2.961  -15.305 1.00 13.45  ? 74  VAL A CA  1 
ATOM 558  C C   . VAL A 1 74  ? -10.794 -4.434  -15.148 1.00 13.74  ? 74  VAL A C   1 
ATOM 559  O O   . VAL A 1 74  ? -11.663 -5.300  -15.345 1.00 13.89  ? 74  VAL A O   1 
ATOM 560  C CB  . VAL A 1 74  ? -12.278 -2.602  -14.402 1.00 15.22  ? 74  VAL A CB  1 
ATOM 561  C CG1 . VAL A 1 74  ? -12.253 -3.449  -13.144 1.00 19.89  ? 74  VAL A CG1 1 
ATOM 562  C CG2 . VAL A 1 74  ? -12.220 -1.149  -14.045 1.00 11.34  ? 74  VAL A CG2 1 
ATOM 563  N N   . LEU A 1 75  ? -9.549  -4.702  -14.779 1.00 13.72  ? 75  LEU A N   1 
ATOM 564  C CA  . LEU A 1 75  ? -9.098  -6.052  -14.492 1.00 16.09  ? 75  LEU A CA  1 
ATOM 565  C C   . LEU A 1 75  ? -9.389  -6.512  -13.041 1.00 18.15  ? 75  LEU A C   1 
ATOM 566  O O   . LEU A 1 75  ? -9.040  -5.842  -12.059 1.00 13.99  ? 75  LEU A O   1 
ATOM 567  C CB  . LEU A 1 75  ? -7.605  -6.196  -14.835 1.00 12.69  ? 75  LEU A CB  1 
ATOM 568  C CG  . LEU A 1 75  ? -7.138  -5.842  -16.257 1.00 9.16   ? 75  LEU A CG  1 
ATOM 569  C CD1 . LEU A 1 75  ? -5.647  -6.133  -16.377 1.00 8.38   ? 75  LEU A CD1 1 
ATOM 570  C CD2 . LEU A 1 75  ? -7.933  -6.578  -17.338 1.00 6.09   ? 75  LEU A CD2 1 
ATOM 571  N N   . THR A 1 76  ? -10.048 -7.665  -12.928 1.00 20.36  ? 76  THR A N   1 
ATOM 572  C CA  . THR A 1 76  ? -10.191 -8.344  -11.643 1.00 15.38  ? 76  THR A CA  1 
ATOM 573  C C   . THR A 1 76  ? -9.399  -9.667  -11.546 1.00 13.77  ? 76  THR A C   1 
ATOM 574  O O   . THR A 1 76  ? -9.665  -10.663 -12.232 1.00 11.01  ? 76  THR A O   1 
ATOM 575  C CB  . THR A 1 76  ? -11.648 -8.506  -11.253 1.00 11.70  ? 76  THR A CB  1 
ATOM 576  O OG1 . THR A 1 76  ? -12.235 -7.202  -11.150 1.00 14.44  ? 76  THR A OG1 1 
ATOM 577  C CG2 . THR A 1 76  ? -11.737 -9.202  -9.924  1.00 13.51  ? 76  THR A CG2 1 
ATOM 578  N N   . ILE A 1 77  ? -8.403  -9.648  -10.679 1.00 15.40  ? 77  ILE A N   1 
ATOM 579  C CA  . ILE A 1 77  ? -7.380  -10.672 -10.703 1.00 17.53  ? 77  ILE A CA  1 
ATOM 580  C C   . ILE A 1 77  ? -7.316  -11.354 -9.350  1.00 13.45  ? 77  ILE A C   1 
ATOM 581  O O   . ILE A 1 77  ? -7.062  -10.728 -8.323  1.00 11.39  ? 77  ILE A O   1 
ATOM 582  C CB  . ILE A 1 77  ? -5.999  -10.085 -11.115 1.00 12.32  ? 77  ILE A CB  1 
ATOM 583  C CG1 . ILE A 1 77  ? -6.128  -9.301  -12.416 1.00 7.57   ? 77  ILE A CG1 1 
ATOM 584  C CG2 . ILE A 1 77  ? -4.965  -11.192 -11.250 1.00 14.66  ? 77  ILE A CG2 1 
ATOM 585  C CD1 . ILE A 1 77  ? -4.920  -8.525  -12.737 1.00 8.54   ? 77  ILE A CD1 1 
ATOM 586  N N   . THR A 1 78  ? -7.599  -12.646 -9.369  1.00 15.71  ? 78  THR A N   1 
ATOM 587  C CA  . THR A 1 78  ? -7.537  -13.480 -8.184  1.00 14.74  ? 78  THR A CA  1 
ATOM 588  C C   . THR A 1 78  ? -6.076  -13.593 -7.711  1.00 20.46  ? 78  THR A C   1 
ATOM 589  O O   . THR A 1 78  ? -5.147  -13.406 -8.514  1.00 17.35  ? 78  THR A O   1 
ATOM 590  C CB  . THR A 1 78  ? -8.163  -14.842 -8.489  1.00 11.93  ? 78  THR A CB  1 
ATOM 591  O OG1 . THR A 1 78  ? -7.277  -15.631 -9.293  1.00 11.86  ? 78  THR A OG1 1 
ATOM 592  C CG2 . THR A 1 78  ? -9.429  -14.632 -9.281  1.00 11.20  ? 78  THR A CG2 1 
ATOM 593  N N   . PRO A 1 79  ? -5.867  -13.857 -6.400  1.00 16.74  ? 79  PRO A N   1 
ATOM 594  C CA  . PRO A 1 79  ? -4.525  -13.879 -5.802  1.00 16.85  ? 79  PRO A CA  1 
ATOM 595  C C   . PRO A 1 79  ? -3.641  -14.790 -6.615  1.00 15.84  ? 79  PRO A C   1 
ATOM 596  O O   . PRO A 1 79  ? -2.432  -14.621 -6.758  1.00 14.46  ? 79  PRO A O   1 
ATOM 597  C CB  . PRO A 1 79  ? -4.776  -14.504 -4.432  1.00 18.22  ? 79  PRO A CB  1 
ATOM 598  C CG  . PRO A 1 79  ? -6.163  -14.099 -4.089  1.00 16.79  ? 79  PRO A CG  1 
ATOM 599  C CD  . PRO A 1 79  ? -6.921  -14.103 -5.397  1.00 13.72  ? 79  PRO A CD  1 
ATOM 600  N N   . ASP A 1 80  ? -4.315  -15.790 -7.166  1.00 17.65  ? 80  ASP A N   1 
ATOM 601  C CA  . ASP A 1 80  ? -3.707  -16.865 -7.911  1.00 13.50  ? 80  ASP A CA  1 
ATOM 602  C C   . ASP A 1 80  ? -2.973  -16.313 -9.181  1.00 15.43  ? 80  ASP A C   1 
ATOM 603  O O   . ASP A 1 80  ? -1.821  -16.679 -9.422  1.00 11.56  ? 80  ASP A O   1 
ATOM 604  C CB  . ASP A 1 80  ? -4.744  -18.039 -8.001  1.00 11.54  ? 80  ASP A CB  1 
ATOM 605  C CG  . ASP A 1 80  ? -4.930  -18.626 -9.378  1.00 17.68  ? 80  ASP A CG  1 
ATOM 606  O OD1 . ASP A 1 80  ? -4.007  -19.299 -9.877  1.00 22.42  ? 80  ASP A OD1 1 
ATOM 607  O OD2 . ASP A 1 80  ? -6.045  -18.511 -9.942  1.00 17.88  ? 80  ASP A OD2 1 
ATOM 608  N N   . TYR A 1 81  ? -3.577  -15.367 -9.907  1.00 15.89  ? 81  TYR A N   1 
ATOM 609  C CA  . TYR A 1 81  ? -2.881  -14.676 -11.010 1.00 15.22  ? 81  TYR A CA  1 
ATOM 610  C C   . TYR A 1 81  ? -2.202  -13.393 -10.533 1.00 17.21  ? 81  TYR A C   1 
ATOM 611  O O   . TYR A 1 81  ? -1.656  -12.631 -11.338 1.00 19.04  ? 81  TYR A O   1 
ATOM 612  C CB  . TYR A 1 81  ? -3.830  -14.322 -12.171 1.00 16.68  ? 81  TYR A CB  1 
ATOM 613  C CG  . TYR A 1 81  ? -4.157  -15.453 -13.120 1.00 14.52  ? 81  TYR A CG  1 
ATOM 614  C CD1 . TYR A 1 81  ? -4.786  -16.591 -12.668 1.00 18.31  ? 81  TYR A CD1 1 
ATOM 615  C CD2 . TYR A 1 81  ? -3.856  -15.370 -14.466 1.00 16.84  ? 81  TYR A CD2 1 
ATOM 616  C CE1 . TYR A 1 81  ? -5.097  -17.638 -13.522 1.00 21.54  ? 81  TYR A CE1 1 
ATOM 617  C CE2 . TYR A 1 81  ? -4.165  -16.408 -15.336 1.00 17.60  ? 81  TYR A CE2 1 
ATOM 618  C CZ  . TYR A 1 81  ? -4.784  -17.538 -14.857 1.00 21.00  ? 81  TYR A CZ  1 
ATOM 619  O OH  . TYR A 1 81  ? -5.097  -18.576 -15.706 1.00 34.43  ? 81  TYR A OH  1 
ATOM 620  N N   . GLY A 1 82  ? -2.259  -13.134 -9.231  1.00 15.83  ? 82  GLY A N   1 
ATOM 621  C CA  . GLY A 1 82  ? -1.616  -11.957 -8.667  1.00 14.68  ? 82  GLY A CA  1 
ATOM 622  C C   . GLY A 1 82  ? -0.349  -12.238 -7.872  1.00 13.63  ? 82  GLY A C   1 
ATOM 623  O O   . GLY A 1 82  ? 0.616   -12.794 -8.404  1.00 10.80  ? 82  GLY A O   1 
ATOM 624  N N   . TYR A 1 83  ? -0.347  -11.851 -6.596  1.00 12.64  ? 83  TYR A N   1 
ATOM 625  C CA  . TYR A 1 83  ? 0.810   -12.079 -5.726  1.00 16.43  ? 83  TYR A CA  1 
ATOM 626  C C   . TYR A 1 83  ? 0.723   -13.369 -4.907  1.00 18.95  ? 83  TYR A C   1 
ATOM 627  O O   . TYR A 1 83  ? 1.693   -13.808 -4.285  1.00 17.53  ? 83  TYR A O   1 
ATOM 628  C CB  . TYR A 1 83  ? 1.069   -10.854 -4.849  1.00 16.96  ? 83  TYR A CB  1 
ATOM 629  C CG  . TYR A 1 83  ? 1.570   -9.699  -5.683  1.00 22.13  ? 83  TYR A CG  1 
ATOM 630  C CD1 . TYR A 1 83  ? 2.918   -9.577  -5.980  1.00 27.29  ? 83  TYR A CD1 1 
ATOM 631  C CD2 . TYR A 1 83  ? 0.694   -8.770  -6.231  1.00 20.22  ? 83  TYR A CD2 1 
ATOM 632  C CE1 . TYR A 1 83  ? 3.389   -8.544  -6.778  1.00 33.03  ? 83  TYR A CE1 1 
ATOM 633  C CE2 . TYR A 1 83  ? 1.159   -7.728  -7.034  1.00 20.52  ? 83  TYR A CE2 1 
ATOM 634  C CZ  . TYR A 1 83  ? 2.508   -7.622  -7.305  1.00 29.91  ? 83  TYR A CZ  1 
ATOM 635  O OH  . TYR A 1 83  ? 2.995   -6.597  -8.100  1.00 31.57  ? 83  TYR A OH  1 
ATOM 636  N N   . GLY A 1 84  ? -0.442  -13.990 -4.947  1.00 18.78  ? 84  GLY A N   1 
ATOM 637  C CA  . GLY A 1 84  ? -0.637  -15.262 -4.295  1.00 19.67  ? 84  GLY A CA  1 
ATOM 638  C C   . GLY A 1 84  ? -0.478  -15.191 -2.796  1.00 26.39  ? 84  GLY A C   1 
ATOM 639  O O   . GLY A 1 84  ? -0.590  -14.124 -2.167  1.00 23.23  ? 84  GLY A O   1 
ATOM 640  N N   . ALA A 1 85  ? -0.208  -16.361 -2.236  1.00 24.94  ? 85  ALA A N   1 
ATOM 641  C CA  . ALA A 1 85  ? -0.130  -16.551 -0.808  1.00 16.71  ? 85  ALA A CA  1 
ATOM 642  C C   . ALA A 1 85  ? 0.788   -15.550 -0.126  1.00 19.87  ? 85  ALA A C   1 
ATOM 643  O O   . ALA A 1 85  ? 0.449   -15.035 0.933   1.00 21.35  ? 85  ALA A O   1 
ATOM 644  C CB  . ALA A 1 85  ? 0.319   -17.954 -0.521  1.00 20.21  ? 85  ALA A CB  1 
ATOM 645  N N   . ARG A 1 86  ? 1.944   -15.277 -0.726  1.00 23.90  ? 86  ARG A N   1 
ATOM 646  C CA  . ARG A 1 86  ? 2.918   -14.376 -0.109  1.00 17.01  ? 86  ARG A CA  1 
ATOM 647  C C   . ARG A 1 86  ? 2.445   -12.936 -0.109  1.00 20.57  ? 86  ARG A C   1 
ATOM 648  O O   . ARG A 1 86  ? 2.796   -12.169 0.782   1.00 24.93  ? 86  ARG A O   1 
ATOM 649  C CB  . ARG A 1 86  ? 4.274   -14.441 -0.813  1.00 16.30  ? 86  ARG A CB  1 
ATOM 650  C CG  . ARG A 1 86  ? 4.874   -15.829 -0.908  1.00 31.82  ? 86  ARG A CG  1 
ATOM 651  C CD  . ARG A 1 86  ? 6.200   -15.808 -1.662  1.00 31.54  ? 86  ARG A CD  1 
ATOM 652  N NE  . ARG A 1 86  ? 7.030   -14.703 -1.211  1.00 21.96  ? 86  ARG A NE  1 
ATOM 653  C CZ  . ARG A 1 86  ? 8.142   -14.300 -1.816  1.00 29.73  ? 86  ARG A CZ  1 
ATOM 654  N NH1 . ARG A 1 86  ? 8.576   -14.915 -2.913  1.00 28.85  ? 86  ARG A NH1 1 
ATOM 655  N NH2 . ARG A 1 86  ? 8.824   -13.271 -1.322  1.00 34.23  ? 86  ARG A NH2 1 
ATOM 656  N N   . GLY A 1 87  ? 1.663   -12.560 -1.114  1.00 21.97  ? 87  GLY A N   1 
ATOM 657  C CA  . GLY A 1 87  ? 1.364   -11.157 -1.328  1.00 22.65  ? 87  GLY A CA  1 
ATOM 658  C C   . GLY A 1 87  ? 2.636   -10.338 -1.508  1.00 20.10  ? 87  GLY A C   1 
ATOM 659  O O   . GLY A 1 87  ? 3.684   -10.868 -1.911  1.00 13.74  ? 87  GLY A O   1 
ATOM 660  N N   . PHE A 1 88  ? 2.521   -9.041  -1.216  1.00 22.66  ? 88  PHE A N   1 
ATOM 661  C CA  . PHE A 1 88  ? 3.621   -8.082  -1.301  1.00 25.27  ? 88  PHE A CA  1 
ATOM 662  C C   . PHE A 1 88  ? 3.612   -7.190  -0.076  1.00 27.35  ? 88  PHE A C   1 
ATOM 663  O O   . PHE A 1 88  ? 2.918   -6.176  -0.058  1.00 32.21  ? 88  PHE A O   1 
ATOM 664  C CB  . PHE A 1 88  ? 3.477   -7.188  -2.533  1.00 28.94  ? 88  PHE A CB  1 
ATOM 665  C CG  . PHE A 1 88  ? 4.779   -6.611  -3.013  1.00 31.62  ? 88  PHE A CG  1 
ATOM 666  C CD1 . PHE A 1 88  ? 4.889   -6.074  -4.276  1.00 29.11  ? 88  PHE A CD1 1 
ATOM 667  C CD2 . PHE A 1 88  ? 5.899   -6.635  -2.203  1.00 38.00  ? 88  PHE A CD2 1 
ATOM 668  C CE1 . PHE A 1 88  ? 6.087   -5.559  -4.724  1.00 30.30  ? 88  PHE A CE1 1 
ATOM 669  C CE2 . PHE A 1 88  ? 7.104   -6.126  -2.644  1.00 35.08  ? 88  PHE A CE2 1 
ATOM 670  C CZ  . PHE A 1 88  ? 7.192   -5.590  -3.908  1.00 31.57  ? 88  PHE A CZ  1 
ATOM 671  N N   . PRO A 1 89  ? 4.406   -7.548  0.940   1.00 26.32  ? 89  PRO A N   1 
ATOM 672  C CA  . PRO A 1 89  ? 4.407   -6.930  2.265   1.00 22.39  ? 89  PRO A CA  1 
ATOM 673  C C   . PRO A 1 89  ? 4.374   -5.408  2.227   1.00 36.62  ? 89  PRO A C   1 
ATOM 674  O O   . PRO A 1 89  ? 4.647   -4.814  1.178   1.00 30.42  ? 89  PRO A O   1 
ATOM 675  C CB  . PRO A 1 89  ? 5.706   -7.434  2.866   1.00 24.38  ? 89  PRO A CB  1 
ATOM 676  C CG  . PRO A 1 89  ? 5.850   -8.762  2.278   1.00 37.65  ? 89  PRO A CG  1 
ATOM 677  C CD  . PRO A 1 89  ? 5.439   -8.587  0.842   1.00 32.81  ? 89  PRO A CD  1 
ATOM 678  N N   . PRO A 1 90  ? 4.189   -4.785  3.401   1.00 42.46  ? 90  PRO A N   1 
ATOM 679  C CA  . PRO A 1 90  ? 3.345   -3.620  3.595   1.00 24.10  ? 90  PRO A CA  1 
ATOM 680  C C   . PRO A 1 90  ? 2.072   -3.673  2.772   1.00 23.94  ? 90  PRO A C   1 
ATOM 681  O O   . PRO A 1 90  ? 1.084   -4.206  3.260   1.00 19.10  ? 90  PRO A O   1 
ATOM 682  C CB  . PRO A 1 90  ? 4.287   -2.487  3.209   1.00 18.17  ? 90  PRO A CB  1 
ATOM 683  C CG  . PRO A 1 90  ? 5.648   -3.012  3.773   1.00 42.39  ? 90  PRO A CG  1 
ATOM 684  C CD  . PRO A 1 90  ? 5.453   -4.517  4.090   1.00 51.18  ? 90  PRO A CD  1 
ATOM 685  N N   . CYS A 1 91  ? 2.103   -3.171  1.546   1.00 30.33  ? 91  CYS A N   1 
ATOM 686  C CA  . CYS A 1 91  ? 0.870   -2.856  0.831   1.00 28.05  ? 91  CYS A CA  1 
ATOM 687  C C   . CYS A 1 91  ? -0.126  -3.980  0.651   1.00 26.68  ? 91  CYS A C   1 
ATOM 688  O O   . CYS A 1 91  ? -1.299  -3.844  1.037   1.00 25.09  ? 91  CYS A O   1 
ATOM 689  C CB  . CYS A 1 91  ? 1.185   -2.232  -0.512  1.00 28.23  ? 91  CYS A CB  1 
ATOM 690  S SG  . CYS A 1 91  ? 1.692   -0.534  -0.291  1.00 67.00  ? 91  CYS A SG  1 
ATOM 691  N N   . ILE A 1 92  ? 0.345   -5.076  0.061   1.00 24.82  ? 92  ILE A N   1 
ATOM 692  C CA  . ILE A 1 92  ? -0.524  -6.148  -0.425  1.00 22.18  ? 92  ILE A CA  1 
ATOM 693  C C   . ILE A 1 92  ? -0.449  -7.421  0.417   1.00 19.96  ? 92  ILE A C   1 
ATOM 694  O O   . ILE A 1 92  ? 0.504   -8.203  0.352   1.00 24.81  ? 92  ILE A O   1 
ATOM 695  C CB  . ILE A 1 92  ? -0.271  -6.432  -1.935  1.00 20.58  ? 92  ILE A CB  1 
ATOM 696  C CG1 . ILE A 1 92  ? -0.124  -5.101  -2.679  1.00 17.09  ? 92  ILE A CG1 1 
ATOM 697  C CG2 . ILE A 1 92  ? -1.407  -7.248  -2.550  1.00 14.91  ? 92  ILE A CG2 1 
ATOM 698  C CD1 . ILE A 1 92  ? 0.134   -5.271  -4.121  1.00 18.40  ? 92  ILE A CD1 1 
ATOM 699  N N   . PRO A 1 93  ? -1.477  -7.631  1.223   1.00 13.88  ? 93  PRO A N   1 
ATOM 700  C CA  . PRO A 1 93  ? -1.555  -8.800  2.092   1.00 13.08  ? 93  PRO A CA  1 
ATOM 701  C C   . PRO A 1 93  ? -1.492  -10.092 1.313   1.00 15.33  ? 93  PRO A C   1 
ATOM 702  O O   . PRO A 1 93  ? -1.604  -10.126 0.081   1.00 16.07  ? 93  PRO A O   1 
ATOM 703  C CB  . PRO A 1 93  ? -2.940  -8.678  2.712   1.00 15.05  ? 93  PRO A CB  1 
ATOM 704  C CG  . PRO A 1 93  ? -3.283  -7.222  2.592   1.00 22.35  ? 93  PRO A CG  1 
ATOM 705  C CD  . PRO A 1 93  ? -2.650  -6.754  1.338   1.00 14.90  ? 93  PRO A CD  1 
ATOM 706  N N   . GLY A 1 94  ? -1.329  -11.171 2.061   1.00 14.47  ? 94  GLY A N   1 
ATOM 707  C CA  . GLY A 1 94  ? -1.240  -12.478 1.464   1.00 15.55  ? 94  GLY A CA  1 
ATOM 708  C C   . GLY A 1 94  ? -2.626  -12.846 1.009   1.00 17.75  ? 94  GLY A C   1 
ATOM 709  O O   . GLY A 1 94  ? -3.604  -12.509 1.685   1.00 15.22  ? 94  GLY A O   1 
ATOM 710  N N   . ASN A 1 95  ? -2.714  -13.508 -0.146  1.00 22.06  ? 95  ASN A N   1 
ATOM 711  C CA  . ASN A 1 95  ? -3.991  -13.981 -0.684  1.00 25.68  ? 95  ASN A CA  1 
ATOM 712  C C   . ASN A 1 95  ? -4.968  -12.830 -0.938  1.00 23.17  ? 95  ASN A C   1 
ATOM 713  O O   . ASN A 1 95  ? -6.022  -12.758 -0.314  1.00 15.45  ? 95  ASN A O   1 
ATOM 714  C CB  . ASN A 1 95  ? -4.622  -15.011 0.268   1.00 26.40  ? 95  ASN A CB  1 
ATOM 715  C CG  . ASN A 1 95  ? -5.796  -15.760 -0.356  1.00 23.60  ? 95  ASN A CG  1 
ATOM 716  O OD1 . ASN A 1 95  ? -5.709  -16.271 -1.477  1.00 36.65  ? 95  ASN A OD1 1 
ATOM 717  N ND2 . ASN A 1 95  ? -6.897  -15.838 0.376   1.00 13.80  ? 95  ASN A ND2 1 
ATOM 718  N N   . SER A 1 96  ? -4.614  -11.934 -1.855  1.00 24.39  ? 96  SER A N   1 
ATOM 719  C CA  . SER A 1 96  ? -5.399  -10.729 -2.057  1.00 17.73  ? 96  SER A CA  1 
ATOM 720  C C   . SER A 1 96  ? -5.862  -10.627 -3.485  1.00 18.35  ? 96  SER A C   1 
ATOM 721  O O   . SER A 1 96  ? -5.053  -10.682 -4.407  1.00 22.48  ? 96  SER A O   1 
ATOM 722  C CB  . SER A 1 96  ? -4.573  -9.488  -1.730  1.00 17.48  ? 96  SER A CB  1 
ATOM 723  O OG  . SER A 1 96  ? -4.197  -9.455  -0.365  1.00 24.88  ? 96  SER A OG  1 
ATOM 724  N N   . THR A 1 97  ? -7.165  -10.477 -3.668  1.00 20.11  ? 97  THR A N   1 
ATOM 725  C CA  . THR A 1 97  ? -7.720  -10.130 -4.967  1.00 12.85  ? 97  THR A CA  1 
ATOM 726  C C   . THR A 1 97  ? -7.349  -8.685  -5.313  1.00 14.47  ? 97  THR A C   1 
ATOM 727  O O   . THR A 1 97  ? -7.285  -7.830  -4.422  1.00 17.64  ? 97  THR A O   1 
ATOM 728  C CB  . THR A 1 97  ? -9.238  -10.261 -4.932  1.00 12.60  ? 97  THR A CB  1 
ATOM 729  O OG1 . THR A 1 97  ? -9.613  -11.647 -5.076  1.00 15.07  ? 97  THR A OG1 1 
ATOM 730  C CG2 . THR A 1 97  ? -9.846  -9.431  -6.040  1.00 12.37  ? 97  THR A CG2 1 
ATOM 731  N N   . LEU A 1 98  ? -7.102  -8.409  -6.593  1.00 13.81  ? 98  LEU A N   1 
ATOM 732  C CA  . LEU A 1 98  ? -6.650  -7.082  -7.026  1.00 9.37   ? 98  LEU A CA  1 
ATOM 733  C C   . LEU A 1 98  ? -7.590  -6.502  -8.064  1.00 11.73  ? 98  LEU A C   1 
ATOM 734  O O   . LEU A 1 98  ? -8.110  -7.219  -8.908  1.00 15.58  ? 98  LEU A O   1 
ATOM 735  C CB  . LEU A 1 98  ? -5.261  -7.168  -7.655  1.00 11.57  ? 98  LEU A CB  1 
ATOM 736  C CG  . LEU A 1 98  ? -4.207  -8.017  -6.940  1.00 16.38  ? 98  LEU A CG  1 
ATOM 737  C CD1 . LEU A 1 98  ? -2.873  -7.875  -7.643  1.00 13.05  ? 98  LEU A CD1 1 
ATOM 738  C CD2 . LEU A 1 98  ? -4.090  -7.625  -5.472  1.00 18.78  ? 98  LEU A CD2 1 
ATOM 739  N N   . ILE A 1 99  ? -7.800  -5.193  -8.017  1.00 13.18  ? 99  ILE A N   1 
ATOM 740  C CA  . ILE A 1 99  ? -8.639  -4.535  -9.009  1.00 13.65  ? 99  ILE A CA  1 
ATOM 741  C C   . ILE A 1 99  ? -7.948  -3.346  -9.665  1.00 14.29  ? 99  ILE A C   1 
ATOM 742  O O   . ILE A 1 99  ? -7.960  -2.234  -9.112  1.00 14.07  ? 99  ILE A O   1 
ATOM 743  C CB  . ILE A 1 99  ? -9.960  -4.054  -8.409  1.00 18.69  ? 99  ILE A CB  1 
ATOM 744  C CG1 . ILE A 1 99  ? -10.712 -5.221  -7.735  1.00 17.90  ? 99  ILE A CG1 1 
ATOM 745  C CG2 . ILE A 1 99  ? -10.788 -3.361  -9.494  1.00 17.43  ? 99  ILE A CG2 1 
ATOM 746  C CD1 . ILE A 1 99  ? -10.779 -5.134  -6.206  1.00 12.10  ? 99  ILE A CD1 1 
ATOM 747  N N   . PHE A 1 100 ? -7.377  -3.599  -10.851 1.00 17.11  ? 100 PHE A N   1 
ATOM 748  C CA  . PHE A 1 100 ? -6.657  -2.610  -11.670 1.00 11.80  ? 100 PHE A CA  1 
ATOM 749  C C   . PHE A 1 100 ? -7.525  -1.854  -12.693 1.00 11.25  ? 100 PHE A C   1 
ATOM 750  O O   . PHE A 1 100 ? -8.108  -2.448  -13.605 1.00 10.22  ? 100 PHE A O   1 
ATOM 751  C CB  . PHE A 1 100 ? -5.513  -3.284  -12.432 1.00 11.53  ? 100 PHE A CB  1 
ATOM 752  C CG  . PHE A 1 100 ? -4.367  -3.738  -11.559 1.00 14.60  ? 100 PHE A CG  1 
ATOM 753  C CD1 . PHE A 1 100 ? -3.285  -2.898  -11.315 1.00 11.44  ? 100 PHE A CD1 1 
ATOM 754  C CD2 . PHE A 1 100 ? -4.363  -5.019  -11.007 1.00 11.48  ? 100 PHE A CD2 1 
ATOM 755  C CE1 . PHE A 1 100 ? -2.240  -3.314  -10.524 1.00 13.07  ? 100 PHE A CE1 1 
ATOM 756  C CE2 . PHE A 1 100 ? -3.320  -5.448  -10.213 1.00 10.69  ? 100 PHE A CE2 1 
ATOM 757  C CZ  . PHE A 1 100 ? -2.255  -4.596  -9.967  1.00 17.04  ? 100 PHE A CZ  1 
ATOM 758  N N   . GLU A 1 101 ? -7.597  -0.535  -12.525 1.00 12.39  ? 101 GLU A N   1 
ATOM 759  C CA  . GLU A 1 101 ? -8.082  0.358   -13.554 1.00 8.82   ? 101 GLU A CA  1 
ATOM 760  C C   . GLU A 1 101 ? -6.961  0.392   -14.571 1.00 10.06  ? 101 GLU A C   1 
ATOM 761  O O   . GLU A 1 101 ? -5.811  0.653   -14.207 1.00 9.61   ? 101 GLU A O   1 
ATOM 762  C CB  . GLU A 1 101 ? -8.265  1.768   -12.989 1.00 11.66  ? 101 GLU A CB  1 
ATOM 763  C CG  . GLU A 1 101 ? -9.440  1.974   -12.028 1.00 14.39  ? 101 GLU A CG  1 
ATOM 764  C CD  . GLU A 1 101 ? -9.620  3.446   -11.637 1.00 19.24  ? 101 GLU A CD  1 
ATOM 765  O OE1 . GLU A 1 101 ? -8.659  4.227   -11.830 1.00 21.57  ? 101 GLU A OE1 1 
ATOM 766  O OE2 . GLU A 1 101 ? -10.709 3.830   -11.146 1.00 10.59  ? 101 GLU A OE2 1 
ATOM 767  N N   . VAL A 1 102 ? -7.271  0.140   -15.838 1.00 10.96  ? 102 VAL A N   1 
ATOM 768  C CA  . VAL A 1 102 ? -6.217  0.114   -16.857 1.00 12.22  ? 102 VAL A CA  1 
ATOM 769  C C   . VAL A 1 102 ? -6.488  0.888   -18.151 1.00 13.38  ? 102 VAL A C   1 
ATOM 770  O O   . VAL A 1 102 ? -7.579  0.794   -18.728 1.00 14.05  ? 102 VAL A O   1 
ATOM 771  C CB  . VAL A 1 102 ? -5.885  -1.304  -17.258 1.00 10.17  ? 102 VAL A CB  1 
ATOM 772  C CG1 . VAL A 1 102 ? -4.826  -1.283  -18.355 1.00 12.43  ? 102 VAL A CG1 1 
ATOM 773  C CG2 . VAL A 1 102 ? -5.443  -2.100  -16.039 1.00 8.99   ? 102 VAL A CG2 1 
ATOM 774  N N   . GLU A 1 103 ? -5.476  1.618   -18.619 1.00 12.49  ? 103 GLU A N   1 
ATOM 775  C CA  . GLU A 1 103 ? -5.565  2.306   -19.904 1.00 14.61  ? 103 GLU A CA  1 
ATOM 776  C C   . GLU A 1 103 ? -4.432  1.969   -20.867 1.00 12.63  ? 103 GLU A C   1 
ATOM 777  O O   . GLU A 1 103 ? -3.257  2.228   -20.599 1.00 11.04  ? 103 GLU A O   1 
ATOM 778  C CB  . GLU A 1 103 ? -5.656  3.819   -19.741 1.00 17.48  ? 103 GLU A CB  1 
ATOM 779  C CG  . GLU A 1 103 ? -5.934  4.518   -21.070 1.00 18.44  ? 103 GLU A CG  1 
ATOM 780  C CD  . GLU A 1 103 ? -6.077  6.019   -20.933 1.00 17.29  ? 103 GLU A CD  1 
ATOM 781  O OE1 . GLU A 1 103 ? -6.404  6.480   -19.824 1.00 24.90  ? 103 GLU A OE1 1 
ATOM 782  O OE2 . GLU A 1 103 ? -5.851  6.736   -21.926 1.00 17.09  ? 103 GLU A OE2 1 
ATOM 783  N N   . LEU A 1 104 ? -4.812  1.403   -22.003 1.00 12.81  ? 104 LEU A N   1 
ATOM 784  C CA  . LEU A 1 104 ? -3.849  0.915   -22.970 1.00 12.93  ? 104 LEU A CA  1 
ATOM 785  C C   . LEU A 1 104 ? -3.413  2.039   -23.885 1.00 11.70  ? 104 LEU A C   1 
ATOM 786  O O   . LEU A 1 104 ? -3.956  2.203   -24.968 1.00 11.79  ? 104 LEU A O   1 
ATOM 787  C CB  . LEU A 1 104 ? -4.448  -0.232  -23.795 1.00 13.40  ? 104 LEU A CB  1 
ATOM 788  C CG  . LEU A 1 104 ? -3.403  -0.975  -24.647 1.00 15.02  ? 104 LEU A CG  1 
ATOM 789  C CD1 . LEU A 1 104 ? -2.069  -1.123  -23.895 1.00 12.58  ? 104 LEU A CD1 1 
ATOM 790  C CD2 . LEU A 1 104 ? -3.921  -2.324  -25.138 1.00 10.55  ? 104 LEU A CD2 1 
ATOM 791  N N   . LEU A 1 105 ? -2.432  2.811   -23.446 1.00 14.59  ? 105 LEU A N   1 
ATOM 792  C CA  . LEU A 1 105 ? -1.959  3.960   -24.211 1.00 11.29  ? 105 LEU A CA  1 
ATOM 793  C C   . LEU A 1 105 ? -1.192  3.601   -25.490 1.00 14.96  ? 105 LEU A C   1 
ATOM 794  O O   . LEU A 1 105 ? -1.318  4.304   -26.498 1.00 19.90  ? 105 LEU A O   1 
ATOM 795  C CB  . LEU A 1 105 ? -1.081  4.851   -23.339 1.00 11.80  ? 105 LEU A CB  1 
ATOM 796  C CG  . LEU A 1 105 ? -1.577  5.113   -21.923 1.00 13.82  ? 105 LEU A CG  1 
ATOM 797  C CD1 . LEU A 1 105 ? -0.569  5.944   -21.171 1.00 14.95  ? 105 LEU A CD1 1 
ATOM 798  C CD2 . LEU A 1 105 ? -2.903  5.820   -21.957 1.00 13.44  ? 105 LEU A CD2 1 
ATOM 799  N N   . GLY A 1 106 ? -0.392  2.532   -25.457 1.00 12.79  ? 106 GLY A N   1 
ATOM 800  C CA  . GLY A 1 106 ? 0.379   2.148   -26.629 1.00 15.66  ? 106 GLY A CA  1 
ATOM 801  C C   . GLY A 1 106 ? 0.856   0.710   -26.802 1.00 14.24  ? 106 GLY A C   1 
ATOM 802  O O   . GLY A 1 106 ? 1.237   0.027   -25.846 1.00 12.90  ? 106 GLY A O   1 
ATOM 803  N N   . ILE A 1 107 ? 0.863   0.260   -28.051 1.00 11.50  ? 107 ILE A N   1 
ATOM 804  C CA  . ILE A 1 107 ? 1.393   -1.054  -28.379 1.00 12.34  ? 107 ILE A CA  1 
ATOM 805  C C   . ILE A 1 107 ? 2.622   -0.930  -29.282 1.00 17.36  ? 107 ILE A C   1 
ATOM 806  O O   . ILE A 1 107 ? 2.506   -0.552  -30.444 1.00 24.46  ? 107 ILE A O   1 
ATOM 807  C CB  . ILE A 1 107 ? 0.336   -1.907  -29.074 1.00 12.96  ? 107 ILE A CB  1 
ATOM 808  C CG1 . ILE A 1 107 ? -0.936  -1.985  -28.217 1.00 12.18  ? 107 ILE A CG1 1 
ATOM 809  C CG2 . ILE A 1 107 ? 0.894   -3.282  -29.374 1.00 11.45  ? 107 ILE A CG2 1 
ATOM 810  C CD1 . ILE A 1 107 ? -2.069  -2.760  -28.864 1.00 8.60   ? 107 ILE A CD1 1 
ATOM 811  N N   . ASN A 1 108 ? 3.793   -1.265  -28.750 1.00 17.10  ? 108 ASN A N   1 
ATOM 812  C CA  . ASN A 1 108 ? 5.060   -1.016  -29.439 1.00 15.47  ? 108 ASN A CA  1 
ATOM 813  C C   . ASN A 1 108 ? 5.203   0.450   -29.885 1.00 26.59  ? 108 ASN A C   1 
ATOM 814  O O   . ASN A 1 108 ? 5.578   1.324   -29.085 1.00 35.72  ? 108 ASN A O   1 
ATOM 815  C CB  . ASN A 1 108 ? 5.285   -1.987  -30.603 1.00 10.43  ? 108 ASN A CB  1 
ATOM 816  C CG  . ASN A 1 108 ? 5.532   -3.439  -30.138 1.00 16.29  ? 108 ASN A CG  1 
ATOM 817  O OD1 . ASN A 1 108 ? 4.704   -4.320  -30.362 1.00 14.86  ? 108 ASN A OD1 1 
ATOM 818  N ND2 . ASN A 1 108 ? 6.684   -3.689  -29.516 1.00 16.11  ? 108 ASN A ND2 1 
ATOM 819  N N   . ASN A 1 109 ? 4.906   0.741   -31.146 1.00 19.05  ? 109 ASN A N   1 
ATOM 820  C CA  . ASN A 1 109 ? 5.142   2.097   -31.621 1.00 16.02  ? 109 ASN A CA  1 
ATOM 821  C C   . ASN A 1 109 ? 3.863   2.821   -31.972 1.00 18.49  ? 109 ASN A C   1 
ATOM 822  O O   . ASN A 1 109 ? 3.888   3.724   -32.800 1.00 23.09  ? 109 ASN A O   1 
ATOM 823  C CB  . ASN A 1 109 ? 6.089   2.104   -32.824 1.00 18.73  ? 109 ASN A CB  1 
ATOM 824  C CG  . ASN A 1 109 ? 6.906   3.391   -32.925 1.00 26.99  ? 109 ASN A CG  1 
ATOM 825  O OD1 . ASN A 1 109 ? 6.684   4.349   -32.179 1.00 27.51  ? 109 ASN A OD1 1 
ATOM 826  N ND2 . ASN A 1 109 ? 7.853   3.417   -33.859 1.00 21.07  ? 109 ASN A ND2 1 
ATOM 827  N N   . LYS A 1 110 ? 2.754   2.436   -31.335 1.00 20.58  ? 110 LYS A N   1 
ATOM 828  C CA  . LYS A 1 110 ? 1.424   3.021   -31.600 1.00 19.40  ? 110 LYS A CA  1 
ATOM 829  C C   . LYS A 1 110 ? 0.766   3.695   -30.387 1.00 19.38  ? 110 LYS A C   1 
ATOM 830  O O   . LYS A 1 110 ? 1.003   3.292   -29.252 1.00 19.33  ? 110 LYS A O   1 
ATOM 831  C CB  . LYS A 1 110 ? 0.476   1.942   -32.120 1.00 19.33  ? 110 LYS A CB  1 
ATOM 832  C CG  . LYS A 1 110 ? 0.305   1.914   -33.633 1.00 18.44  ? 110 LYS A CG  1 
ATOM 833  C CD  . LYS A 1 110 ? -1.077  2.418   -34.076 1.00 17.55  ? 110 LYS A CD  1 
ATOM 834  C CE  . LYS A 1 110 ? -1.326  2.157   -35.567 1.00 30.94  ? 110 LYS A CE  1 
ATOM 835  N NZ  . LYS A 1 110 ? -0.254  1.306   -36.175 1.00 46.49  ? 110 LYS A NZ  1 
ATOM 836  N N   . ARG A 1 111 ? -0.108  4.678   -30.641 1.00 22.50  ? 111 ARG A N   1 
ATOM 837  C CA  . ARG A 1 111 ? -0.701  5.508   -29.578 1.00 25.92  ? 111 ARG A CA  1 
ATOM 838  C C   . ARG A 1 111 ? -2.202  5.877   -29.719 1.00 17.13  ? 111 ARG A C   1 
ATOM 839  O O   . ARG A 1 111 ? -2.891  6.242   -28.737 1.00 8.99   ? 111 ARG A O   1 
ATOM 840  C CB  . ARG A 1 111 ? 0.125   6.786   -29.420 1.00 28.44  ? 111 ARG A CB  1 
ATOM 841  C CG  . ARG A 1 111 ? 1.624   6.608   -29.702 1.00 32.89  ? 111 ARG A CG  1 
ATOM 842  C CD  . ARG A 1 111 ? 2.504   7.536   -28.840 1.00 48.97  ? 111 ARG A CD  1 
ATOM 843  N NE  . ARG A 1 111 ? 2.189   7.411   -27.414 1.00 79.43  ? 111 ARG A NE  1 
ATOM 844  C CZ  . ARG A 1 111 ? 2.726   6.527   -26.566 1.00 74.81  ? 111 ARG A CZ  1 
ATOM 845  N NH1 . ARG A 1 111 ? 3.651   5.640   -26.953 1.00 54.29  ? 111 ARG A NH1 1 
ATOM 846  N NH2 . ARG A 1 111 ? 2.324   6.532   -25.301 1.00 48.11  ? 111 ARG A NH2 1 
ATOM 847  N N   . MET B 1 1   ? 3.283   20.172  15.185  1.00 27.18  ? 1   MET B N   1 
ATOM 848  C CA  . MET B 1 1   ? 4.611   19.585  14.973  1.00 54.77  ? 1   MET B CA  1 
ATOM 849  C C   . MET B 1 1   ? 4.582   18.556  13.837  1.00 40.51  ? 1   MET B C   1 
ATOM 850  O O   . MET B 1 1   ? 3.598   18.483  13.098  1.00 24.36  ? 1   MET B O   1 
ATOM 851  C CB  . MET B 1 1   ? 5.155   18.961  16.278  1.00 32.34  ? 1   MET B CB  1 
ATOM 852  N N   . GLY B 1 2   ? 5.676   17.803  13.694  1.00 33.91  ? 2   GLY B N   1 
ATOM 853  C CA  . GLY B 1 2   ? 5.766   16.672  12.782  1.00 22.45  ? 2   GLY B CA  1 
ATOM 854  C C   . GLY B 1 2   ? 4.962   15.439  13.197  1.00 21.48  ? 2   GLY B C   1 
ATOM 855  O O   . GLY B 1 2   ? 4.733   14.537  12.385  1.00 18.53  ? 2   GLY B O   1 
ATOM 856  N N   . VAL B 1 3   ? 4.536   15.375  14.459  1.00 16.13  ? 3   VAL B N   1 
ATOM 857  C CA  . VAL B 1 3   ? 3.640   14.302  14.892  1.00 14.31  ? 3   VAL B CA  1 
ATOM 858  C C   . VAL B 1 3   ? 2.663   14.800  15.937  1.00 11.56  ? 3   VAL B C   1 
ATOM 859  O O   . VAL B 1 3   ? 3.034   15.575  16.812  1.00 11.10  ? 3   VAL B O   1 
ATOM 860  C CB  . VAL B 1 3   ? 4.378   13.030  15.438  1.00 13.69  ? 3   VAL B CB  1 
ATOM 861  C CG1 . VAL B 1 3   ? 5.354   13.365  16.538  1.00 10.83  ? 3   VAL B CG1 1 
ATOM 862  C CG2 . VAL B 1 3   ? 3.364   12.031  15.974  1.00 13.74  ? 3   VAL B CG2 1 
ATOM 863  N N   . THR B 1 4   ? 1.411   14.360  15.820  1.00 10.46  ? 4   THR B N   1 
ATOM 864  C CA  . THR B 1 4   ? 0.376   14.690  16.794  1.00 10.43  ? 4   THR B CA  1 
ATOM 865  C C   . THR B 1 4   ? -0.516  13.509  17.171  1.00 15.38  ? 4   THR B C   1 
ATOM 866  O O   . THR B 1 4   ? -0.991  12.753  16.321  1.00 14.02  ? 4   THR B O   1 
ATOM 867  C CB  . THR B 1 4   ? -0.509  15.870  16.365  1.00 6.60   ? 4   THR B CB  1 
ATOM 868  O OG1 . THR B 1 4   ? -0.855  15.753  14.982  1.00 5.01   ? 4   THR B OG1 1 
ATOM 869  C CG2 . THR B 1 4   ? 0.231   17.162  16.584  1.00 11.50  ? 4   THR B CG2 1 
ATOM 870  N N   . LYS B 1 5   ? -0.740  13.377  18.473  1.00 19.96  ? 5   LYS B N   1 
ATOM 871  C CA  . LYS B 1 5   ? -1.501  12.281  19.022  1.00 12.96  ? 5   LYS B CA  1 
ATOM 872  C C   . LYS B 1 5   ? -2.839  12.844  19.363  1.00 14.23  ? 5   LYS B C   1 
ATOM 873  O O   . LYS B 1 5   ? -2.953  13.910  19.956  1.00 11.88  ? 5   LYS B O   1 
ATOM 874  C CB  . LYS B 1 5   ? -0.844  11.757  20.293  1.00 15.53  ? 5   LYS B CB  1 
ATOM 875  C CG  . LYS B 1 5   ? -1.527  10.564  20.917  1.00 15.22  ? 5   LYS B CG  1 
ATOM 876  C CD  . LYS B 1 5   ? -0.812  10.157  22.196  1.00 13.01  ? 5   LYS B CD  1 
ATOM 877  C CE  . LYS B 1 5   ? -1.193  11.089  23.324  1.00 15.27  ? 5   LYS B CE  1 
ATOM 878  N NZ  . LYS B 1 5   ? -1.157  10.414  24.652  1.00 16.46  ? 5   LYS B NZ  1 
ATOM 879  N N   . GLU B 1 6   ? -3.859  12.129  18.932  1.00 18.77  ? 6   GLU B N   1 
ATOM 880  C CA  . GLU B 1 6   ? -5.193  12.321  19.428  1.00 14.97  ? 6   GLU B CA  1 
ATOM 881  C C   . GLU B 1 6   ? -5.256  11.158  20.391  1.00 19.05  ? 6   GLU B C   1 
ATOM 882  O O   . GLU B 1 6   ? -4.797  10.060  20.063  1.00 17.01  ? 6   GLU B O   1 
ATOM 883  C CB  . GLU B 1 6   ? -6.200  12.174  18.270  1.00 15.12  ? 6   GLU B CB  1 
ATOM 884  C CG  . GLU B 1 6   ? -7.489  11.419  18.613  1.00 24.94  ? 6   GLU B CG  1 
ATOM 885  C CD  . GLU B 1 6   ? -8.665  11.581  17.611  1.00 26.34  ? 6   GLU B CD  1 
ATOM 886  O OE1 . GLU B 1 6   ? -9.566  12.420  17.858  1.00 19.23  ? 6   GLU B OE1 1 
ATOM 887  O OE2 . GLU B 1 6   ? -8.734  10.825  16.615  1.00 29.15  ? 6   GLU B OE2 1 
ATOM 888  N N   . LEU B 1 7   ? -5.740  11.387  21.605  1.00 21.61  ? 7   LEU B N   1 
ATOM 889  C CA  . LEU B 1 7   ? -6.017  10.248  22.478  1.00 21.52  ? 7   LEU B CA  1 
ATOM 890  C C   . LEU B 1 7   ? -7.422  9.713   22.170  1.00 21.13  ? 7   LEU B C   1 
ATOM 891  O O   . LEU B 1 7   ? -8.379  10.482  22.104  1.00 26.88  ? 7   LEU B O   1 
ATOM 892  C CB  . LEU B 1 7   ? -5.885  10.628  23.953  1.00 19.48  ? 7   LEU B CB  1 
ATOM 893  C CG  . LEU B 1 7   ? -6.310  9.525   24.920  1.00 16.87  ? 7   LEU B CG  1 
ATOM 894  C CD1 . LEU B 1 7   ? -5.569  9.691   26.197  1.00 17.86  ? 7   LEU B CD1 1 
ATOM 895  C CD2 . LEU B 1 7   ? -7.807  9.544   25.188  1.00 22.55  ? 7   LEU B CD2 1 
ATOM 896  N N   . LYS B 1 8   ? -7.541  8.406   21.967  1.00 18.10  ? 8   LYS B N   1 
ATOM 897  C CA  . LYS B 1 8   ? -8.832  7.797   21.657  1.00 20.12  ? 8   LYS B CA  1 
ATOM 898  C C   . LYS B 1 8   ? -9.393  6.961   22.821  1.00 22.04  ? 8   LYS B C   1 
ATOM 899  O O   . LYS B 1 8   ? -10.606 6.929   23.058  1.00 28.11  ? 8   LYS B O   1 
ATOM 900  C CB  . LYS B 1 8   ? -8.746  6.991   20.358  1.00 16.28  ? 8   LYS B CB  1 
ATOM 901  C CG  . LYS B 1 8   ? -9.005  7.829   19.103  1.00 15.50  ? 8   LYS B CG  1 
ATOM 902  C CD  . LYS B 1 8   ? -10.466 8.313   19.070  1.00 28.00  ? 8   LYS B CD  1 
ATOM 903  C CE  . LYS B 1 8   ? -10.958 8.732   17.673  1.00 27.84  ? 8   LYS B CE  1 
ATOM 904  N NZ  . LYS B 1 8   ? -12.459 8.700   17.592  1.00 20.48  ? 8   LYS B NZ  1 
ATOM 905  N N   . SER B 1 9   ? -8.500  6.299   23.547  1.00 19.27  ? 9   SER B N   1 
ATOM 906  C CA  . SER B 1 9   ? -8.847  5.639   24.802  1.00 18.90  ? 9   SER B CA  1 
ATOM 907  C C   . SER B 1 9   ? -7.661  5.690   25.766  1.00 18.53  ? 9   SER B C   1 
ATOM 908  O O   . SER B 1 9   ? -6.536  5.410   25.379  1.00 19.70  ? 9   SER B O   1 
ATOM 909  C CB  . SER B 1 9   ? -9.254  4.196   24.560  1.00 25.24  ? 9   SER B CB  1 
ATOM 910  O OG  . SER B 1 9   ? -8.911  3.404   25.680  1.00 25.70  ? 9   SER B OG  1 
ATOM 911  N N   . PRO B 1 10  ? -7.914  6.022   27.039  1.00 24.47  ? 10  PRO B N   1 
ATOM 912  C CA  . PRO B 1 10  ? -6.857  6.324   28.016  1.00 20.69  ? 10  PRO B CA  1 
ATOM 913  C C   . PRO B 1 10  ? -6.071  5.086   28.466  1.00 15.44  ? 10  PRO B C   1 
ATOM 914  O O   . PRO B 1 10  ? -6.641  4.017   28.652  1.00 15.63  ? 10  PRO B O   1 
ATOM 915  C CB  . PRO B 1 10  ? -7.647  6.895   29.189  1.00 18.83  ? 10  PRO B CB  1 
ATOM 916  C CG  . PRO B 1 10  ? -8.940  6.130   29.138  1.00 20.59  ? 10  PRO B CG  1 
ATOM 917  C CD  . PRO B 1 10  ? -9.247  5.977   27.671  1.00 29.86  ? 10  PRO B CD  1 
ATOM 918  N N   . GLY B 1 11  ? -4.763  5.231   28.626  1.00 15.08  ? 11  GLY B N   1 
ATOM 919  C CA  . GLY B 1 11  ? -3.966  4.140   29.147  1.00 14.59  ? 11  GLY B CA  1 
ATOM 920  C C   . GLY B 1 11  ? -4.027  4.195   30.663  1.00 12.88  ? 11  GLY B C   1 
ATOM 921  O O   . GLY B 1 11  ? -4.984  4.755   31.220  1.00 8.77   ? 11  GLY B O   1 
ATOM 922  N N   . ASN B 1 12  ? -3.007  3.637   31.322  1.00 10.83  ? 12  ASN B N   1 
ATOM 923  C CA  . ASN B 1 12  ? -2.923  3.656   32.790  1.00 13.49  ? 12  ASN B CA  1 
ATOM 924  C C   . ASN B 1 12  ? -2.396  4.970   33.352  1.00 14.08  ? 12  ASN B C   1 
ATOM 925  O O   . ASN B 1 12  ? -2.661  5.303   34.504  1.00 13.81  ? 12  ASN B O   1 
ATOM 926  C CB  . ASN B 1 12  ? -2.122  2.465   33.349  1.00 7.23   ? 12  ASN B CB  1 
ATOM 927  C CG  . ASN B 1 12  ? -0.627  2.609   33.137  1.00 12.05  ? 12  ASN B CG  1 
ATOM 928  O OD1 . ASN B 1 12  ? -0.085  3.724   33.091  1.00 18.29  ? 12  ASN B OD1 1 
ATOM 929  N ND2 . ASN B 1 12  ? 0.052   1.484   33.010  1.00 9.86   ? 12  ASN B ND2 1 
ATOM 930  N N   . GLY B 1 13  ? -1.631  5.691   32.544  1.00 13.62  ? 13  GLY B N   1 
ATOM 931  C CA  . GLY B 1 13  ? -1.286  7.055   32.876  1.00 19.92  ? 13  GLY B CA  1 
ATOM 932  C C   . GLY B 1 13  ? -0.079  7.206   33.773  1.00 23.46  ? 13  GLY B C   1 
ATOM 933  O O   . GLY B 1 13  ? 0.280   8.331   34.163  1.00 25.81  ? 13  GLY B O   1 
ATOM 934  N N   . VAL B 1 14  ? 0.556   6.087   34.108  1.00 18.17  ? 14  VAL B N   1 
ATOM 935  C CA  . VAL B 1 14  ? 1.809   6.152   34.857  1.00 22.37  ? 14  VAL B CA  1 
ATOM 936  C C   . VAL B 1 14  ? 2.961   5.581   34.046  1.00 18.60  ? 14  VAL B C   1 
ATOM 937  O O   . VAL B 1 14  ? 4.038   6.172   33.957  1.00 18.58  ? 14  VAL B O   1 
ATOM 938  C CB  . VAL B 1 14  ? 1.741   5.375   36.168  1.00 19.21  ? 14  VAL B CB  1 
ATOM 939  C CG1 . VAL B 1 14  ? 3.082   5.473   36.877  1.00 17.77  ? 14  VAL B CG1 1 
ATOM 940  C CG2 . VAL B 1 14  ? 0.588   5.894   37.043  1.00 17.30  ? 14  VAL B CG2 1 
ATOM 941  N N   . ASP B 1 15  ? 2.726   4.420   33.457  1.00 13.98  ? 15  ASP B N   1 
ATOM 942  C CA  . ASP B 1 15  ? 3.778   3.719   32.765  1.00 15.08  ? 15  ASP B CA  1 
ATOM 943  C C   . ASP B 1 15  ? 3.898   4.194   31.333  1.00 13.77  ? 15  ASP B C   1 
ATOM 944  O O   . ASP B 1 15  ? 3.132   3.791   30.456  1.00 11.65  ? 15  ASP B O   1 
ATOM 945  C CB  . ASP B 1 15  ? 3.537   2.219   32.842  1.00 17.17  ? 15  ASP B CB  1 
ATOM 946  C CG  . ASP B 1 15  ? 3.453   1.728   34.276  1.00 19.54  ? 15  ASP B CG  1 
ATOM 947  O OD1 . ASP B 1 15  ? 4.042   2.391   35.154  1.00 24.20  ? 15  ASP B OD1 1 
ATOM 948  O OD2 . ASP B 1 15  ? 2.795   0.695   34.531  1.00 19.07  ? 15  ASP B OD2 1 
ATOM 949  N N   . PHE B 1 16  ? 4.861   5.079   31.113  1.00 14.79  ? 16  PHE B N   1 
ATOM 950  C CA  . PHE B 1 16  ? 5.209   5.515   29.767  1.00 13.67  ? 16  PHE B CA  1 
ATOM 951  C C   . PHE B 1 16  ? 6.534   4.905   29.332  1.00 15.71  ? 16  PHE B C   1 
ATOM 952  O O   . PHE B 1 16  ? 7.375   4.561   30.168  1.00 24.54  ? 16  PHE B O   1 
ATOM 953  C CB  . PHE B 1 16  ? 5.324   7.029   29.727  1.00 16.77  ? 16  PHE B CB  1 
ATOM 954  C CG  . PHE B 1 16  ? 4.068   7.738   30.110  1.00 14.49  ? 16  PHE B CG  1 
ATOM 955  C CD1 . PHE B 1 16  ? 3.772   7.983   31.438  1.00 12.87  ? 16  PHE B CD1 1 
ATOM 956  C CD2 . PHE B 1 16  ? 3.180   8.164   29.137  1.00 16.02  ? 16  PHE B CD2 1 
ATOM 957  C CE1 . PHE B 1 16  ? 2.608   8.647   31.785  1.00 17.07  ? 16  PHE B CE1 1 
ATOM 958  C CE2 . PHE B 1 16  ? 2.017   8.825   29.476  1.00 13.38  ? 16  PHE B CE2 1 
ATOM 959  C CZ  . PHE B 1 16  ? 1.731   9.070   30.803  1.00 13.36  ? 16  PHE B CZ  1 
ATOM 960  N N   . PRO B 1 17  ? 6.727   4.766   28.017  1.00 12.49  ? 17  PRO B N   1 
ATOM 961  C CA  . PRO B 1 17  ? 7.947   4.173   27.467  1.00 13.06  ? 17  PRO B CA  1 
ATOM 962  C C   . PRO B 1 17  ? 9.047   5.207   27.421  1.00 12.70  ? 17  PRO B C   1 
ATOM 963  O O   . PRO B 1 17  ? 8.837   6.221   26.756  1.00 14.89  ? 17  PRO B O   1 
ATOM 964  C CB  . PRO B 1 17  ? 7.539   3.803   26.030  1.00 12.56  ? 17  PRO B CB  1 
ATOM 965  C CG  . PRO B 1 17  ? 6.071   4.079   25.928  1.00 11.92  ? 17  PRO B CG  1 
ATOM 966  C CD  . PRO B 1 17  ? 5.746   5.073   26.972  1.00 10.88  ? 17  PRO B CD  1 
ATOM 967  N N   . LYS B 1 18  ? 10.180  4.998   28.087  1.00 11.43  ? 18  LYS B N   1 
ATOM 968  C CA  . LYS B 1 18  ? 11.298  5.912   27.903  1.00 14.08  ? 18  LYS B CA  1 
ATOM 969  C C   . LYS B 1 18  ? 12.179  5.349   26.811  1.00 17.97  ? 18  LYS B C   1 
ATOM 970  O O   . LYS B 1 18  ? 11.778  4.401   26.151  1.00 18.50  ? 18  LYS B O   1 
ATOM 971  C CB  . LYS B 1 18  ? 12.060  6.186   29.205  1.00 10.39  ? 18  LYS B CB  1 
ATOM 972  C CG  . LYS B 1 18  ? 12.750  5.013   29.799  1.00 17.57  ? 18  LYS B CG  1 
ATOM 973  C CD  . LYS B 1 18  ? 12.106  4.631   31.114  1.00 32.19  ? 18  LYS B CD  1 
ATOM 974  C CE  . LYS B 1 18  ? 12.242  3.134   31.372  1.00 43.21  ? 18  LYS B CE  1 
ATOM 975  N NZ  . LYS B 1 18  ? 13.314  2.539   30.524  1.00 40.03  ? 18  LYS B NZ  1 
ATOM 976  N N   . LYS B 1 19  ? 13.340  5.948   26.574  1.00 24.41  ? 19  LYS B N   1 
ATOM 977  C CA  . LYS B 1 19  ? 14.120  5.594   25.401  1.00 20.26  ? 19  LYS B CA  1 
ATOM 978  C C   . LYS B 1 19  ? 14.781  4.267   25.670  1.00 20.37  ? 19  LYS B C   1 
ATOM 979  O O   . LYS B 1 19  ? 15.142  3.994   26.814  1.00 20.66  ? 19  LYS B O   1 
ATOM 980  C CB  . LYS B 1 19  ? 15.174  6.663   25.100  1.00 33.06  ? 19  LYS B CB  1 
ATOM 981  C CG  . LYS B 1 19  ? 16.005  6.395   23.838  1.00 41.81  ? 19  LYS B CG  1 
ATOM 982  C CD  . LYS B 1 19  ? 17.316  7.168   23.850  1.00 49.26  ? 19  LYS B CD  1 
ATOM 983  C CE  . LYS B 1 19  ? 18.187  6.689   24.989  1.00 62.55  ? 19  LYS B CE  1 
ATOM 984  N NZ  . LYS B 1 19  ? 18.559  5.246   24.836  1.00 85.46  ? 19  LYS B NZ  1 
ATOM 985  N N   . GLY B 1 20  ? 14.923  3.451   24.621  1.00 20.70  ? 20  GLY B N   1 
ATOM 986  C CA  . GLY B 1 20  ? 15.594  2.162   24.698  1.00 16.80  ? 20  GLY B CA  1 
ATOM 987  C C   . GLY B 1 20  ? 14.688  1.075   25.259  1.00 26.58  ? 20  GLY B C   1 
ATOM 988  O O   . GLY B 1 20  ? 15.092  -0.098  25.412  1.00 24.98  ? 20  GLY B O   1 
ATOM 989  N N   . ASP B 1 21  ? 13.461  1.483   25.594  1.00 22.12  ? 21  ASP B N   1 
ATOM 990  C CA  . ASP B 1 21  ? 12.441  0.560   26.045  1.00 14.09  ? 21  ASP B CA  1 
ATOM 991  C C   . ASP B 1 21  ? 12.009  -0.296  24.878  1.00 18.00  ? 21  ASP B C   1 
ATOM 992  O O   . ASP B 1 21  ? 12.073  0.124   23.719  1.00 18.35  ? 21  ASP B O   1 
ATOM 993  C CB  . ASP B 1 21  ? 11.242  1.298   26.641  1.00 16.51  ? 21  ASP B CB  1 
ATOM 994  C CG  . ASP B 1 21  ? 11.481  1.726   28.073  1.00 17.31  ? 21  ASP B CG  1 
ATOM 995  O OD1 . ASP B 1 21  ? 12.664  1.750   28.455  1.00 14.98  ? 21  ASP B OD1 1 
ATOM 996  O OD2 . ASP B 1 21  ? 10.504  2.033   28.806  1.00 13.32  ? 21  ASP B OD2 1 
ATOM 997  N N   . PHE B 1 22  ? 11.591  -1.517  25.184  1.00 22.92  ? 22  PHE B N   1 
ATOM 998  C CA  . PHE B 1 22  ? 11.139  -2.421  24.141  1.00 19.76  ? 22  PHE B CA  1 
ATOM 999  C C   . PHE B 1 22  ? 9.624   -2.447  24.064  1.00 21.60  ? 22  PHE B C   1 
ATOM 1000 O O   . PHE B 1 22  ? 8.927   -3.188  24.766  1.00 24.67  ? 22  PHE B O   1 
ATOM 1001 C CB  . PHE B 1 22  ? 11.756  -3.814  24.262  1.00 19.67  ? 22  PHE B CB  1 
ATOM 1002 C CG  . PHE B 1 22  ? 13.123  -3.941  23.596  1.00 19.91  ? 22  PHE B CG  1 
ATOM 1003 C CD1 . PHE B 1 22  ? 14.284  -3.567  24.266  1.00 23.32  ? 22  PHE B CD1 1 
ATOM 1004 C CD2 . PHE B 1 22  ? 13.242  -4.450  22.311  1.00 14.19  ? 22  PHE B CD2 1 
ATOM 1005 C CE1 . PHE B 1 22  ? 15.529  -3.691  23.661  1.00 20.51  ? 22  PHE B CE1 1 
ATOM 1006 C CE2 . PHE B 1 22  ? 14.484  -4.579  21.696  1.00 14.62  ? 22  PHE B CE2 1 
ATOM 1007 C CZ  . PHE B 1 22  ? 15.625  -4.202  22.368  1.00 21.60  ? 22  PHE B CZ  1 
ATOM 1008 N N   . VAL B 1 23  ? 9.149   -1.595  23.171  1.00 25.05  ? 23  VAL B N   1 
ATOM 1009 C CA  . VAL B 1 23  ? 7.745   -1.415  22.876  1.00 28.41  ? 23  VAL B CA  1 
ATOM 1010 C C   . VAL B 1 23  ? 7.065   -2.580  22.124  1.00 25.56  ? 23  VAL B C   1 
ATOM 1011 O O   . VAL B 1 23  ? 7.668   -3.274  21.290  1.00 19.58  ? 23  VAL B O   1 
ATOM 1012 C CB  . VAL B 1 23  ? 7.572   -0.094  22.099  1.00 25.26  ? 23  VAL B CB  1 
ATOM 1013 C CG1 . VAL B 1 23  ? 6.357   -0.143  21.223  1.00 29.54  ? 23  VAL B CG1 1 
ATOM 1014 C CG2 . VAL B 1 23  ? 7.513   1.088   23.078  1.00 20.06  ? 23  VAL B CG2 1 
ATOM 1015 N N   . THR B 1 24  ? 5.790   -2.776  22.438  1.00 21.12  ? 24  THR B N   1 
ATOM 1016 C CA  . THR B 1 24  ? 4.992   -3.815  21.814  1.00 19.72  ? 24  THR B CA  1 
ATOM 1017 C C   . THR B 1 24  ? 3.626   -3.248  21.406  1.00 18.45  ? 24  THR B C   1 
ATOM 1018 O O   . THR B 1 24  ? 2.777   -2.997  22.263  1.00 18.76  ? 24  THR B O   1 
ATOM 1019 C CB  . THR B 1 24  ? 4.814   -4.991  22.800  1.00 19.48  ? 24  THR B CB  1 
ATOM 1020 O OG1 . THR B 1 24  ? 6.047   -5.208  23.513  1.00 21.64  ? 24  THR B OG1 1 
ATOM 1021 C CG2 . THR B 1 24  ? 4.375   -6.268  22.064  1.00 9.96   ? 24  THR B CG2 1 
ATOM 1022 N N   . ILE B 1 25  ? 3.408   -3.038  20.107  1.00 15.82  ? 25  ILE B N   1 
ATOM 1023 C CA  . ILE B 1 25  ? 2.164   -2.399  19.652  1.00 19.28  ? 25  ILE B CA  1 
ATOM 1024 C C   . ILE B 1 25  ? 1.349   -3.126  18.589  1.00 20.33  ? 25  ILE B C   1 
ATOM 1025 O O   . ILE B 1 25  ? 1.868   -3.962  17.851  1.00 24.51  ? 25  ILE B O   1 
ATOM 1026 C CB  . ILE B 1 25  ? 2.441   -1.031  19.036  1.00 15.21  ? 25  ILE B CB  1 
ATOM 1027 C CG1 . ILE B 1 25  ? 3.677   -1.104  18.164  1.00 17.45  ? 25  ILE B CG1 1 
ATOM 1028 C CG2 . ILE B 1 25  ? 2.676   0.001   20.099  1.00 16.70  ? 25  ILE B CG2 1 
ATOM 1029 C CD1 . ILE B 1 25  ? 4.485   0.156   18.249  1.00 29.53  ? 25  ILE B CD1 1 
ATOM 1030 N N   . HIS B 1 26  ? 0.071   -2.762  18.515  1.00 15.00  ? 26  HIS B N   1 
ATOM 1031 C CA  . HIS B 1 26  ? -0.782  -3.069  17.374  1.00 11.97  ? 26  HIS B CA  1 
ATOM 1032 C C   . HIS B 1 26  ? -1.175  -1.752  16.708  1.00 14.84  ? 26  HIS B C   1 
ATOM 1033 O O   . HIS B 1 26  ? -1.513  -0.764  17.362  1.00 15.87  ? 26  HIS B O   1 
ATOM 1034 C CB  . HIS B 1 26  ? -2.048  -3.825  17.803  1.00 16.35  ? 26  HIS B CB  1 
ATOM 1035 C CG  . HIS B 1 26  ? -2.071  -5.276  17.406  1.00 18.50  ? 26  HIS B CG  1 
ATOM 1036 N ND1 . HIS B 1 26  ? -1.231  -5.811  16.453  1.00 28.27  ? 26  HIS B ND1 1 
ATOM 1037 C CD2 . HIS B 1 26  ? -2.840  -6.304  17.843  1.00 16.83  ? 26  HIS B CD2 1 
ATOM 1038 C CE1 . HIS B 1 26  ? -1.475  -7.106  16.323  1.00 22.48  ? 26  HIS B CE1 1 
ATOM 1039 N NE2 . HIS B 1 26  ? -2.445  -7.431  17.156  1.00 18.19  ? 26  HIS B NE2 1 
ATOM 1040 N N   . TYR B 1 27  ? -1.145  -1.728  15.394  1.00 16.99  ? 27  TYR B N   1 
ATOM 1041 C CA  . TYR B 1 27  ? -1.476  -0.497  14.719  1.00 17.16  ? 27  TYR B CA  1 
ATOM 1042 C C   . TYR B 1 27  ? -2.139  -0.774  13.392  1.00 17.31  ? 27  TYR B C   1 
ATOM 1043 O O   . TYR B 1 27  ? -2.299  -1.926  12.988  1.00 12.72  ? 27  TYR B O   1 
ATOM 1044 C CB  . TYR B 1 27  ? -0.207  0.302   14.468  1.00 17.94  ? 27  TYR B CB  1 
ATOM 1045 C CG  . TYR B 1 27  ? 0.715   -0.402  13.514  1.00 15.09  ? 27  TYR B CG  1 
ATOM 1046 C CD1 . TYR B 1 27  ? 1.577   -1.387  13.965  1.00 14.65  ? 27  TYR B CD1 1 
ATOM 1047 C CD2 . TYR B 1 27  ? 0.703   -0.102  12.159  1.00 15.78  ? 27  TYR B CD2 1 
ATOM 1048 C CE1 . TYR B 1 27  ? 2.411   -2.041  13.105  1.00 16.14  ? 27  TYR B CE1 1 
ATOM 1049 C CE2 . TYR B 1 27  ? 1.538   -0.757  11.283  1.00 17.59  ? 27  TYR B CE2 1 
ATOM 1050 C CZ  . TYR B 1 27  ? 2.395   -1.731  11.772  1.00 19.33  ? 27  TYR B CZ  1 
ATOM 1051 O OH  . TYR B 1 27  ? 3.249   -2.416  10.943  1.00 26.19  ? 27  TYR B OH  1 
ATOM 1052 N N   . THR B 1 28  ? -2.516  0.313   12.723  1.00 22.82  ? 28  THR B N   1 
ATOM 1053 C CA  . THR B 1 28  ? -3.028  0.299   11.354  1.00 19.54  ? 28  THR B CA  1 
ATOM 1054 C C   . THR B 1 28  ? -2.756  1.689   10.759  1.00 15.83  ? 28  THR B C   1 
ATOM 1055 O O   . THR B 1 28  ? -3.166  2.706   11.318  1.00 17.76  ? 28  THR B O   1 
ATOM 1056 C CB  . THR B 1 28  ? -4.551  -0.042  11.283  1.00 19.66  ? 28  THR B CB  1 
ATOM 1057 O OG1 . THR B 1 28  ? -4.793  -1.378  11.761  1.00 15.96  ? 28  THR B OG1 1 
ATOM 1058 C CG2 . THR B 1 28  ? -5.056  0.078   9.855   1.00 15.55  ? 28  THR B CG2 1 
ATOM 1059 N N   . GLY B 1 29  ? -2.041  1.745   9.642   1.00 17.49  ? 29  GLY B N   1 
ATOM 1060 C CA  . GLY B 1 29  ? -1.704  3.024   9.050   1.00 13.02  ? 29  GLY B CA  1 
ATOM 1061 C C   . GLY B 1 29  ? -2.446  3.228   7.752   1.00 9.62   ? 29  GLY B C   1 
ATOM 1062 O O   . GLY B 1 29  ? -2.548  2.302   6.947   1.00 8.03   ? 29  GLY B O   1 
ATOM 1063 N N   . ARG B 1 30  ? -2.977  4.432   7.569   1.00 10.90  ? 30  ARG B N   1 
ATOM 1064 C CA  . ARG B 1 30  ? -3.606  4.832   6.310   1.00 13.82  ? 30  ARG B CA  1 
ATOM 1065 C C   . ARG B 1 30  ? -3.011  6.114   5.726   1.00 12.09  ? 30  ARG B C   1 
ATOM 1066 O O   . ARG B 1 30  ? -2.249  6.821   6.377   1.00 12.26  ? 30  ARG B O   1 
ATOM 1067 C CB  . ARG B 1 30  ? -5.105  5.034   6.495   1.00 13.30  ? 30  ARG B CB  1 
ATOM 1068 C CG  . ARG B 1 30  ? -5.814  3.824   7.017   1.00 15.78  ? 30  ARG B CG  1 
ATOM 1069 C CD  . ARG B 1 30  ? -7.293  4.091   7.173   1.00 15.82  ? 30  ARG B CD  1 
ATOM 1070 N NE  . ARG B 1 30  ? -7.981  2.931   7.727   1.00 28.00  ? 30  ARG B NE  1 
ATOM 1071 C CZ  . ARG B 1 30  ? -7.887  2.555   8.999   1.00 25.88  ? 30  ARG B CZ  1 
ATOM 1072 N NH1 . ARG B 1 30  ? -7.127  3.246   9.843   1.00 25.30  ? 30  ARG B NH1 1 
ATOM 1073 N NH2 . ARG B 1 30  ? -8.543  1.488   9.425   1.00 19.46  ? 30  ARG B NH2 1 
ATOM 1074 N N   . LEU B 1 31  ? -3.368  6.404   4.486   1.00 14.05  ? 31  LEU B N   1 
ATOM 1075 C CA  . LEU B 1 31  ? -2.958  7.643   3.863   1.00 15.76  ? 31  LEU B CA  1 
ATOM 1076 C C   . LEU B 1 31  ? -4.111  8.582   4.077   1.00 22.12  ? 31  LEU B C   1 
ATOM 1077 O O   . LEU B 1 31  ? -5.234  8.138   4.344   1.00 21.68  ? 31  LEU B O   1 
ATOM 1078 C CB  . LEU B 1 31  ? -2.739  7.451   2.364   1.00 20.03  ? 31  LEU B CB  1 
ATOM 1079 C CG  . LEU B 1 31  ? -1.750  6.352   1.953   1.00 19.29  ? 31  LEU B CG  1 
ATOM 1080 C CD1 . LEU B 1 31  ? -1.654  6.214   0.425   1.00 20.63  ? 31  LEU B CD1 1 
ATOM 1081 C CD2 . LEU B 1 31  ? -0.376  6.603   2.585   1.00 21.22  ? 31  LEU B CD2 1 
ATOM 1082 N N   . THR B 1 32  ? -3.837  9.876   3.962   1.00 24.09  ? 32  THR B N   1 
ATOM 1083 C CA  . THR B 1 32  ? -4.866  10.903  4.042   1.00 20.02  ? 32  THR B CA  1 
ATOM 1084 C C   . THR B 1 32  ? -6.131  10.523  3.272   1.00 18.38  ? 32  THR B C   1 
ATOM 1085 O O   . THR B 1 32  ? -7.245  10.759  3.749   1.00 14.90  ? 32  THR B O   1 
ATOM 1086 C CB  . THR B 1 32  ? -4.323  12.211  3.483   1.00 16.79  ? 32  THR B CB  1 
ATOM 1087 O OG1 . THR B 1 32  ? -3.599  11.939  2.278   1.00 23.74  ? 32  THR B OG1 1 
ATOM 1088 C CG2 . THR B 1 32  ? -3.365  12.835  4.474   1.00 20.60  ? 32  THR B CG2 1 
ATOM 1089 N N   . ASP B 1 33  ? -5.947  9.925   2.091   1.00 23.12  ? 33  ASP B N   1 
ATOM 1090 C CA  . ASP B 1 33  ? -7.061  9.558   1.202   1.00 26.74  ? 33  ASP B CA  1 
ATOM 1091 C C   . ASP B 1 33  ? -7.917  8.401   1.733   1.00 23.72  ? 33  ASP B C   1 
ATOM 1092 O O   . ASP B 1 33  ? -9.046  8.201   1.256   1.00 19.54  ? 33  ASP B O   1 
ATOM 1093 C CB  . ASP B 1 33  ? -6.571  9.273   -0.237  1.00 22.90  ? 33  ASP B CB  1 
ATOM 1094 C CG  . ASP B 1 33  ? -6.085  7.833   -0.434  1.00 23.01  ? 33  ASP B CG  1 
ATOM 1095 O OD1 . ASP B 1 33  ? -6.660  6.907   0.174   1.00 17.83  ? 33  ASP B OD1 1 
ATOM 1096 O OD2 . ASP B 1 33  ? -5.133  7.624   -1.218  1.00 24.10  ? 33  ASP B OD2 1 
ATOM 1097 N N   . GLY B 1 34  ? -7.356  7.643   2.688   1.00 16.14  ? 34  GLY B N   1 
ATOM 1098 C CA  . GLY B 1 34  ? -8.061  6.585   3.395   1.00 11.70  ? 34  GLY B CA  1 
ATOM 1099 C C   . GLY B 1 34  ? -7.535  5.171   3.173   1.00 13.57  ? 34  GLY B C   1 
ATOM 1100 O O   . GLY B 1 34  ? -8.062  4.198   3.732   1.00 10.11  ? 34  GLY B O   1 
ATOM 1101 N N   . SER B 1 35  ? -6.498  5.038   2.351   1.00 16.64  ? 35  SER B N   1 
ATOM 1102 C CA  . SER B 1 35  ? -5.990  3.710   2.010   1.00 12.01  ? 35  SER B CA  1 
ATOM 1103 C C   . SER B 1 35  ? -5.128  3.120   3.120   1.00 12.27  ? 35  SER B C   1 
ATOM 1104 O O   . SER B 1 35  ? -4.147  3.717   3.560   1.00 10.49  ? 35  SER B O   1 
ATOM 1105 C CB  . SER B 1 35  ? -5.189  3.723   0.702   1.00 14.38  ? 35  SER B CB  1 
ATOM 1106 O OG  . SER B 1 35  ? -5.946  4.184   -0.401  1.00 19.95  ? 35  SER B OG  1 
ATOM 1107 N N   . LYS B 1 36  ? -5.502  1.924   3.550   1.00 13.01  ? 36  LYS B N   1 
ATOM 1108 C CA  . LYS B 1 36  ? -4.767  1.201   4.563   1.00 10.87  ? 36  LYS B CA  1 
ATOM 1109 C C   . LYS B 1 36  ? -3.477  0.688   3.953   1.00 11.77  ? 36  LYS B C   1 
ATOM 1110 O O   . LYS B 1 36  ? -3.506  -0.203  3.103   1.00 13.47  ? 36  LYS B O   1 
ATOM 1111 C CB  . LYS B 1 36  ? -5.613  0.020   5.040   1.00 12.82  ? 36  LYS B CB  1 
ATOM 1112 C CG  . LYS B 1 36  ? -5.024  -0.823  6.162   1.00 14.89  ? 36  LYS B CG  1 
ATOM 1113 C CD  . LYS B 1 36  ? -5.900  -2.062  6.444   1.00 18.20  ? 36  LYS B CD  1 
ATOM 1114 C CE  . LYS B 1 36  ? -7.303  -1.679  6.937   1.00 23.90  ? 36  LYS B CE  1 
ATOM 1115 N NZ  . LYS B 1 36  ? -8.216  -2.831  7.237   1.00 16.39  ? 36  LYS B NZ  1 
ATOM 1116 N N   . PHE B 1 37  ? -2.342  1.231   4.387   1.00 11.23  ? 37  PHE B N   1 
ATOM 1117 C CA  . PHE B 1 37  ? -1.060  0.765   3.855   1.00 11.95  ? 37  PHE B CA  1 
ATOM 1118 C C   . PHE B 1 37  ? -0.293  -0.289  4.663   1.00 14.83  ? 37  PHE B C   1 
ATOM 1119 O O   . PHE B 1 37  ? 0.639   -0.888  4.139   1.00 13.75  ? 37  PHE B O   1 
ATOM 1120 C CB  . PHE B 1 37  ? -0.141  1.934   3.535   1.00 12.11  ? 37  PHE B CB  1 
ATOM 1121 C CG  . PHE B 1 37  ? 0.345   2.686   4.738   1.00 9.09   ? 37  PHE B CG  1 
ATOM 1122 C CD1 . PHE B 1 37  ? 1.474   2.281   5.409   1.00 9.22   ? 37  PHE B CD1 1 
ATOM 1123 C CD2 . PHE B 1 37  ? -0.299  3.833   5.157   1.00 11.23  ? 37  PHE B CD2 1 
ATOM 1124 C CE1 . PHE B 1 37  ? 1.948   2.987   6.499   1.00 7.76   ? 37  PHE B CE1 1 
ATOM 1125 C CE2 . PHE B 1 37  ? 0.162   4.546   6.237   1.00 9.67   ? 37  PHE B CE2 1 
ATOM 1126 C CZ  . PHE B 1 37  ? 1.292   4.114   6.909   1.00 11.33  ? 37  PHE B CZ  1 
ATOM 1127 N N   . ASP B 1 38  ? -0.673  -0.507  5.921   1.00 14.90  ? 38  ASP B N   1 
ATOM 1128 C CA  . ASP B 1 38  ? -0.026  -1.517  6.764   1.00 13.73  ? 38  ASP B CA  1 
ATOM 1129 C C   . ASP B 1 38  ? -0.794  -1.673  8.072   1.00 17.65  ? 38  ASP B C   1 
ATOM 1130 O O   . ASP B 1 38  ? -1.171  -0.676  8.687   1.00 18.45  ? 38  ASP B O   1 
ATOM 1131 C CB  . ASP B 1 38  ? 1.404   -1.084  7.070   1.00 16.79  ? 38  ASP B CB  1 
ATOM 1132 C CG  . ASP B 1 38  ? 2.245   -2.190  7.685   1.00 19.76  ? 38  ASP B CG  1 
ATOM 1133 O OD1 . ASP B 1 38  ? 1.937   -3.388  7.484   1.00 24.37  ? 38  ASP B OD1 1 
ATOM 1134 O OD2 . ASP B 1 38  ? 3.241   -1.843  8.355   1.00 11.85  ? 38  ASP B OD2 1 
ATOM 1135 N N   . SER B 1 39  ? -1.019  -2.915  8.502   1.00 15.58  ? 39  SER B N   1 
ATOM 1136 C CA  . SER B 1 39  ? -1.765  -3.166  9.734   1.00 15.30  ? 39  SER B CA  1 
ATOM 1137 C C   . SER B 1 39  ? -1.333  -4.425  10.467  1.00 21.70  ? 39  SER B C   1 
ATOM 1138 O O   . SER B 1 39  ? -1.583  -5.540  10.009  1.00 20.42  ? 39  SER B O   1 
ATOM 1139 C CB  . SER B 1 39  ? -3.257  -3.270  9.469   1.00 15.09  ? 39  SER B CB  1 
ATOM 1140 O OG  . SER B 1 39  ? -3.935  -3.710  10.641  1.00 15.97  ? 39  SER B OG  1 
ATOM 1141 N N   . SER B 1 40  ? -0.719  -4.234  11.636  1.00 24.06  ? 40  SER B N   1 
ATOM 1142 C CA  . SER B 1 40  ? -0.296  -5.339  12.474  1.00 17.59  ? 40  SER B CA  1 
ATOM 1143 C C   . SER B 1 40  ? -1.526  -6.048  13.004  1.00 18.88  ? 40  SER B C   1 
ATOM 1144 O O   . SER B 1 40  ? -1.461  -7.218  13.354  1.00 26.49  ? 40  SER B O   1 
ATOM 1145 C CB  . SER B 1 40  ? 0.515   -4.822  13.650  1.00 15.00  ? 40  SER B CB  1 
ATOM 1146 O OG  . SER B 1 40  ? -0.340  -4.119  14.523  1.00 15.25  ? 40  SER B OG  1 
ATOM 1147 N N   . VAL B 1 41  ? -2.642  -5.333  13.086  1.00 16.98  ? 41  VAL B N   1 
ATOM 1148 C CA  . VAL B 1 41  ? -3.896  -5.934  13.540  1.00 21.37  ? 41  VAL B CA  1 
ATOM 1149 C C   . VAL B 1 41  ? -4.411  -7.032  12.608  1.00 20.55  ? 41  VAL B C   1 
ATOM 1150 O O   . VAL B 1 41  ? -4.769  -8.126  13.050  1.00 18.54  ? 41  VAL B O   1 
ATOM 1151 C CB  . VAL B 1 41  ? -5.016  -4.892  13.678  1.00 18.86  ? 41  VAL B CB  1 
ATOM 1152 C CG1 . VAL B 1 41  ? -6.355  -5.601  13.890  1.00 20.19  ? 41  VAL B CG1 1 
ATOM 1153 C CG2 . VAL B 1 41  ? -4.717  -3.940  14.816  1.00 13.46  ? 41  VAL B CG2 1 
ATOM 1154 N N   . ASP B 1 42  ? -4.473  -6.715  11.323  1.00 15.65  ? 42  ASP B N   1 
ATOM 1155 C CA  . ASP B 1 42  ? -4.897  -7.672  10.318  1.00 16.46  ? 42  ASP B CA  1 
ATOM 1156 C C   . ASP B 1 42  ? -4.066  -8.963  10.301  1.00 25.50  ? 42  ASP B C   1 
ATOM 1157 O O   . ASP B 1 42  ? -4.590  -10.043 10.015  1.00 30.68  ? 42  ASP B O   1 
ATOM 1158 C CB  . ASP B 1 42  ? -4.828  -7.013  8.958   1.00 15.22  ? 42  ASP B CB  1 
ATOM 1159 C CG  . ASP B 1 42  ? -5.626  -5.734  8.901   1.00 18.57  ? 42  ASP B CG  1 
ATOM 1160 O OD1 . ASP B 1 42  ? -6.527  -5.549  9.755   1.00 16.16  ? 42  ASP B OD1 1 
ATOM 1161 O OD2 . ASP B 1 42  ? -5.356  -4.917  7.994   1.00 15.98  ? 42  ASP B OD2 1 
ATOM 1162 N N   . ARG B 1 43  ? -2.773  -8.838  10.596  1.00 23.48  ? 43  ARG B N   1 
ATOM 1163 C CA  . ARG B 1 43  ? -1.851  -9.963  10.537  1.00 17.14  ? 43  ARG B CA  1 
ATOM 1164 C C   . ARG B 1 43  ? -1.746  -10.679 11.872  1.00 28.89  ? 43  ARG B C   1 
ATOM 1165 O O   . ARG B 1 43  ? -0.984  -11.641 12.014  1.00 41.07  ? 43  ARG B O   1 
ATOM 1166 C CB  . ARG B 1 43  ? -0.467  -9.483  10.127  1.00 16.36  ? 43  ARG B CB  1 
ATOM 1167 C CG  . ARG B 1 43  ? -0.451  -8.664  8.851   1.00 24.06  ? 43  ARG B CG  1 
ATOM 1168 C CD  . ARG B 1 43  ? 0.979   -8.357  8.386   1.00 37.08  ? 43  ARG B CD  1 
ATOM 1169 N NE  . ARG B 1 43  ? 1.867   -7.980  9.490   1.00 37.09  ? 43  ARG B NE  1 
ATOM 1170 C CZ  . ARG B 1 43  ? 2.215   -6.728  9.790   1.00 28.06  ? 43  ARG B CZ  1 
ATOM 1171 N NH1 . ARG B 1 43  ? 1.755   -5.704  9.065   1.00 17.27  ? 43  ARG B NH1 1 
ATOM 1172 N NH2 . ARG B 1 43  ? 3.029   -6.499  10.820  1.00 15.90  ? 43  ARG B NH2 1 
ATOM 1173 N N   . ASN B 1 44  ? -2.509  -10.205 12.853  1.00 32.48  ? 44  ASN B N   1 
ATOM 1174 C CA  . ASN B 1 44  ? -2.388  -10.686 14.232  1.00 30.04  ? 44  ASN B CA  1 
ATOM 1175 C C   . ASN B 1 44  ? -0.952  -10.964 14.616  1.00 28.02  ? 44  ASN B C   1 
ATOM 1176 O O   . ASN B 1 44  ? -0.669  -11.967 15.263  1.00 37.33  ? 44  ASN B O   1 
ATOM 1177 C CB  . ASN B 1 44  ? -3.214  -11.947 14.446  1.00 24.68  ? 44  ASN B CB  1 
ATOM 1178 C CG  . ASN B 1 44  ? -4.688  -11.692 14.320  1.00 26.27  ? 44  ASN B CG  1 
ATOM 1179 O OD1 . ASN B 1 44  ? -5.338  -12.214 13.416  1.00 32.92  ? 44  ASN B OD1 1 
ATOM 1180 N ND2 . ASN B 1 44  ? -5.231  -10.880 15.224  1.00 17.36  ? 44  ASN B ND2 1 
ATOM 1181 N N   . GLU B 1 45  ? -0.047  -10.085 14.201  1.00 24.23  ? 45  GLU B N   1 
ATOM 1182 C CA  . GLU B 1 45  ? 1.349   -10.204 14.580  1.00 25.97  ? 45  GLU B CA  1 
ATOM 1183 C C   . GLU B 1 45  ? 1.759   -8.876  15.224  1.00 26.30  ? 45  GLU B C   1 
ATOM 1184 O O   . GLU B 1 45  ? 2.120   -7.925  14.527  1.00 29.62  ? 45  GLU B O   1 
ATOM 1185 C CB  . GLU B 1 45  ? 2.203   -10.556 13.355  1.00 29.71  ? 45  GLU B CB  1 
ATOM 1186 C CG  . GLU B 1 45  ? 3.562   -11.184 13.672  1.00 35.94  ? 45  GLU B CG  1 
ATOM 1187 C CD  . GLU B 1 45  ? 4.693   -10.165 13.793  1.00 61.96  ? 45  GLU B CD  1 
ATOM 1188 O OE1 . GLU B 1 45  ? 4.462   -8.945  13.608  1.00 57.17  ? 45  GLU B OE1 1 
ATOM 1189 O OE2 . GLU B 1 45  ? 5.833   -10.594 14.070  1.00 67.82  ? 45  GLU B OE2 1 
ATOM 1190 N N   . PRO B 1 46  ? 1.661   -8.793  16.564  1.00 20.13  ? 46  PRO B N   1 
ATOM 1191 C CA  . PRO B 1 46  ? 1.896   -7.534  17.268  1.00 21.08  ? 46  PRO B CA  1 
ATOM 1192 C C   . PRO B 1 46  ? 3.336   -7.090  17.115  1.00 25.44  ? 46  PRO B C   1 
ATOM 1193 O O   . PRO B 1 46  ? 4.247   -7.868  17.404  1.00 22.27  ? 46  PRO B O   1 
ATOM 1194 C CB  . PRO B 1 46  ? 1.598   -7.892  18.722  1.00 11.48  ? 46  PRO B CB  1 
ATOM 1195 C CG  . PRO B 1 46  ? 0.676   -9.006  18.626  1.00 14.02  ? 46  PRO B CG  1 
ATOM 1196 C CD  . PRO B 1 46  ? 1.204   -9.830  17.494  1.00 15.25  ? 46  PRO B CD  1 
ATOM 1197 N N   . PHE B 1 47  ? 3.532   -5.855  16.660  1.00 19.83  ? 47  PHE B N   1 
ATOM 1198 C CA  . PHE B 1 47  ? 4.865   -5.373  16.345  1.00 21.01  ? 47  PHE B CA  1 
ATOM 1199 C C   . PHE B 1 47  ? 5.668   -5.000  17.577  1.00 18.04  ? 47  PHE B C   1 
ATOM 1200 O O   . PHE B 1 47  ? 5.213   -4.237  18.430  1.00 14.76  ? 47  PHE B O   1 
ATOM 1201 C CB  . PHE B 1 47  ? 4.814   -4.181  15.387  1.00 23.30  ? 47  PHE B CB  1 
ATOM 1202 C CG  . PHE B 1 47  ? 6.167   -3.748  14.907  1.00 17.73  ? 47  PHE B CG  1 
ATOM 1203 C CD1 . PHE B 1 47  ? 6.923   -4.594  14.120  1.00 20.87  ? 47  PHE B CD1 1 
ATOM 1204 C CD2 . PHE B 1 47  ? 6.695   -2.520  15.265  1.00 15.89  ? 47  PHE B CD2 1 
ATOM 1205 C CE1 . PHE B 1 47  ? 8.168   -4.224  13.687  1.00 23.56  ? 47  PHE B CE1 1 
ATOM 1206 C CE2 . PHE B 1 47  ? 7.947   -2.139  14.833  1.00 17.40  ? 47  PHE B CE2 1 
ATOM 1207 C CZ  . PHE B 1 47  ? 8.685   -2.993  14.041  1.00 20.70  ? 47  PHE B CZ  1 
ATOM 1208 N N   . GLN B 1 48  ? 6.876   -5.542  17.654  1.00 18.18  ? 48  GLN B N   1 
ATOM 1209 C CA  . GLN B 1 48  ? 7.789   -5.184  18.719  1.00 20.81  ? 48  GLN B CA  1 
ATOM 1210 C C   . GLN B 1 48  ? 8.998   -4.482  18.125  1.00 26.12  ? 48  GLN B C   1 
ATOM 1211 O O   . GLN B 1 48  ? 9.460   -4.858  17.040  1.00 26.47  ? 48  GLN B O   1 
ATOM 1212 C CB  . GLN B 1 48  ? 8.262   -6.431  19.436  1.00 24.84  ? 48  GLN B CB  1 
ATOM 1213 C CG  . GLN B 1 48  ? 7.162   -7.383  19.813  1.00 26.85  ? 48  GLN B CG  1 
ATOM 1214 C CD  . GLN B 1 48  ? 7.598   -8.309  20.920  1.00 39.70  ? 48  GLN B CD  1 
ATOM 1215 O OE1 . GLN B 1 48  ? 8.291   -9.309  20.688  1.00 40.33  ? 48  GLN B OE1 1 
ATOM 1216 N NE2 . GLN B 1 48  ? 7.216   -7.968  22.144  1.00 35.84  ? 48  GLN B NE2 1 
ATOM 1217 N N   . THR B 1 49  ? 9.516   -3.482  18.843  1.00 21.79  ? 49  THR B N   1 
ATOM 1218 C CA  . THR B 1 49  ? 10.660  -2.690  18.393  1.00 18.01  ? 49  THR B CA  1 
ATOM 1219 C C   . THR B 1 49  ? 11.258  -2.002  19.587  1.00 13.16  ? 49  THR B C   1 
ATOM 1220 O O   . THR B 1 49  ? 10.569  -1.794  20.582  1.00 20.15  ? 49  THR B O   1 
ATOM 1221 C CB  . THR B 1 49  ? 10.229  -1.566  17.426  1.00 20.91  ? 49  THR B CB  1 
ATOM 1222 O OG1 . THR B 1 49  ? 11.384  -1.023  16.780  1.00 14.11  ? 49  THR B OG1 1 
ATOM 1223 C CG2 . THR B 1 49  ? 9.518   -0.440  18.199  1.00 20.70  ? 49  THR B CG2 1 
ATOM 1224 N N   . GLN B 1 50  ? 12.522  -1.621  19.488  1.00 10.13  ? 50  GLN B N   1 
ATOM 1225 C CA  . GLN B 1 50  ? 13.106  -0.758  20.507  1.00 14.93  ? 50  GLN B CA  1 
ATOM 1226 C C   . GLN B 1 50  ? 12.826  0.676   20.098  1.00 23.01  ? 50  GLN B C   1 
ATOM 1227 O O   . GLN B 1 50  ? 12.747  0.982   18.900  1.00 20.09  ? 50  GLN B O   1 
ATOM 1228 C CB  . GLN B 1 50  ? 14.599  -0.979  20.640  1.00 16.97  ? 50  GLN B CB  1 
ATOM 1229 C CG  . GLN B 1 50  ? 15.152  -0.448  21.926  1.00 19.34  ? 50  GLN B CG  1 
ATOM 1230 C CD  . GLN B 1 50  ? 16.640  -0.625  22.004  1.00 19.75  ? 50  GLN B CD  1 
ATOM 1231 O OE1 . GLN B 1 50  ? 17.305  -0.698  20.980  1.00 19.18  ? 50  GLN B OE1 1 
ATOM 1232 N NE2 . GLN B 1 50  ? 17.173  -0.715  23.220  1.00 22.24  ? 50  GLN B NE2 1 
ATOM 1233 N N   . ILE B 1 51  ? 12.663  1.564   21.075  1.00 20.36  ? 51  ILE B N   1 
ATOM 1234 C CA  . ILE B 1 51  ? 12.021  2.831   20.765  1.00 18.44  ? 51  ILE B CA  1 
ATOM 1235 C C   . ILE B 1 51  ? 12.966  4.001   20.460  1.00 22.05  ? 51  ILE B C   1 
ATOM 1236 O O   . ILE B 1 51  ? 13.200  4.284   19.292  1.00 33.64  ? 51  ILE B O   1 
ATOM 1237 C CB  . ILE B 1 51  ? 10.906  3.191   21.773  1.00 20.48  ? 51  ILE B CB  1 
ATOM 1238 C CG1 . ILE B 1 51  ? 9.908   4.217   21.178  1.00 20.30  ? 51  ILE B CG1 1 
ATOM 1239 C CG2 . ILE B 1 51  ? 11.515  3.671   23.082  1.00 23.83  ? 51  ILE B CG2 1 
ATOM 1240 C CD1 . ILE B 1 51  ? 9.155   3.768   19.905  1.00 14.89  ? 51  ILE B CD1 1 
ATOM 1241 N N   . GLY B 1 52  ? 13.516  4.682   21.456  1.00 19.83  ? 52  GLY B N   1 
ATOM 1242 C CA  . GLY B 1 52  ? 14.258  5.901   21.152  1.00 25.18  ? 52  GLY B CA  1 
ATOM 1243 C C   . GLY B 1 52  ? 15.547  5.708   20.356  1.00 24.62  ? 52  GLY B C   1 
ATOM 1244 O O   . GLY B 1 52  ? 16.453  6.532   20.428  1.00 30.97  ? 52  GLY B O   1 
ATOM 1245 N N   . THR B 1 53  ? 15.618  4.634   19.579  1.00 22.84  ? 53  THR B N   1 
ATOM 1246 C CA  . THR B 1 53  ? 16.869  4.162   19.002  1.00 23.10  ? 53  THR B CA  1 
ATOM 1247 C C   . THR B 1 53  ? 16.824  4.222   17.483  1.00 18.63  ? 53  THR B C   1 
ATOM 1248 O O   . THR B 1 53  ? 17.760  3.787   16.788  1.00 9.93   ? 53  THR B O   1 
ATOM 1249 C CB  . THR B 1 53  ? 17.093  2.720   19.397  1.00 25.11  ? 53  THR B CB  1 
ATOM 1250 O OG1 . THR B 1 53  ? 15.962  1.948   18.967  1.00 23.80  ? 53  THR B OG1 1 
ATOM 1251 C CG2 . THR B 1 53  ? 17.249  2.601   20.910  1.00 18.92  ? 53  THR B CG2 1 
ATOM 1252 N N   . GLY B 1 54  ? 15.706  4.733   16.983  1.00 17.50  ? 54  GLY B N   1 
ATOM 1253 C CA  . GLY B 1 54  ? 15.594  5.124   15.593  1.00 20.89  ? 54  GLY B CA  1 
ATOM 1254 C C   . GLY B 1 54  ? 15.475  3.918   14.696  1.00 21.55  ? 54  GLY B C   1 
ATOM 1255 O O   . GLY B 1 54  ? 16.000  3.903   13.579  1.00 17.01  ? 54  GLY B O   1 
ATOM 1256 N N   . ARG B 1 55  ? 14.791  2.892   15.189  1.00 20.41  ? 55  ARG B N   1 
ATOM 1257 C CA  . ARG B 1 55  ? 14.564  1.700   14.387  1.00 17.59  ? 55  ARG B CA  1 
ATOM 1258 C C   . ARG B 1 55  ? 13.217  1.777   13.675  1.00 15.50  ? 55  ARG B C   1 
ATOM 1259 O O   . ARG B 1 55  ? 12.864  0.900   12.870  1.00 13.77  ? 55  ARG B O   1 
ATOM 1260 C CB  . ARG B 1 55  ? 14.677  0.435   15.241  1.00 16.85  ? 55  ARG B CB  1 
ATOM 1261 C CG  . ARG B 1 55  ? 16.096  0.107   15.690  1.00 14.59  ? 55  ARG B CG  1 
ATOM 1262 C CD  . ARG B 1 55  ? 16.162  -1.235  16.427  1.00 23.90  ? 55  ARG B CD  1 
ATOM 1263 N NE  . ARG B 1 55  ? 17.504  -1.565  16.892  1.00 28.54  ? 55  ARG B NE  1 
ATOM 1264 C CZ  . ARG B 1 55  ? 18.246  -0.750  17.647  1.00 41.66  ? 55  ARG B CZ  1 
ATOM 1265 N NH1 . ARG B 1 55  ? 17.764  0.428   18.010  1.00 43.73  ? 55  ARG B NH1 1 
ATOM 1266 N NH2 . ARG B 1 55  ? 19.472  -1.096  18.045  1.00 32.91  ? 55  ARG B NH2 1 
ATOM 1267 N N   . VAL B 1 56  ? 12.487  2.846   13.969  1.00 15.72  ? 56  VAL B N   1 
ATOM 1268 C CA  . VAL B 1 56  ? 11.226  3.150   13.308  1.00 13.08  ? 56  VAL B CA  1 
ATOM 1269 C C   . VAL B 1 56  ? 11.158  4.633   12.885  1.00 16.94  ? 56  VAL B C   1 
ATOM 1270 O O   . VAL B 1 56  ? 11.972  5.473   13.329  1.00 13.16  ? 56  VAL B O   1 
ATOM 1271 C CB  . VAL B 1 56  ? 10.075  2.812   14.236  1.00 9.72   ? 56  VAL B CB  1 
ATOM 1272 C CG1 . VAL B 1 56  ? 10.049  1.317   14.497  1.00 9.75   ? 56  VAL B CG1 1 
ATOM 1273 C CG2 . VAL B 1 56  ? 10.262  3.529   15.545  1.00 14.20  ? 56  VAL B CG2 1 
ATOM 1274 N N   . ILE B 1 57  ? 10.198  4.960   12.029  1.00 14.52  ? 57  ILE B N   1 
ATOM 1275 C CA  . ILE B 1 57  ? 10.034  6.351   11.615  1.00 19.45  ? 57  ILE B CA  1 
ATOM 1276 C C   . ILE B 1 57  ? 10.027  7.353   12.770  1.00 16.91  ? 57  ILE B C   1 
ATOM 1277 O O   . ILE B 1 57  ? 9.475   7.089   13.831  1.00 16.92  ? 57  ILE B O   1 
ATOM 1278 C CB  . ILE B 1 57  ? 8.765   6.551   10.788  1.00 22.68  ? 57  ILE B CB  1 
ATOM 1279 C CG1 . ILE B 1 57  ? 7.551   5.924   11.490  1.00 13.75  ? 57  ILE B CG1 1 
ATOM 1280 C CG2 . ILE B 1 57  ? 8.994   6.028   9.374   1.00 22.75  ? 57  ILE B CG2 1 
ATOM 1281 C CD1 . ILE B 1 57  ? 6.256   6.165   10.757  1.00 10.78  ? 57  ILE B CD1 1 
ATOM 1282 N N   . LYS B 1 58  ? 10.633  8.511   12.541  1.00 13.26  ? 58  LYS B N   1 
ATOM 1283 C CA  . LYS B 1 58  ? 10.781  9.507   13.589  1.00 15.23  ? 58  LYS B CA  1 
ATOM 1284 C C   . LYS B 1 58  ? 9.462   9.781   14.320  1.00 17.29  ? 58  LYS B C   1 
ATOM 1285 O O   . LYS B 1 58  ? 9.420   9.796   15.557  1.00 16.87  ? 58  LYS B O   1 
ATOM 1286 C CB  . LYS B 1 58  ? 11.384  10.798  13.012  1.00 26.43  ? 58  LYS B CB  1 
ATOM 1287 C CG  . LYS B 1 58  ? 11.765  11.893  14.029  1.00 31.05  ? 58  LYS B CG  1 
ATOM 1288 C CD  . LYS B 1 58  ? 12.690  11.372  15.143  1.00 53.71  ? 58  LYS B CD  1 
ATOM 1289 C CE  . LYS B 1 58  ? 13.746  12.392  15.600  1.00 44.78  ? 58  LYS B CE  1 
ATOM 1290 N NZ  . LYS B 1 58  ? 14.627  11.836  16.681  1.00 40.12  ? 58  LYS B NZ  1 
ATOM 1291 N N   . GLY B 1 59  ? 8.389   9.988   13.558  1.00 17.99  ? 59  GLY B N   1 
ATOM 1292 C CA  . GLY B 1 59  ? 7.075   10.232  14.131  1.00 15.19  ? 59  GLY B CA  1 
ATOM 1293 C C   . GLY B 1 59  ? 6.697   9.171   15.153  1.00 15.30  ? 59  GLY B C   1 
ATOM 1294 O O   . GLY B 1 59  ? 6.078   9.468   16.170  1.00 16.91  ? 59  GLY B O   1 
ATOM 1295 N N   . TRP B 1 60  ? 7.081   7.928   14.897  1.00 13.94  ? 60  TRP B N   1 
ATOM 1296 C CA  . TRP B 1 60  ? 6.856   6.862   15.865  1.00 16.75  ? 60  TRP B CA  1 
ATOM 1297 C C   . TRP B 1 60  ? 7.735   6.962   17.107  1.00 18.72  ? 60  TRP B C   1 
ATOM 1298 O O   . TRP B 1 60  ? 7.253   6.887   18.245  1.00 16.37  ? 60  TRP B O   1 
ATOM 1299 C CB  . TRP B 1 60  ? 7.074   5.499   15.220  1.00 16.20  ? 60  TRP B CB  1 
ATOM 1300 C CG  . TRP B 1 60  ? 5.834   4.940   14.673  1.00 15.52  ? 60  TRP B CG  1 
ATOM 1301 C CD1 . TRP B 1 60  ? 4.847   5.619   14.022  1.00 17.73  ? 60  TRP B CD1 1 
ATOM 1302 C CD2 . TRP B 1 60  ? 5.408   3.581   14.748  1.00 19.66  ? 60  TRP B CD2 1 
ATOM 1303 N NE1 . TRP B 1 60  ? 3.834   4.756   13.665  1.00 20.96  ? 60  TRP B NE1 1 
ATOM 1304 C CE2 . TRP B 1 60  ? 4.156   3.497   14.102  1.00 22.35  ? 60  TRP B CE2 1 
ATOM 1305 C CE3 . TRP B 1 60  ? 5.965   2.422   15.289  1.00 21.94  ? 60  TRP B CE3 1 
ATOM 1306 C CZ2 . TRP B 1 60  ? 3.457   2.301   13.983  1.00 24.84  ? 60  TRP B CZ2 1 
ATOM 1307 C CZ3 . TRP B 1 60  ? 5.270   1.232   15.171  1.00 27.80  ? 60  TRP B CZ3 1 
ATOM 1308 C CH2 . TRP B 1 60  ? 4.031   1.180   14.523  1.00 33.76  ? 60  TRP B CH2 1 
ATOM 1309 N N   . ASP B 1 61  ? 9.036   7.079   16.869  1.00 22.96  ? 61  ASP B N   1 
ATOM 1310 C CA  . ASP B 1 61  ? 10.011  7.222   17.934  1.00 18.58  ? 61  ASP B CA  1 
ATOM 1311 C C   . ASP B 1 61  ? 9.586   8.324   18.858  1.00 15.48  ? 61  ASP B C   1 
ATOM 1312 O O   . ASP B 1 61  ? 9.608   8.169   20.077  1.00 15.39  ? 61  ASP B O   1 
ATOM 1313 C CB  . ASP B 1 61  ? 11.358  7.598   17.349  1.00 17.25  ? 61  ASP B CB  1 
ATOM 1314 C CG  . ASP B 1 61  ? 12.340  6.501   17.474  1.00 20.51  ? 61  ASP B CG  1 
ATOM 1315 O OD1 . ASP B 1 61  ? 11.875  5.346   17.536  1.00 21.74  ? 61  ASP B OD1 1 
ATOM 1316 O OD2 . ASP B 1 61  ? 13.558  6.784   17.526  1.00 29.73  ? 61  ASP B OD2 1 
ATOM 1317 N N   . GLU B 1 62  ? 9.210   9.447   18.262  1.00 10.74  ? 62  GLU B N   1 
ATOM 1318 C CA  . GLU B 1 62  ? 8.912   10.625  19.037  1.00 15.47  ? 62  GLU B CA  1 
ATOM 1319 C C   . GLU B 1 62  ? 7.515   10.585  19.654  1.00 19.29  ? 62  GLU B C   1 
ATOM 1320 O O   . GLU B 1 62  ? 7.307   11.101  20.761  1.00 16.08  ? 62  GLU B O   1 
ATOM 1321 C CB  . GLU B 1 62  ? 9.092   11.874  18.189  1.00 17.88  ? 62  GLU B CB  1 
ATOM 1322 C CG  . GLU B 1 62  ? 10.291  12.718  18.590  1.00 30.46  ? 62  GLU B CG  1 
ATOM 1323 C CD  . GLU B 1 62  ? 9.977   14.210  18.567  1.00 61.28  ? 62  GLU B CD  1 
ATOM 1324 O OE1 . GLU B 1 62  ? 8.969   14.619  19.182  1.00 49.94  ? 62  GLU B OE1 1 
ATOM 1325 O OE2 . GLU B 1 62  ? 10.730  14.979  17.927  1.00 75.35  ? 62  GLU B OE2 1 
ATOM 1326 N N   . GLY B 1 63  ? 6.570   9.952   18.955  1.00 16.11  ? 63  GLY B N   1 
ATOM 1327 C CA  . GLY B 1 63  ? 5.167   9.987   19.345  1.00 10.10  ? 63  GLY B CA  1 
ATOM 1328 C C   . GLY B 1 63  ? 4.666   8.917   20.304  1.00 11.59  ? 63  GLY B C   1 
ATOM 1329 O O   . GLY B 1 63  ? 3.687   9.141   21.019  1.00 9.90   ? 63  GLY B O   1 
ATOM 1330 N N   . VAL B 1 64  ? 5.325   7.755   20.311  1.00 14.92  ? 64  VAL B N   1 
ATOM 1331 C CA  . VAL B 1 64  ? 4.859   6.602   21.077  1.00 11.91  ? 64  VAL B CA  1 
ATOM 1332 C C   . VAL B 1 64  ? 5.092   6.783   22.555  1.00 13.55  ? 64  VAL B C   1 
ATOM 1333 O O   . VAL B 1 64  ? 4.271   6.353   23.373  1.00 17.49  ? 64  VAL B O   1 
ATOM 1334 C CB  . VAL B 1 64  ? 5.522   5.271   20.649  1.00 9.28   ? 64  VAL B CB  1 
ATOM 1335 C CG1 . VAL B 1 64  ? 5.187   4.187   21.636  1.00 8.05   ? 64  VAL B CG1 1 
ATOM 1336 C CG2 . VAL B 1 64  ? 5.009   4.842   19.327  1.00 11.55  ? 64  VAL B CG2 1 
ATOM 1337 N N   . PRO B 1 65  ? 6.218   7.404   22.908  1.00 8.58   ? 65  PRO B N   1 
ATOM 1338 C CA  . PRO B 1 65  ? 6.552   7.460   24.323  1.00 10.26  ? 65  PRO B CA  1 
ATOM 1339 C C   . PRO B 1 65  ? 5.636   8.390   25.089  1.00 12.75  ? 65  PRO B C   1 
ATOM 1340 O O   . PRO B 1 65  ? 5.747   8.487   26.313  1.00 16.62  ? 65  PRO B O   1 
ATOM 1341 C CB  . PRO B 1 65  ? 7.986   7.977   24.310  1.00 12.62  ? 65  PRO B CB  1 
ATOM 1342 C CG  . PRO B 1 65  ? 8.514   7.564   22.972  1.00 10.99  ? 65  PRO B CG  1 
ATOM 1343 C CD  . PRO B 1 65  ? 7.356   7.778   22.063  1.00 9.12   ? 65  PRO B CD  1 
ATOM 1344 N N   . GLN B 1 66  ? 4.725   9.067   24.398  1.00 10.82  ? 66  GLN B N   1 
ATOM 1345 C CA  . GLN B 1 66  ? 3.759   9.920   25.080  1.00 13.73  ? 66  GLN B CA  1 
ATOM 1346 C C   . GLN B 1 66  ? 2.450   9.177   25.320  1.00 16.80  ? 66  GLN B C   1 
ATOM 1347 O O   . GLN B 1 66  ? 1.492   9.751   25.847  1.00 19.14  ? 66  GLN B O   1 
ATOM 1348 C CB  . GLN B 1 66  ? 3.497   11.224  24.314  1.00 18.83  ? 66  GLN B CB  1 
ATOM 1349 C CG  . GLN B 1 66  ? 4.743   12.075  24.023  1.00 22.38  ? 66  GLN B CG  1 
ATOM 1350 C CD  . GLN B 1 66  ? 5.556   12.399  25.257  1.00 43.83  ? 66  GLN B CD  1 
ATOM 1351 O OE1 . GLN B 1 66  ? 6.781   12.284  25.263  1.00 38.86  ? 66  GLN B OE1 1 
ATOM 1352 N NE2 . GLN B 1 66  ? 4.876   12.827  26.300  1.00 38.91  ? 66  GLN B NE2 1 
ATOM 1353 N N   . MET B 1 67  ? 2.426   7.895   24.969  1.00 14.63  ? 67  MET B N   1 
ATOM 1354 C CA  . MET B 1 67  ? 1.311   7.037   25.315  1.00 12.32  ? 67  MET B CA  1 
ATOM 1355 C C   . MET B 1 67  ? 1.670   6.313   26.592  1.00 12.03  ? 67  MET B C   1 
ATOM 1356 O O   . MET B 1 67  ? 2.805   5.869   26.726  1.00 13.12  ? 67  MET B O   1 
ATOM 1357 C CB  . MET B 1 67  ? 1.118   5.999   24.229  1.00 10.54  ? 67  MET B CB  1 
ATOM 1358 C CG  . MET B 1 67  ? 1.235   6.526   22.830  1.00 11.84  ? 67  MET B CG  1 
ATOM 1359 S SD  . MET B 1 67  ? 0.807   5.272   21.589  1.00 15.41  ? 67  MET B SD  1 
ATOM 1360 C CE  . MET B 1 67  ? -0.935  4.989   21.939  1.00 14.54  ? 67  MET B CE  1 
ATOM 1361 N N   . SER B 1 68  ? 0.723   6.180   27.522  1.00 11.88  ? 68  SER B N   1 
ATOM 1362 C CA  . SER B 1 68  ? 0.899   5.260   28.655  1.00 12.60  ? 68  SER B CA  1 
ATOM 1363 C C   . SER B 1 68  ? 0.443   3.871   28.265  1.00 11.66  ? 68  SER B C   1 
ATOM 1364 O O   . SER B 1 68  ? -0.248  3.692   27.258  1.00 10.44  ? 68  SER B O   1 
ATOM 1365 C CB  . SER B 1 68  ? 0.134   5.703   29.913  1.00 12.52  ? 68  SER B CB  1 
ATOM 1366 O OG  . SER B 1 68  ? -1.270  5.689   29.715  1.00 14.76  ? 68  SER B OG  1 
ATOM 1367 N N   . LEU B 1 69  ? 0.827   2.896   29.086  1.00 14.03  ? 69  LEU B N   1 
ATOM 1368 C CA  . LEU B 1 69  ? 0.506   1.495   28.843  1.00 12.72  ? 69  LEU B CA  1 
ATOM 1369 C C   . LEU B 1 69  ? -0.995  1.315   28.671  1.00 9.73   ? 69  LEU B C   1 
ATOM 1370 O O   . LEU B 1 69  ? -1.777  1.824   29.470  1.00 7.63   ? 69  LEU B O   1 
ATOM 1371 C CB  . LEU B 1 69  ? 1.014   0.622   29.991  1.00 9.61   ? 69  LEU B CB  1 
ATOM 1372 C CG  . LEU B 1 69  ? 0.946   -0.883  29.731  1.00 16.20  ? 69  LEU B CG  1 
ATOM 1373 C CD1 . LEU B 1 69  ? 1.488   -1.244  28.352  1.00 19.47  ? 69  LEU B CD1 1 
ATOM 1374 C CD2 . LEU B 1 69  ? 1.687   -1.674  30.797  1.00 17.15  ? 69  LEU B CD2 1 
ATOM 1375 N N   . GLY B 1 70  ? -1.377  0.605   27.609  1.00 9.00   ? 70  GLY B N   1 
ATOM 1376 C CA  . GLY B 1 70  ? -2.769  0.328   27.291  1.00 11.72  ? 70  GLY B CA  1 
ATOM 1377 C C   . GLY B 1 70  ? -3.526  1.401   26.511  1.00 16.38  ? 70  GLY B C   1 
ATOM 1378 O O   . GLY B 1 70  ? -4.652  1.189   26.046  1.00 14.23  ? 70  GLY B O   1 
ATOM 1379 N N   . GLU B 1 71  ? -2.913  2.569   26.376  1.00 18.34  ? 71  GLU B N   1 
ATOM 1380 C CA  . GLU B 1 71  ? -3.537  3.646   25.640  1.00 13.39  ? 71  GLU B CA  1 
ATOM 1381 C C   . GLU B 1 71  ? -3.869  3.261   24.189  1.00 14.32  ? 71  GLU B C   1 
ATOM 1382 O O   . GLU B 1 71  ? -3.190  2.446   23.564  1.00 14.30  ? 71  GLU B O   1 
ATOM 1383 C CB  . GLU B 1 71  ? -2.660  4.895   25.701  1.00 10.91  ? 71  GLU B CB  1 
ATOM 1384 C CG  . GLU B 1 71  ? -3.188  6.020   24.841  1.00 16.52  ? 71  GLU B CG  1 
ATOM 1385 C CD  . GLU B 1 71  ? -2.512  7.346   25.106  1.00 21.30  ? 71  GLU B CD  1 
ATOM 1386 O OE1 . GLU B 1 71  ? -2.139  7.621   26.273  1.00 21.09  ? 71  GLU B OE1 1 
ATOM 1387 O OE2 . GLU B 1 71  ? -2.369  8.121   24.136  1.00 20.39  ? 71  GLU B OE2 1 
ATOM 1388 N N   . LYS B 1 72  ? -4.944  3.846   23.679  1.00 18.25  ? 72  LYS B N   1 
ATOM 1389 C CA  . LYS B 1 72  ? -5.286  3.798   22.266  1.00 15.00  ? 72  LYS B CA  1 
ATOM 1390 C C   . LYS B 1 72  ? -5.320  5.213   21.686  1.00 16.93  ? 72  LYS B C   1 
ATOM 1391 O O   . LYS B 1 72  ? -6.216  5.996   21.993  1.00 17.97  ? 72  LYS B O   1 
ATOM 1392 C CB  . LYS B 1 72  ? -6.649  3.137   22.083  1.00 15.13  ? 72  LYS B CB  1 
ATOM 1393 C CG  . LYS B 1 72  ? -6.574  1.648   21.871  1.00 20.28  ? 72  LYS B CG  1 
ATOM 1394 C CD  . LYS B 1 72  ? -7.953  1.025   21.734  1.00 19.47  ? 72  LYS B CD  1 
ATOM 1395 C CE  . LYS B 1 72  ? -7.849  -0.501  21.645  1.00 26.42  ? 72  LYS B CE  1 
ATOM 1396 N NZ  . LYS B 1 72  ? -9.128  -1.195  21.299  1.00 24.74  ? 72  LYS B NZ  1 
ATOM 1397 N N   . ALA B 1 73  ? -4.346  5.545   20.849  1.00 17.18  ? 73  ALA B N   1 
ATOM 1398 C CA  . ALA B 1 73  ? -4.327  6.861   20.226  1.00 15.86  ? 73  ALA B CA  1 
ATOM 1399 C C   . ALA B 1 73  ? -4.227  6.762   18.701  1.00 17.86  ? 73  ALA B C   1 
ATOM 1400 O O   . ALA B 1 73  ? -4.282  5.667   18.127  1.00 15.79  ? 73  ALA B O   1 
ATOM 1401 C CB  . ALA B 1 73  ? -3.202  7.703   20.794  1.00 13.20  ? 73  ALA B CB  1 
ATOM 1402 N N   . VAL B 1 74  ? -4.112  7.917   18.052  1.00 15.62  ? 74  VAL B N   1 
ATOM 1403 C CA  . VAL B 1 74  ? -3.904  7.985   16.613  1.00 11.42  ? 74  VAL B CA  1 
ATOM 1404 C C   . VAL B 1 74  ? -2.728  8.920   16.416  1.00 12.57  ? 74  VAL B C   1 
ATOM 1405 O O   . VAL B 1 74  ? -2.686  9.999   17.013  1.00 17.87  ? 74  VAL B O   1 
ATOM 1406 C CB  . VAL B 1 74  ? -5.138  8.557   15.873  1.00 11.64  ? 74  VAL B CB  1 
ATOM 1407 C CG1 . VAL B 1 74  ? -4.905  8.590   14.362  1.00 10.57  ? 74  VAL B CG1 1 
ATOM 1408 C CG2 . VAL B 1 74  ? -6.371  7.749   16.194  1.00 11.45  ? 74  VAL B CG2 1 
ATOM 1409 N N   . LEU B 1 75  ? -1.763  8.500   15.602  1.00 9.71   ? 75  LEU B N   1 
ATOM 1410 C CA  . LEU B 1 75  ? -0.615  9.346   15.291  1.00 11.67  ? 75  LEU B CA  1 
ATOM 1411 C C   . LEU B 1 75  ? -0.718  9.956   13.893  1.00 14.05  ? 75  LEU B C   1 
ATOM 1412 O O   . LEU B 1 75  ? -0.874  9.233   12.900  1.00 12.79  ? 75  LEU B O   1 
ATOM 1413 C CB  . LEU B 1 75  ? 0.691   8.565   15.439  1.00 8.86   ? 75  LEU B CB  1 
ATOM 1414 C CG  . LEU B 1 75  ? 0.926   8.009   16.838  1.00 7.43   ? 75  LEU B CG  1 
ATOM 1415 C CD1 . LEU B 1 75  ? 2.161   7.144   16.835  1.00 5.46   ? 75  LEU B CD1 1 
ATOM 1416 C CD2 . LEU B 1 75  ? 1.020   9.124   17.886  1.00 7.65   ? 75  LEU B CD2 1 
ATOM 1417 N N   . THR B 1 76  ? -0.647  11.288  13.827  1.00 12.64  ? 76  THR B N   1 
ATOM 1418 C CA  . THR B 1 76  ? -0.570  11.994  12.545  1.00 14.27  ? 76  THR B CA  1 
ATOM 1419 C C   . THR B 1 76  ? 0.859   12.487  12.266  1.00 14.43  ? 76  THR B C   1 
ATOM 1420 O O   . THR B 1 76  ? 1.352   13.447  12.888  1.00 10.18  ? 76  THR B O   1 
ATOM 1421 C CB  . THR B 1 76  ? -1.603  13.138  12.437  1.00 14.86  ? 76  THR B CB  1 
ATOM 1422 O OG1 . THR B 1 76  ? -2.928  12.589  12.460  1.00 6.70   ? 76  THR B OG1 1 
ATOM 1423 C CG2 . THR B 1 76  ? -1.390  13.964  11.146  1.00 13.74  ? 76  THR B CG2 1 
ATOM 1424 N N   . ILE B 1 77  ? 1.504   11.801  11.318  1.00 14.64  ? 77  ILE B N   1 
ATOM 1425 C CA  . ILE B 1 77  ? 2.922   11.985  11.014  1.00 16.07  ? 77  ILE B CA  1 
ATOM 1426 C C   . ILE B 1 77  ? 3.086   12.633  9.647   1.00 11.91  ? 77  ILE B C   1 
ATOM 1427 O O   . ILE B 1 77  ? 2.554   12.160  8.642   1.00 9.72   ? 77  ILE B O   1 
ATOM 1428 C CB  . ILE B 1 77  ? 3.719   10.645  11.116  1.00 12.15  ? 77  ILE B CB  1 
ATOM 1429 C CG1 . ILE B 1 77  ? 3.710   10.149  12.571  1.00 11.43  ? 77  ILE B CG1 1 
ATOM 1430 C CG2 . ILE B 1 77  ? 5.159   10.815  10.596  1.00 8.71   ? 77  ILE B CG2 1 
ATOM 1431 C CD1 . ILE B 1 77  ? 3.847   8.653   12.737  1.00 10.55  ? 77  ILE B CD1 1 
ATOM 1432 N N   . THR B 1 78  ? 3.792   13.758  9.643   1.00 14.69  ? 78  THR B N   1 
ATOM 1433 C CA  . THR B 1 78  ? 3.987   14.537  8.437   1.00 13.35  ? 78  THR B CA  1 
ATOM 1434 C C   . THR B 1 78  ? 5.079   13.830  7.700   1.00 13.81  ? 78  THR B C   1 
ATOM 1435 O O   . THR B 1 78  ? 5.874   13.115  8.309   1.00 16.27  ? 78  THR B O   1 
ATOM 1436 C CB  . THR B 1 78  ? 4.404   16.014  8.717   1.00 12.49  ? 78  THR B CB  1 
ATOM 1437 O OG1 . THR B 1 78  ? 5.833   16.126  8.838   1.00 12.12  ? 78  THR B OG1 1 
ATOM 1438 C CG2 . THR B 1 78  ? 3.714   16.551  9.965   1.00 8.42   ? 78  THR B CG2 1 
ATOM 1439 N N   . PRO B 1 79  ? 5.109   14.002  6.381   1.00 13.40  ? 79  PRO B N   1 
ATOM 1440 C CA  . PRO B 1 79  ? 6.158   13.379  5.580   1.00 18.32  ? 79  PRO B CA  1 
ATOM 1441 C C   . PRO B 1 79  ? 7.511   13.592  6.225   1.00 17.64  ? 79  PRO B C   1 
ATOM 1442 O O   . PRO B 1 79  ? 8.351   12.703  6.135   1.00 16.79  ? 79  PRO B O   1 
ATOM 1443 C CB  . PRO B 1 79  ? 6.077   14.154  4.267   1.00 20.37  ? 79  PRO B CB  1 
ATOM 1444 C CG  . PRO B 1 79  ? 4.619   14.465  4.146   1.00 19.90  ? 79  PRO B CG  1 
ATOM 1445 C CD  . PRO B 1 79  ? 4.156   14.757  5.549   1.00 16.90  ? 79  PRO B CD  1 
ATOM 1446 N N   . ASP B 1 80  ? 7.702   14.736  6.876   1.00 13.86  ? 80  ASP B N   1 
ATOM 1447 C CA  . ASP B 1 80  ? 9.001   15.085  7.415   1.00 13.97  ? 80  ASP B CA  1 
ATOM 1448 C C   . ASP B 1 80  ? 9.419   14.153  8.567   1.00 12.07  ? 80  ASP B C   1 
ATOM 1449 O O   . ASP B 1 80  ? 10.594  13.899  8.767   1.00 12.75  ? 80  ASP B O   1 
ATOM 1450 C CB  . ASP B 1 80  ? 9.083   16.605  7.692   1.00 23.36  ? 80  ASP B CB  1 
ATOM 1451 C CG  . ASP B 1 80  ? 9.160   16.962  9.161   1.00 33.93  ? 80  ASP B CG  1 
ATOM 1452 O OD1 . ASP B 1 80  ? 8.089   17.075  9.806   1.00 27.51  ? 80  ASP B OD1 1 
ATOM 1453 O OD2 . ASP B 1 80  ? 10.294  17.208  9.651   1.00 31.56  ? 80  ASP B OD2 1 
ATOM 1454 N N   . TYR B 1 81  ? 8.450   13.592  9.272   1.00 12.64  ? 81  TYR B N   1 
ATOM 1455 C CA  . TYR B 1 81  ? 8.743   12.650  10.340  1.00 16.32  ? 81  TYR B CA  1 
ATOM 1456 C C   . TYR B 1 81  ? 8.323   11.260  9.858   1.00 25.40  ? 81  TYR B C   1 
ATOM 1457 O O   . TYR B 1 81  ? 8.294   10.283  10.628  1.00 20.65  ? 81  TYR B O   1 
ATOM 1458 C CB  . TYR B 1 81  ? 7.967   12.999  11.613  1.00 21.28  ? 81  TYR B CB  1 
ATOM 1459 C CG  . TYR B 1 81  ? 8.631   13.983  12.560  1.00 23.09  ? 81  TYR B CG  1 
ATOM 1460 C CD1 . TYR B 1 81  ? 9.541   14.927  12.109  1.00 30.96  ? 81  TYR B CD1 1 
ATOM 1461 C CD2 . TYR B 1 81  ? 8.341   13.958  13.917  1.00 24.24  ? 81  TYR B CD2 1 
ATOM 1462 C CE1 . TYR B 1 81  ? 10.137  15.823  12.989  1.00 31.83  ? 81  TYR B CE1 1 
ATOM 1463 C CE2 . TYR B 1 81  ? 8.933   14.845  14.801  1.00 22.22  ? 81  TYR B CE2 1 
ATOM 1464 C CZ  . TYR B 1 81  ? 9.825   15.770  14.335  1.00 22.57  ? 81  TYR B CZ  1 
ATOM 1465 O OH  . TYR B 1 81  ? 10.407  16.645  15.217  1.00 26.41  ? 81  TYR B OH  1 
ATOM 1466 N N   . GLY B 1 82  ? 7.977   11.186  8.574   1.00 25.75  ? 82  GLY B N   1 
ATOM 1467 C CA  . GLY B 1 82  ? 7.576   9.937   7.952   1.00 19.68  ? 82  GLY B CA  1 
ATOM 1468 C C   . GLY B 1 82  ? 8.599   9.304   7.024   1.00 20.07  ? 82  GLY B C   1 
ATOM 1469 O O   . GLY B 1 82  ? 9.758   9.073   7.401   1.00 15.55  ? 82  GLY B O   1 
ATOM 1470 N N   . TYR B 1 83  ? 8.158   8.990   5.808   1.00 24.59  ? 83  TYR B N   1 
ATOM 1471 C CA  . TYR B 1 83  ? 9.056   8.438   4.798   1.00 21.38  ? 83  TYR B CA  1 
ATOM 1472 C C   . TYR B 1 83  ? 9.551   9.510   3.832   1.00 21.56  ? 83  TYR B C   1 
ATOM 1473 O O   . TYR B 1 83  ? 9.891   9.216   2.695   1.00 23.02  ? 83  TYR B O   1 
ATOM 1474 C CB  . TYR B 1 83  ? 8.396   7.279   4.037   1.00 18.59  ? 83  TYR B CB  1 
ATOM 1475 C CG  . TYR B 1 83  ? 8.317   6.007   4.847   1.00 22.68  ? 83  TYR B CG  1 
ATOM 1476 C CD1 . TYR B 1 83  ? 9.377   5.108   4.880   1.00 25.42  ? 83  TYR B CD1 1 
ATOM 1477 C CD2 . TYR B 1 83  ? 7.190   5.715   5.598   1.00 26.45  ? 83  TYR B CD2 1 
ATOM 1478 C CE1 . TYR B 1 83  ? 9.307   3.948   5.638   1.00 28.14  ? 83  TYR B CE1 1 
ATOM 1479 C CE2 . TYR B 1 83  ? 7.109   4.566   6.352   1.00 20.47  ? 83  TYR B CE2 1 
ATOM 1480 C CZ  . TYR B 1 83  ? 8.160   3.686   6.373   1.00 25.33  ? 83  TYR B CZ  1 
ATOM 1481 O OH  . TYR B 1 83  ? 8.042   2.545   7.137   1.00 36.45  ? 83  TYR B OH  1 
ATOM 1482 N N   . GLY B 1 84  ? 9.596   10.752  4.294   1.00 16.50  ? 84  GLY B N   1 
ATOM 1483 C CA  . GLY B 1 84  ? 10.120  11.832  3.485   1.00 18.74  ? 84  GLY B CA  1 
ATOM 1484 C C   . GLY B 1 84  ? 9.576   11.952  2.070   1.00 25.31  ? 84  GLY B C   1 
ATOM 1485 O O   . GLY B 1 84  ? 8.505   11.415  1.737   1.00 23.69  ? 84  GLY B O   1 
ATOM 1486 N N   . ALA B 1 85  ? 10.328  12.674  1.236   1.00 18.41  ? 85  ALA B N   1 
ATOM 1487 C CA  . ALA B 1 85  ? 9.908   12.982  -0.119  1.00 13.68  ? 85  ALA B CA  1 
ATOM 1488 C C   . ALA B 1 85  ? 10.063  11.746  -0.956  1.00 22.56  ? 85  ALA B C   1 
ATOM 1489 O O   . ALA B 1 85  ? 9.355   11.571  -1.952  1.00 27.95  ? 85  ALA B O   1 
ATOM 1490 C CB  . ALA B 1 85  ? 10.766  14.067  -0.687  1.00 13.30  ? 85  ALA B CB  1 
ATOM 1491 N N   . ARG B 1 86  ? 11.009  10.902  -0.547  1.00 17.80  ? 86  ARG B N   1 
ATOM 1492 C CA  . ARG B 1 86  ? 11.281  9.633   -1.211  1.00 12.01  ? 86  ARG B CA  1 
ATOM 1493 C C   . ARG B 1 86  ? 10.127  8.635   -1.079  1.00 13.37  ? 86  ARG B C   1 
ATOM 1494 O O   . ARG B 1 86  ? 9.634   8.110   -2.062  1.00 13.58  ? 86  ARG B O   1 
ATOM 1495 C CB  . ARG B 1 86  ? 12.572  9.037   -0.660  1.00 10.62  ? 86  ARG B CB  1 
ATOM 1496 C CG  . ARG B 1 86  ? 13.210  8.012   -1.577  1.00 15.73  ? 86  ARG B CG  1 
ATOM 1497 C CD  . ARG B 1 86  ? 14.710  7.821   -1.303  1.00 16.42  ? 86  ARG B CD  1 
ATOM 1498 N NE  . ARG B 1 86  ? 15.034  7.027   -0.114  1.00 20.96  ? 86  ARG B NE  1 
ATOM 1499 C CZ  . ARG B 1 86  ? 15.911  6.022   -0.093  1.00 21.12  ? 86  ARG B CZ  1 
ATOM 1500 N NH1 . ARG B 1 86  ? 16.537  5.679   -1.200  1.00 33.97  ? 86  ARG B NH1 1 
ATOM 1501 N NH2 . ARG B 1 86  ? 16.161  5.352   1.026   1.00 17.58  ? 86  ARG B NH2 1 
ATOM 1502 N N   . GLY B 1 87  ? 9.698   8.368   0.141   1.00 18.09  ? 87  GLY B N   1 
ATOM 1503 C CA  . GLY B 1 87  ? 8.554   7.512   0.323   1.00 20.25  ? 87  GLY B CA  1 
ATOM 1504 C C   . GLY B 1 87  ? 9.027   6.085   0.395   1.00 26.42  ? 87  GLY B C   1 
ATOM 1505 O O   . GLY B 1 87  ? 10.228  5.831   0.560   1.00 27.06  ? 87  GLY B O   1 
ATOM 1506 N N   . PHE B 1 88  ? 8.073   5.161   0.300   1.00 27.97  ? 88  PHE B N   1 
ATOM 1507 C CA  . PHE B 1 88  ? 8.346   3.727   0.277   1.00 33.46  ? 88  PHE B CA  1 
ATOM 1508 C C   . PHE B 1 88  ? 7.549   3.137   -0.867  1.00 35.74  ? 88  PHE B C   1 
ATOM 1509 O O   . PHE B 1 88  ? 6.472   2.577   -0.654  1.00 31.74  ? 88  PHE B O   1 
ATOM 1510 C CB  . PHE B 1 88  ? 7.904   3.059   1.572   1.00 36.28  ? 88  PHE B CB  1 
ATOM 1511 C CG  . PHE B 1 88  ? 8.576   1.731   1.837   1.00 44.98  ? 88  PHE B CG  1 
ATOM 1512 C CD1 . PHE B 1 88  ? 9.622   1.281   1.035   1.00 44.91  ? 88  PHE B CD1 1 
ATOM 1513 C CD2 . PHE B 1 88  ? 8.163   0.935   2.899   1.00 45.02  ? 88  PHE B CD2 1 
ATOM 1514 C CE1 . PHE B 1 88  ? 10.243  0.063   1.296   1.00 48.44  ? 88  PHE B CE1 1 
ATOM 1515 C CE2 . PHE B 1 88  ? 8.777   -0.282  3.162   1.00 49.94  ? 88  PHE B CE2 1 
ATOM 1516 C CZ  . PHE B 1 88  ? 9.817   -0.719  2.360   1.00 54.25  ? 88  PHE B CZ  1 
ATOM 1517 N N   . PRO B 1 89  ? 8.088   3.237   -2.086  1.00 37.40  ? 89  PRO B N   1 
ATOM 1518 C CA  . PRO B 1 89  ? 7.289   2.982   -3.284  1.00 25.53  ? 89  PRO B CA  1 
ATOM 1519 C C   . PRO B 1 89  ? 6.595   1.613   -3.232  1.00 35.27  ? 89  PRO B C   1 
ATOM 1520 O O   . PRO B 1 89  ? 7.089   0.680   -2.622  1.00 26.97  ? 89  PRO B O   1 
ATOM 1521 C CB  . PRO B 1 89  ? 8.326   3.005   -4.391  1.00 29.01  ? 89  PRO B CB  1 
ATOM 1522 C CG  . PRO B 1 89  ? 9.420   3.873   -3.859  1.00 42.20  ? 89  PRO B CG  1 
ATOM 1523 C CD  . PRO B 1 89  ? 9.496   3.540   -2.404  1.00 39.43  ? 89  PRO B CD  1 
ATOM 1524 N N   . PRO B 1 90  ? 5.410   1.542   -3.835  1.00 41.38  ? 90  PRO B N   1 
ATOM 1525 C CA  . PRO B 1 90  ? 4.108   1.451   -4.494  1.00 29.80  ? 90  PRO B CA  1 
ATOM 1526 C C   . PRO B 1 90  ? 3.196   1.968   -3.425  1.00 24.60  ? 90  PRO B C   1 
ATOM 1527 O O   . PRO B 1 90  ? 2.426   2.892   -3.623  1.00 24.72  ? 90  PRO B O   1 
ATOM 1528 C CB  . PRO B 1 90  ? 3.887   -0.024  -4.720  1.00 26.33  ? 90  PRO B CB  1 
ATOM 1529 C CG  . PRO B 1 90  ? 5.157   -0.666  -4.362  1.00 25.71  ? 90  PRO B CG  1 
ATOM 1530 C CD  . PRO B 1 90  ? 5.727   0.188   -3.363  1.00 32.50  ? 90  PRO B CD  1 
ATOM 1531 N N   . CYS B 1 91  ? 3.362   1.374   -2.252  1.00 28.98  ? 91  CYS B N   1 
ATOM 1532 C CA  . CYS B 1 91  ? 2.573   1.642   -1.039  1.00 36.93  ? 91  CYS B CA  1 
ATOM 1533 C C   . CYS B 1 91  ? 2.464   3.137   -0.675  1.00 35.11  ? 91  CYS B C   1 
ATOM 1534 O O   . CYS B 1 91  ? 1.398   3.750   -0.819  1.00 28.78  ? 91  CYS B O   1 
ATOM 1535 C CB  . CYS B 1 91  ? 3.173   0.845   0.146   1.00 44.13  ? 91  CYS B CB  1 
ATOM 1536 S SG  . CYS B 1 91  ? 3.705   -0.882  -0.263  1.00 52.94  ? 91  CYS B SG  1 
ATOM 1537 N N   . ILE B 1 92  ? 3.583   3.712   -0.234  1.00 37.23  ? 92  ILE B N   1 
ATOM 1538 C CA  . ILE B 1 92  ? 3.622   5.071   0.273   1.00 22.45  ? 92  ILE B CA  1 
ATOM 1539 C C   . ILE B 1 92  ? 4.295   6.030   -0.676  1.00 19.07  ? 92  ILE B C   1 
ATOM 1540 O O   . ILE B 1 92  ? 5.525   6.120   -0.727  1.00 22.23  ? 92  ILE B O   1 
ATOM 1541 C CB  . ILE B 1 92  ? 4.383   5.155   1.601   1.00 24.29  ? 92  ILE B CB  1 
ATOM 1542 C CG1 . ILE B 1 92  ? 4.071   3.939   2.472   1.00 27.00  ? 92  ILE B CG1 1 
ATOM 1543 C CG2 . ILE B 1 92  ? 4.018   6.429   2.327   1.00 21.09  ? 92  ILE B CG2 1 
ATOM 1544 C CD1 . ILE B 1 92  ? 4.952   3.829   3.721   1.00 27.31  ? 92  ILE B CD1 1 
ATOM 1545 N N   . PRO B 1 93  ? 3.483   6.771   -1.418  1.00 16.11  ? 93  PRO B N   1 
ATOM 1546 C CA  . PRO B 1 93  ? 4.018   7.853   -2.248  1.00 20.07  ? 93  PRO B CA  1 
ATOM 1547 C C   . PRO B 1 93  ? 4.945   8.786   -1.447  1.00 21.31  ? 93  PRO B C   1 
ATOM 1548 O O   . PRO B 1 93  ? 4.971   8.803   -0.209  1.00 19.83  ? 93  PRO B O   1 
ATOM 1549 C CB  . PRO B 1 93  ? 2.759   8.617   -2.697  1.00 18.05  ? 93  PRO B CB  1 
ATOM 1550 C CG  . PRO B 1 93  ? 1.605   7.694   -2.425  1.00 20.48  ? 93  PRO B CG  1 
ATOM 1551 C CD  . PRO B 1 93  ? 2.015   6.786   -1.321  1.00 16.10  ? 93  PRO B CD  1 
ATOM 1552 N N   . GLY B 1 94  ? 5.728   9.571   -2.167  1.00 22.86  ? 94  GLY B N   1 
ATOM 1553 C CA  . GLY B 1 94  ? 6.577   10.532  -1.498  1.00 22.13  ? 94  GLY B CA  1 
ATOM 1554 C C   . GLY B 1 94  ? 5.698   11.603  -0.890  1.00 18.82  ? 94  GLY B C   1 
ATOM 1555 O O   . GLY B 1 94  ? 4.558   11.798  -1.323  1.00 10.88  ? 94  GLY B O   1 
ATOM 1556 N N   . ASN B 1 95  ? 6.227   12.288  0.120   1.00 21.89  ? 95  ASN B N   1 
ATOM 1557 C CA  . ASN B 1 95  ? 5.542   13.433  0.713   1.00 22.27  ? 95  ASN B CA  1 
ATOM 1558 C C   . ASN B 1 95  ? 4.167   13.034  1.238   1.00 16.40  ? 95  ASN B C   1 
ATOM 1559 O O   . ASN B 1 95  ? 3.201   13.789  1.126   1.00 12.33  ? 95  ASN B O   1 
ATOM 1560 C CB  . ASN B 1 95  ? 5.420   14.570  -0.310  1.00 22.63  ? 95  ASN B CB  1 
ATOM 1561 C CG  . ASN B 1 95  ? 5.058   15.910  0.322   1.00 17.64  ? 95  ASN B CG  1 
ATOM 1562 O OD1 . ASN B 1 95  ? 5.476   16.227  1.434   1.00 25.64  ? 95  ASN B OD1 1 
ATOM 1563 N ND2 . ASN B 1 95  ? 4.282   16.708  -0.401  1.00 13.50  ? 95  ASN B ND2 1 
ATOM 1564 N N   . SER B 1 96  ? 4.090   11.839  1.814   1.00 19.94  ? 96  SER B N   1 
ATOM 1565 C CA  . SER B 1 96  ? 2.826   11.307  2.297   1.00 16.31  ? 96  SER B CA  1 
ATOM 1566 C C   . SER B 1 96  ? 2.701   11.533  3.800   1.00 12.96  ? 96  SER B C   1 
ATOM 1567 O O   . SER B 1 96  ? 3.575   11.121  4.564   1.00 13.25  ? 96  SER B O   1 
ATOM 1568 C CB  . SER B 1 96  ? 2.721   9.803   1.974   1.00 15.04  ? 96  SER B CB  1 
ATOM 1569 O OG  . SER B 1 96  ? 1.931   9.533   0.817   1.00 11.22  ? 96  SER B OG  1 
ATOM 1570 N N   . THR B 1 97  ? 1.633   12.216  4.208   1.00 11.77  ? 97  THR B N   1 
ATOM 1571 C CA  . THR B 1 97  ? 1.186   12.202  5.607   1.00 10.87  ? 97  THR B CA  1 
ATOM 1572 C C   . THR B 1 97  ? 0.725   10.795  6.034   1.00 11.23  ? 97  THR B C   1 
ATOM 1573 O O   . THR B 1 97  ? 0.268   10.002  5.213   1.00 19.46  ? 97  THR B O   1 
ATOM 1574 C CB  . THR B 1 97  ? 0.018   13.171  5.846   1.00 8.34   ? 97  THR B CB  1 
ATOM 1575 O OG1 . THR B 1 97  ? 0.455   14.518  5.638   1.00 12.53  ? 97  THR B OG1 1 
ATOM 1576 C CG2 . THR B 1 97  ? -0.458  13.046  7.258   1.00 8.28   ? 97  THR B CG2 1 
ATOM 1577 N N   . LEU B 1 98  ? 0.833   10.473  7.312   1.00 9.54   ? 98  LEU B N   1 
ATOM 1578 C CA  . LEU B 1 98  ? 0.500   9.125   7.744   1.00 9.16   ? 98  LEU B CA  1 
ATOM 1579 C C   . LEU B 1 98  ? -0.430  9.193   8.924   1.00 9.33   ? 98  LEU B C   1 
ATOM 1580 O O   . LEU B 1 98  ? -0.226  10.009  9.819   1.00 12.66  ? 98  LEU B O   1 
ATOM 1581 C CB  . LEU B 1 98  ? 1.766   8.358   8.134   1.00 10.36  ? 98  LEU B CB  1 
ATOM 1582 C CG  . LEU B 1 98  ? 2.879   8.390   7.089   1.00 9.86   ? 98  LEU B CG  1 
ATOM 1583 C CD1 . LEU B 1 98  ? 4.063   7.520   7.514   1.00 8.27   ? 98  LEU B CD1 1 
ATOM 1584 C CD2 . LEU B 1 98  ? 2.325   7.976   5.721   1.00 11.26  ? 98  LEU B CD2 1 
ATOM 1585 N N   . ILE B 1 99  ? -1.449  8.341   8.925   1.00 7.83   ? 99  ILE B N   1 
ATOM 1586 C CA  . ILE B 1 99  ? -2.372  8.261   10.049  1.00 10.81  ? 99  ILE B CA  1 
ATOM 1587 C C   . ILE B 1 99  ? -2.470  6.858   10.672  1.00 13.17  ? 99  ILE B C   1 
ATOM 1588 O O   . ILE B 1 99  ? -3.227  6.002   10.203  1.00 15.64  ? 99  ILE B O   1 
ATOM 1589 C CB  . ILE B 1 99  ? -3.770  8.780   9.665   1.00 14.65  ? 99  ILE B CB  1 
ATOM 1590 C CG1 . ILE B 1 99  ? -3.717  10.284  9.348   1.00 11.15  ? 99  ILE B CG1 1 
ATOM 1591 C CG2 . ILE B 1 99  ? -4.784  8.488   10.788  1.00 15.31  ? 99  ILE B CG2 1 
ATOM 1592 C CD1 . ILE B 1 99  ? -3.275  10.610  7.953   1.00 12.37  ? 99  ILE B CD1 1 
ATOM 1593 N N   . PHE B 1 100 ? -1.710  6.644   11.744  1.00 11.17  ? 100 PHE B N   1 
ATOM 1594 C CA  . PHE B 1 100 ? -1.644  5.349   12.409  1.00 10.80  ? 100 PHE B CA  1 
ATOM 1595 C C   . PHE B 1 100 ? -2.593  5.278   13.604  1.00 13.93  ? 100 PHE B C   1 
ATOM 1596 O O   . PHE B 1 100 ? -2.531  6.106   14.512  1.00 14.58  ? 100 PHE B O   1 
ATOM 1597 C CB  . PHE B 1 100 ? -0.240  5.098   12.949  1.00 12.06  ? 100 PHE B CB  1 
ATOM 1598 C CG  . PHE B 1 100 ? 0.799   4.725   11.902  1.00 19.67  ? 100 PHE B CG  1 
ATOM 1599 C CD1 . PHE B 1 100 ? 1.078   3.386   11.617  1.00 22.69  ? 100 PHE B CD1 1 
ATOM 1600 C CD2 . PHE B 1 100 ? 1.555   5.708   11.267  1.00 17.55  ? 100 PHE B CD2 1 
ATOM 1601 C CE1 . PHE B 1 100 ? 2.057   3.031   10.685  1.00 15.39  ? 100 PHE B CE1 1 
ATOM 1602 C CE2 . PHE B 1 100 ? 2.539   5.364   10.333  1.00 16.60  ? 100 PHE B CE2 1 
ATOM 1603 C CZ  . PHE B 1 100 ? 2.785   4.016   10.044  1.00 18.95  ? 100 PHE B CZ  1 
ATOM 1604 N N   . GLU B 1 101 ? -3.466  4.282   13.616  1.00 16.31  ? 101 GLU B N   1 
ATOM 1605 C CA  . GLU B 1 101 ? -4.135  3.906   14.847  1.00 13.11  ? 101 GLU B CA  1 
ATOM 1606 C C   . GLU B 1 101 ? -3.056  3.163   15.599  1.00 13.95  ? 101 GLU B C   1 
ATOM 1607 O O   . GLU B 1 101 ? -2.315  2.386   14.995  1.00 13.57  ? 101 GLU B O   1 
ATOM 1608 C CB  . GLU B 1 101 ? -5.294  2.953   14.560  1.00 13.73  ? 101 GLU B CB  1 
ATOM 1609 C CG  . GLU B 1 101 ? -6.427  3.539   13.710  1.00 19.72  ? 101 GLU B CG  1 
ATOM 1610 C CD  . GLU B 1 101 ? -7.475  2.489   13.336  1.00 17.94  ? 101 GLU B CD  1 
ATOM 1611 O OE1 . GLU B 1 101 ? -7.118  1.292   13.330  1.00 16.90  ? 101 GLU B OE1 1 
ATOM 1612 O OE2 . GLU B 1 101 ? -8.645  2.853   13.057  1.00 12.12  ? 101 GLU B OE2 1 
ATOM 1613 N N   . VAL B 1 102 ? -2.944  3.396   16.901  1.00 14.26  ? 102 VAL B N   1 
ATOM 1614 C CA  . VAL B 1 102 ? -1.917  2.709   17.689  1.00 18.49  ? 102 VAL B CA  1 
ATOM 1615 C C   . VAL B 1 102 ? -2.348  2.267   19.101  1.00 16.62  ? 102 VAL B C   1 
ATOM 1616 O O   . VAL B 1 102 ? -2.978  3.016   19.861  1.00 14.66  ? 102 VAL B O   1 
ATOM 1617 C CB  . VAL B 1 102 ? -0.604  3.543   17.800  1.00 18.53  ? 102 VAL B CB  1 
ATOM 1618 C CG1 . VAL B 1 102 ? 0.482   2.718   18.466  1.00 16.89  ? 102 VAL B CG1 1 
ATOM 1619 C CG2 . VAL B 1 102 ? -0.143  4.024   16.423  1.00 13.92  ? 102 VAL B CG2 1 
ATOM 1620 N N   . GLU B 1 103 ? -1.981  1.045   19.453  1.00 15.74  ? 103 GLU B N   1 
ATOM 1621 C CA  . GLU B 1 103 ? -2.332  0.508   20.758  1.00 19.60  ? 103 GLU B CA  1 
ATOM 1622 C C   . GLU B 1 103 ? -1.087  -0.053  21.415  1.00 17.71  ? 103 GLU B C   1 
ATOM 1623 O O   . GLU B 1 103 ? -0.376  -0.890  20.852  1.00 15.38  ? 103 GLU B O   1 
ATOM 1624 C CB  . GLU B 1 103 ? -3.419  -0.567  20.625  1.00 25.43  ? 103 GLU B CB  1 
ATOM 1625 C CG  . GLU B 1 103 ? -3.941  -1.175  21.933  1.00 19.22  ? 103 GLU B CG  1 
ATOM 1626 C CD  . GLU B 1 103 ? -4.844  -2.374  21.666  1.00 33.86  ? 103 GLU B CD  1 
ATOM 1627 O OE1 . GLU B 1 103 ? -4.978  -2.754  20.478  1.00 41.46  ? 103 GLU B OE1 1 
ATOM 1628 O OE2 . GLU B 1 103 ? -5.417  -2.941  22.625  1.00 32.70  ? 103 GLU B OE2 1 
ATOM 1629 N N   . LEU B 1 104 ? -0.829  0.429   22.619  1.00 20.15  ? 104 LEU B N   1 
ATOM 1630 C CA  . LEU B 1 104 ? 0.387   0.090   23.333  1.00 19.84  ? 104 LEU B CA  1 
ATOM 1631 C C   . LEU B 1 104 ? 0.173   -1.116  24.266  1.00 23.10  ? 104 LEU B C   1 
ATOM 1632 O O   . LEU B 1 104 ? -0.389  -0.972  25.356  1.00 27.65  ? 104 LEU B O   1 
ATOM 1633 C CB  . LEU B 1 104 ? 0.852   1.327   24.103  1.00 14.58  ? 104 LEU B CB  1 
ATOM 1634 C CG  . LEU B 1 104 ? 2.222   1.195   24.737  1.00 18.53  ? 104 LEU B CG  1 
ATOM 1635 C CD1 . LEU B 1 104 ? 3.203   0.754   23.648  1.00 17.90  ? 104 LEU B CD1 1 
ATOM 1636 C CD2 . LEU B 1 104 ? 2.648   2.491   25.457  1.00 11.12  ? 104 LEU B CD2 1 
ATOM 1637 N N   . LEU B 1 105 ? 0.616   -2.302  23.849  1.00 20.28  ? 105 LEU B N   1 
ATOM 1638 C CA  . LEU B 1 105 ? 0.307   -3.521  24.609  1.00 16.36  ? 105 LEU B CA  1 
ATOM 1639 C C   . LEU B 1 105 ? 1.383   -3.946  25.608  1.00 12.51  ? 105 LEU B C   1 
ATOM 1640 O O   . LEU B 1 105 ? 1.245   -4.954  26.277  1.00 14.40  ? 105 LEU B O   1 
ATOM 1641 C CB  . LEU B 1 105 ? -0.002  -4.678  23.663  1.00 15.06  ? 105 LEU B CB  1 
ATOM 1642 C CG  . LEU B 1 105 ? -0.979  -4.380  22.531  1.00 21.90  ? 105 LEU B CG  1 
ATOM 1643 C CD1 . LEU B 1 105 ? -0.360  -4.735  21.171  1.00 20.57  ? 105 LEU B CD1 1 
ATOM 1644 C CD2 . LEU B 1 105 ? -2.311  -5.097  22.757  1.00 17.39  ? 105 LEU B CD2 1 
ATOM 1645 N N   . GLY B 1 106 ? 2.456   -3.184  25.709  1.00 13.78  ? 106 GLY B N   1 
ATOM 1646 C CA  . GLY B 1 106 ? 3.506   -3.566  26.622  1.00 16.18  ? 106 GLY B CA  1 
ATOM 1647 C C   . GLY B 1 106 ? 4.781   -2.762  26.533  1.00 21.57  ? 106 GLY B C   1 
ATOM 1648 O O   . GLY B 1 106 ? 5.244   -2.367  25.455  1.00 23.29  ? 106 GLY B O   1 
ATOM 1649 N N   . ILE B 1 107 ? 5.355   -2.514  27.694  1.00 16.02  ? 107 ILE B N   1 
ATOM 1650 C CA  . ILE B 1 107 ? 6.637   -1.863  27.734  1.00 19.70  ? 107 ILE B CA  1 
ATOM 1651 C C   . ILE B 1 107 ? 7.608   -2.852  28.370  1.00 22.35  ? 107 ILE B C   1 
ATOM 1652 O O   . ILE B 1 107 ? 7.406   -3.304  29.497  1.00 22.03  ? 107 ILE B O   1 
ATOM 1653 C CB  . ILE B 1 107 ? 6.570   -0.535  28.509  1.00 15.12  ? 107 ILE B CB  1 
ATOM 1654 C CG1 . ILE B 1 107 ? 5.328   0.263   28.100  1.00 10.43  ? 107 ILE B CG1 1 
ATOM 1655 C CG2 . ILE B 1 107 ? 7.855   0.270   28.298  1.00 16.76  ? 107 ILE B CG2 1 
ATOM 1656 C CD1 . ILE B 1 107 ? 5.080   1.458   28.980  1.00 9.59   ? 107 ILE B CD1 1 
ATOM 1657 N N   . ASN B 1 108 ? 8.642   -3.211  27.622  1.00 22.17  ? 108 ASN B N   1 
ATOM 1658 C CA  . ASN B 1 108 ? 9.562   -4.255  28.040  1.00 20.96  ? 108 ASN B CA  1 
ATOM 1659 C C   . ASN B 1 108 ? 8.835   -5.530  28.501  1.00 26.59  ? 108 ASN B C   1 
ATOM 1660 O O   . ASN B 1 108 ? 8.212   -6.239  27.700  1.00 29.43  ? 108 ASN B O   1 
ATOM 1661 C CB  . ASN B 1 108 ? 10.518  -3.725  29.102  1.00 14.23  ? 108 ASN B CB  1 
ATOM 1662 C CG  . ASN B 1 108 ? 11.495  -2.696  28.543  1.00 15.61  ? 108 ASN B CG  1 
ATOM 1663 O OD1 . ASN B 1 108 ? 12.198  -2.958  27.563  1.00 14.43  ? 108 ASN B OD1 1 
ATOM 1664 N ND2 . ASN B 1 108 ? 11.529  -1.513  29.154  1.00 15.34  ? 108 ASN B ND2 1 
ATOM 1665 N N   . ASN B 1 109 ? 8.900   -5.825  29.788  1.00 23.40  ? 109 ASN B N   1 
ATOM 1666 C CA  . ASN B 1 109 ? 8.267   -7.032  30.271  1.00 20.77  ? 109 ASN B CA  1 
ATOM 1667 C C   . ASN B 1 109 ? 6.810   -6.829  30.707  1.00 21.97  ? 109 ASN B C   1 
ATOM 1668 O O   . ASN B 1 109 ? 6.112   -7.792  31.020  1.00 21.13  ? 109 ASN B O   1 
ATOM 1669 C CB  . ASN B 1 109 ? 9.094   -7.634  31.390  1.00 14.79  ? 109 ASN B CB  1 
ATOM 1670 C CG  . ASN B 1 109 ? 8.800   -9.095  31.575  1.00 30.16  ? 109 ASN B CG  1 
ATOM 1671 O OD1 . ASN B 1 109 ? 8.382   -9.782  30.639  1.00 27.03  ? 109 ASN B OD1 1 
ATOM 1672 N ND2 . ASN B 1 109 ? 9.001   -9.588  32.784  1.00 43.35  ? 109 ASN B ND2 1 
ATOM 1673 N N   . LYS B 1 110 ? 6.371   -5.570  30.695  1.00 19.06  ? 110 LYS B N   1 
ATOM 1674 C CA  . LYS B 1 110 ? 5.041   -5.139  31.134  1.00 16.92  ? 110 LYS B CA  1 
ATOM 1675 C C   . LYS B 1 110 ? 3.917   -5.441  30.137  1.00 25.75  ? 110 LYS B C   1 
ATOM 1676 O O   . LYS B 1 110 ? 4.119   -5.257  28.937  1.00 35.47  ? 110 LYS B O   1 
ATOM 1677 C CB  . LYS B 1 110 ? 5.089   -3.625  31.315  1.00 18.48  ? 110 LYS B CB  1 
ATOM 1678 C CG  . LYS B 1 110 ? 5.228   -3.149  32.744  1.00 23.94  ? 110 LYS B CG  1 
ATOM 1679 C CD  . LYS B 1 110 ? 3.882   -3.156  33.460  1.00 28.20  ? 110 LYS B CD  1 
ATOM 1680 C CE  . LYS B 1 110 ? 3.895   -2.227  34.674  1.00 29.88  ? 110 LYS B CE  1 
ATOM 1681 N NZ  . LYS B 1 110 ? 5.054   -2.462  35.589  1.00 34.23  ? 110 LYS B NZ  1 
ATOM 1682 N N   . ARG B 1 111 ? 2.725   -5.829  30.609  1.00 16.48  ? 111 ARG B N   1 
ATOM 1683 C CA  . ARG B 1 111 ? 1.563   -5.916  29.718  1.00 14.41  ? 111 ARG B CA  1 
ATOM 1684 C C   . ARG B 1 111 ? 0.190   -5.672  30.392  1.00 14.96  ? 111 ARG B C   1 
ATOM 1685 O O   . ARG B 1 111 ? -0.653  -4.905  29.881  1.00 11.37  ? 111 ARG B O   1 
ATOM 1686 C CB  . ARG B 1 111 ? 1.609   -7.222  28.876  1.00 27.98  ? 111 ARG B CB  1 
ATOM 1687 C CG  . ARG B 1 111 ? 1.515   -8.572  29.588  1.00 61.21  ? 111 ARG B CG  1 
ATOM 1688 C CD  . ARG B 1 111 ? 0.106   -9.190  29.410  1.00 85.62  ? 111 ARG B CD  1 
ATOM 1689 N NE  . ARG B 1 111 ? -0.156  -10.337 30.288  1.00 119.83 ? 111 ARG B NE  1 
ATOM 1690 C CZ  . ARG B 1 111 ? -0.601  -10.237 31.549  1.00 133.87 ? 111 ARG B CZ  1 
ATOM 1691 N NH1 . ARG B 1 111 ? -0.824  -9.040  32.098  1.00 110.69 ? 111 ARG B NH1 1 
ATOM 1692 N NH2 . ARG B 1 111 ? -0.824  -11.335 32.271  1.00 135.89 ? 111 ARG B NH2 1 
# 
